data_4M7V
# 
_entry.id   4M7V 
# 
_audit_conform.dict_name       mmcif_pdbx.dic 
_audit_conform.dict_version    5.379 
_audit_conform.dict_location   http://mmcif.pdb.org/dictionaries/ascii/mmcif_pdbx.dic 
# 
loop_
_database_2.database_id 
_database_2.database_code 
_database_2.pdbx_database_accession 
_database_2.pdbx_DOI 
PDB   4M7V         pdb_00004m7v 10.2210/pdb4m7v/pdb 
RCSB  RCSB081576   ?            ?                   
WWPDB D_1000081576 ?            ?                   
# 
_pdbx_database_related.db_name        PDB 
_pdbx_database_related.db_id          4M7U 
_pdbx_database_related.details        'Dihydrofolate reductase from Enterococcus faecalis complexed with NADP(H)' 
_pdbx_database_related.content_type   unspecified 
# 
_pdbx_database_status.status_code                     REL 
_pdbx_database_status.entry_id                        4M7V 
_pdbx_database_status.recvd_initial_deposition_date   2013-08-12 
_pdbx_database_status.deposit_site                    RCSB 
_pdbx_database_status.process_site                    RCSB 
_pdbx_database_status.status_code_sf                  REL 
_pdbx_database_status.status_code_mr                  ? 
_pdbx_database_status.SG_entry                        ? 
_pdbx_database_status.status_code_cs                  ? 
_pdbx_database_status.methods_development_category    ? 
_pdbx_database_status.pdb_format_compatible           Y 
_pdbx_database_status.status_code_nmr_data            ? 
# 
_audit_author.name           'Bourne, C.R.' 
_audit_author.pdbx_ordinal   1 
# 
_citation.id                        primary 
_citation.title                     
;The Structure and Competitive Substrate Inhibition of Dihydrofolate Reductase from Enterococcus faecalis Reveal Restrictions to Cofactor Docking.
;
_citation.journal_abbrev            Biochemistry 
_citation.journal_volume            53 
_citation.page_first                1228 
_citation.page_last                 1238 
_citation.year                      2014 
_citation.journal_id_ASTM           BICHAW 
_citation.country                   US 
_citation.journal_id_ISSN           0006-2960 
_citation.journal_id_CSD            0033 
_citation.book_publisher            ? 
_citation.pdbx_database_id_PubMed   24495113 
_citation.pdbx_database_id_DOI      10.1021/bi401104t 
# 
loop_
_citation_author.citation_id 
_citation_author.name 
_citation_author.ordinal 
_citation_author.identifier_ORCID 
primary 'Bourne, C.R.'  1 ? 
primary 'Wakeham, N.'   2 ? 
primary 'Webb, N.'      3 ? 
primary 'Nammalwar, B.' 4 ? 
primary 'Bunce, R.A.'   5 ? 
primary 'Berlin, K.D.'  6 ? 
primary 'Barrow, W.W.'  7 ? 
# 
_cell.entry_id           4M7V 
_cell.length_a           63.254 
_cell.length_b           63.254 
_cell.length_c           97.148 
_cell.angle_alpha        90.00 
_cell.angle_beta         90.00 
_cell.angle_gamma        90.00 
_cell.Z_PDB              8 
_cell.pdbx_unique_axis   ? 
_cell.length_a_esd       ? 
_cell.length_b_esd       ? 
_cell.length_c_esd       ? 
_cell.angle_alpha_esd    ? 
_cell.angle_beta_esd     ? 
_cell.angle_gamma_esd    ? 
# 
_symmetry.entry_id                         4M7V 
_symmetry.space_group_name_H-M             'P 41 21 2' 
_symmetry.pdbx_full_space_group_name_H-M   ? 
_symmetry.cell_setting                     ? 
_symmetry.Int_Tables_number                92 
_symmetry.space_group_name_Hall            ? 
# 
loop_
_entity.id 
_entity.type 
_entity.src_method 
_entity.pdbx_description 
_entity.formula_weight 
_entity.pdbx_number_of_molecules 
_entity.pdbx_ec 
_entity.pdbx_mutation 
_entity.pdbx_fragment 
_entity.details 
1 polymer     man 'Dihydrofolate reductase' 19916.615 1  1.5.1.3 ? ? ? 
2 non-polymer syn 
'5-(3,4-dimethoxy-5-{(1E)-3-oxo-3-[(1S)-1-propylphthalazin-2(1H)-yl]prop-1-en-1-yl}benzyl)pyrimidine-2,4-diamine' 486.566   1  ? ? 
? ? 
3 non-polymer syn 'NADP NICOTINAMIDE-ADENINE-DINUCLEOTIDE PHOSPHATE' 743.405   1  ?       ? ? ? 
4 water       nat water 18.015    63 ?       ? ? ? 
# 
_entity_poly.entity_id                      1 
_entity_poly.type                           'polypeptide(L)' 
_entity_poly.nstd_linkage                   no 
_entity_poly.nstd_monomer                   no 
_entity_poly.pdbx_seq_one_letter_code       
;MENLYFQGMLAAIWAQDEQGVIGKEGKLPWHLPNDLKFFKEKTIHNTLVLGRATFEGMGCRPLPNRTTIVLTSNPDYQAE
GVLVMHSVEEILAYADKYEGVTVIGGGSVVFKELIPACDVLYRTMIHETFEGDTFFPEIDWSVWEKVATVPGVVDEKNLY
AHDYETYHRNDLVPR
;
_entity_poly.pdbx_seq_one_letter_code_can   
;MENLYFQGMLAAIWAQDEQGVIGKEGKLPWHLPNDLKFFKEKTIHNTLVLGRATFEGMGCRPLPNRTTIVLTSNPDYQAE
GVLVMHSVEEILAYADKYEGVTVIGGGSVVFKELIPACDVLYRTMIHETFEGDTFFPEIDWSVWEKVATVPGVVDEKNLY
AHDYETYHRNDLVPR
;
_entity_poly.pdbx_strand_id                 A 
_entity_poly.pdbx_target_identifier         ? 
# 
loop_
_entity_poly_seq.entity_id 
_entity_poly_seq.num 
_entity_poly_seq.mon_id 
_entity_poly_seq.hetero 
1 1   MET n 
1 2   GLU n 
1 3   ASN n 
1 4   LEU n 
1 5   TYR n 
1 6   PHE n 
1 7   GLN n 
1 8   GLY n 
1 9   MET n 
1 10  LEU n 
1 11  ALA n 
1 12  ALA n 
1 13  ILE n 
1 14  TRP n 
1 15  ALA n 
1 16  GLN n 
1 17  ASP n 
1 18  GLU n 
1 19  GLN n 
1 20  GLY n 
1 21  VAL n 
1 22  ILE n 
1 23  GLY n 
1 24  LYS n 
1 25  GLU n 
1 26  GLY n 
1 27  LYS n 
1 28  LEU n 
1 29  PRO n 
1 30  TRP n 
1 31  HIS n 
1 32  LEU n 
1 33  PRO n 
1 34  ASN n 
1 35  ASP n 
1 36  LEU n 
1 37  LYS n 
1 38  PHE n 
1 39  PHE n 
1 40  LYS n 
1 41  GLU n 
1 42  LYS n 
1 43  THR n 
1 44  ILE n 
1 45  HIS n 
1 46  ASN n 
1 47  THR n 
1 48  LEU n 
1 49  VAL n 
1 50  LEU n 
1 51  GLY n 
1 52  ARG n 
1 53  ALA n 
1 54  THR n 
1 55  PHE n 
1 56  GLU n 
1 57  GLY n 
1 58  MET n 
1 59  GLY n 
1 60  CYS n 
1 61  ARG n 
1 62  PRO n 
1 63  LEU n 
1 64  PRO n 
1 65  ASN n 
1 66  ARG n 
1 67  THR n 
1 68  THR n 
1 69  ILE n 
1 70  VAL n 
1 71  LEU n 
1 72  THR n 
1 73  SER n 
1 74  ASN n 
1 75  PRO n 
1 76  ASP n 
1 77  TYR n 
1 78  GLN n 
1 79  ALA n 
1 80  GLU n 
1 81  GLY n 
1 82  VAL n 
1 83  LEU n 
1 84  VAL n 
1 85  MET n 
1 86  HIS n 
1 87  SER n 
1 88  VAL n 
1 89  GLU n 
1 90  GLU n 
1 91  ILE n 
1 92  LEU n 
1 93  ALA n 
1 94  TYR n 
1 95  ALA n 
1 96  ASP n 
1 97  LYS n 
1 98  TYR n 
1 99  GLU n 
1 100 GLY n 
1 101 VAL n 
1 102 THR n 
1 103 VAL n 
1 104 ILE n 
1 105 GLY n 
1 106 GLY n 
1 107 GLY n 
1 108 SER n 
1 109 VAL n 
1 110 VAL n 
1 111 PHE n 
1 112 LYS n 
1 113 GLU n 
1 114 LEU n 
1 115 ILE n 
1 116 PRO n 
1 117 ALA n 
1 118 CYS n 
1 119 ASP n 
1 120 VAL n 
1 121 LEU n 
1 122 TYR n 
1 123 ARG n 
1 124 THR n 
1 125 MET n 
1 126 ILE n 
1 127 HIS n 
1 128 GLU n 
1 129 THR n 
1 130 PHE n 
1 131 GLU n 
1 132 GLY n 
1 133 ASP n 
1 134 THR n 
1 135 PHE n 
1 136 PHE n 
1 137 PRO n 
1 138 GLU n 
1 139 ILE n 
1 140 ASP n 
1 141 TRP n 
1 142 SER n 
1 143 VAL n 
1 144 TRP n 
1 145 GLU n 
1 146 LYS n 
1 147 VAL n 
1 148 ALA n 
1 149 THR n 
1 150 VAL n 
1 151 PRO n 
1 152 GLY n 
1 153 VAL n 
1 154 VAL n 
1 155 ASP n 
1 156 GLU n 
1 157 LYS n 
1 158 ASN n 
1 159 LEU n 
1 160 TYR n 
1 161 ALA n 
1 162 HIS n 
1 163 ASP n 
1 164 TYR n 
1 165 GLU n 
1 166 THR n 
1 167 TYR n 
1 168 HIS n 
1 169 ARG n 
1 170 ASN n 
1 171 ASP n 
1 172 LEU n 
1 173 VAL n 
1 174 PRO n 
1 175 ARG n 
# 
_entity_src_gen.entity_id                          1 
_entity_src_gen.pdbx_src_id                        1 
_entity_src_gen.pdbx_alt_source_flag               sample 
_entity_src_gen.pdbx_seq_type                      ? 
_entity_src_gen.pdbx_beg_seq_num                   ? 
_entity_src_gen.pdbx_end_seq_num                   ? 
_entity_src_gen.gene_src_common_name               ? 
_entity_src_gen.gene_src_genus                     ? 
_entity_src_gen.pdbx_gene_src_gene                 'dihydrofolate reductase, EF_1577, folA' 
_entity_src_gen.gene_src_species                   ? 
_entity_src_gen.gene_src_strain                    700802 
_entity_src_gen.gene_src_tissue                    ? 
_entity_src_gen.gene_src_tissue_fraction           ? 
_entity_src_gen.gene_src_details                   'C-terminal Strep tag with cleaved thrombin site; uncleaved N-terminal TEV site' 
_entity_src_gen.pdbx_gene_src_fragment             ? 
_entity_src_gen.pdbx_gene_src_scientific_name      'Enterococcus faecalis' 
_entity_src_gen.pdbx_gene_src_ncbi_taxonomy_id     226185 
_entity_src_gen.pdbx_gene_src_variant              ? 
_entity_src_gen.pdbx_gene_src_cell_line            ? 
_entity_src_gen.pdbx_gene_src_atcc                 ? 
_entity_src_gen.pdbx_gene_src_organ                ? 
_entity_src_gen.pdbx_gene_src_organelle            ? 
_entity_src_gen.pdbx_gene_src_cell                 ? 
_entity_src_gen.pdbx_gene_src_cellular_location    ? 
_entity_src_gen.host_org_common_name               ? 
_entity_src_gen.pdbx_host_org_scientific_name      'Escherichia coli' 
_entity_src_gen.pdbx_host_org_ncbi_taxonomy_id     562 
_entity_src_gen.host_org_genus                     ? 
_entity_src_gen.pdbx_host_org_gene                 ? 
_entity_src_gen.pdbx_host_org_organ                ? 
_entity_src_gen.host_org_species                   ? 
_entity_src_gen.pdbx_host_org_tissue               ? 
_entity_src_gen.pdbx_host_org_tissue_fraction      ? 
_entity_src_gen.pdbx_host_org_strain               'BL21(DE3)pLysS' 
_entity_src_gen.pdbx_host_org_variant              ? 
_entity_src_gen.pdbx_host_org_cell_line            ? 
_entity_src_gen.pdbx_host_org_atcc                 ? 
_entity_src_gen.pdbx_host_org_culture_collection   ? 
_entity_src_gen.pdbx_host_org_cell                 ? 
_entity_src_gen.pdbx_host_org_organelle            ? 
_entity_src_gen.pdbx_host_org_cellular_location    ? 
_entity_src_gen.pdbx_host_org_vector_type          plasmid 
_entity_src_gen.pdbx_host_org_vector               ? 
_entity_src_gen.host_org_details                   ? 
_entity_src_gen.expression_system_id               ? 
_entity_src_gen.plasmid_name                       pPSG-IBA3 
_entity_src_gen.plasmid_details                    ? 
_entity_src_gen.pdbx_description                   ? 
# 
_struct_ref.id                         1 
_struct_ref.db_name                    UNP 
_struct_ref.db_code                    Q834R2_ENTFA 
_struct_ref.pdbx_db_accession          Q834R2 
_struct_ref.entity_id                  1 
_struct_ref.pdbx_seq_one_letter_code   
;MLAAIWAQDEQGVIGKEGKLPWHLPNDLKFFKEKTIHNTLVLGRATFEGMGCRPLPNRTTIVLTSNPDYQAEGVLVMHSV
EEILAYADKYEGVTVIGGGSVVFKELIPACDVLYRTMIHETFEGDTFFPEIDWSVWEKVATVPGVVDEKNLYAHDYETYH
RND
;
_struct_ref.pdbx_align_begin           1 
_struct_ref.pdbx_db_isoform            ? 
# 
_struct_ref_seq.align_id                      1 
_struct_ref_seq.ref_id                        1 
_struct_ref_seq.pdbx_PDB_id_code              4M7V 
_struct_ref_seq.pdbx_strand_id                A 
_struct_ref_seq.seq_align_beg                 9 
_struct_ref_seq.pdbx_seq_align_beg_ins_code   ? 
_struct_ref_seq.seq_align_end                 171 
_struct_ref_seq.pdbx_seq_align_end_ins_code   ? 
_struct_ref_seq.pdbx_db_accession             Q834R2 
_struct_ref_seq.db_align_beg                  1 
_struct_ref_seq.pdbx_db_align_beg_ins_code    ? 
_struct_ref_seq.db_align_end                  163 
_struct_ref_seq.pdbx_db_align_end_ins_code    ? 
_struct_ref_seq.pdbx_auth_seq_align_beg       1 
_struct_ref_seq.pdbx_auth_seq_align_end       163 
# 
loop_
_struct_ref_seq_dif.align_id 
_struct_ref_seq_dif.pdbx_pdb_id_code 
_struct_ref_seq_dif.mon_id 
_struct_ref_seq_dif.pdbx_pdb_strand_id 
_struct_ref_seq_dif.seq_num 
_struct_ref_seq_dif.pdbx_pdb_ins_code 
_struct_ref_seq_dif.pdbx_seq_db_name 
_struct_ref_seq_dif.pdbx_seq_db_accession_code 
_struct_ref_seq_dif.db_mon_id 
_struct_ref_seq_dif.pdbx_seq_db_seq_num 
_struct_ref_seq_dif.details 
_struct_ref_seq_dif.pdbx_auth_seq_num 
_struct_ref_seq_dif.pdbx_ordinal 
1 4M7V MET A 1   ? UNP Q834R2 ? ? 'expression tag' -7  1  
1 4M7V GLU A 2   ? UNP Q834R2 ? ? 'expression tag' -6  2  
1 4M7V ASN A 3   ? UNP Q834R2 ? ? 'expression tag' -5  3  
1 4M7V LEU A 4   ? UNP Q834R2 ? ? 'expression tag' -4  4  
1 4M7V TYR A 5   ? UNP Q834R2 ? ? 'expression tag' -3  5  
1 4M7V PHE A 6   ? UNP Q834R2 ? ? 'expression tag' -2  6  
1 4M7V GLN A 7   ? UNP Q834R2 ? ? 'expression tag' -1  7  
1 4M7V GLY A 8   ? UNP Q834R2 ? ? 'expression tag' 0   8  
1 4M7V LEU A 172 ? UNP Q834R2 ? ? 'expression tag' 164 9  
1 4M7V VAL A 173 ? UNP Q834R2 ? ? 'expression tag' 165 10 
1 4M7V PRO A 174 ? UNP Q834R2 ? ? 'expression tag' 166 11 
1 4M7V ARG A 175 ? UNP Q834R2 ? ? 'expression tag' 167 12 
# 
loop_
_chem_comp.id 
_chem_comp.type 
_chem_comp.mon_nstd_flag 
_chem_comp.name 
_chem_comp.pdbx_synonyms 
_chem_comp.formula 
_chem_comp.formula_weight 
ALA 'L-peptide linking' y ALANINE ? 'C3 H7 N O2'        89.093  
ARG 'L-peptide linking' y ARGININE ? 'C6 H15 N4 O2 1'    175.209 
ASN 'L-peptide linking' y ASPARAGINE ? 'C4 H8 N2 O3'       132.118 
ASP 'L-peptide linking' y 'ASPARTIC ACID' ? 'C4 H7 N O4'        133.103 
CYS 'L-peptide linking' y CYSTEINE ? 'C3 H7 N O2 S'      121.158 
GLN 'L-peptide linking' y GLUTAMINE ? 'C5 H10 N2 O3'      146.144 
GLU 'L-peptide linking' y 'GLUTAMIC ACID' ? 'C5 H9 N O4'        147.129 
GLY 'peptide linking'   y GLYCINE ? 'C2 H5 N O2'        75.067  
HIS 'L-peptide linking' y HISTIDINE ? 'C6 H10 N3 O2 1'    156.162 
HOH non-polymer         . WATER ? 'H2 O'              18.015  
ILE 'L-peptide linking' y ISOLEUCINE ? 'C6 H13 N O2'       131.173 
LEU 'L-peptide linking' y LEUCINE ? 'C6 H13 N O2'       131.173 
LYS 'L-peptide linking' y LYSINE ? 'C6 H15 N2 O2 1'    147.195 
MET 'L-peptide linking' y METHIONINE ? 'C5 H11 N O2 S'     149.211 
NAP non-polymer         . 'NADP NICOTINAMIDE-ADENINE-DINUCLEOTIDE PHOSPHATE' 
;2'-MONOPHOSPHOADENOSINE 5'-DIPHOSPHORIBOSE
;
'C21 H28 N7 O17 P3' 743.405 
PHE 'L-peptide linking' y PHENYLALANINE ? 'C9 H11 N O2'       165.189 
PRO 'L-peptide linking' y PROLINE ? 'C5 H9 N O2'        115.130 
RAR non-polymer         . 
'5-(3,4-dimethoxy-5-{(1E)-3-oxo-3-[(1S)-1-propylphthalazin-2(1H)-yl]prop-1-en-1-yl}benzyl)pyrimidine-2,4-diamine' 
'(S)-3-(5-((2,4-diaminopyrimidin-5-yl)methyl)-2,3-dimethoxyphenyl)-1-(1-propylphthalazin-2(1H)-yl)prop-2-en-1-one' 'C27 H30 N6 O3' 
486.566 
SER 'L-peptide linking' y SERINE ? 'C3 H7 N O3'        105.093 
THR 'L-peptide linking' y THREONINE ? 'C4 H9 N O3'        119.119 
TRP 'L-peptide linking' y TRYPTOPHAN ? 'C11 H12 N2 O2'     204.225 
TYR 'L-peptide linking' y TYROSINE ? 'C9 H11 N O3'       181.189 
VAL 'L-peptide linking' y VALINE ? 'C5 H11 N O2'       117.146 
# 
_exptl.entry_id          4M7V 
_exptl.method            'X-RAY DIFFRACTION' 
_exptl.crystals_number   ? 
# 
_exptl_crystal.id                    1 
_exptl_crystal.density_meas          ? 
_exptl_crystal.density_Matthews      2.57 
_exptl_crystal.density_percent_sol   52.05 
_exptl_crystal.description           ? 
_exptl_crystal.F_000                 ? 
_exptl_crystal.preparation           ? 
# 
_exptl_crystal_grow.crystal_id      1 
_exptl_crystal_grow.method          'VAPOR DIFFUSION, SITTING DROP' 
_exptl_crystal_grow.temp            277 
_exptl_crystal_grow.temp_details    ? 
_exptl_crystal_grow.pH              7 
_exptl_crystal_grow.pdbx_pH_range   ? 
_exptl_crystal_grow.pdbx_details    '1.1 M ammonium tartrate dibasic pH 7 , VAPOR DIFFUSION, SITTING DROP, temperature 277K' 
# 
_diffrn.id                     1 
_diffrn.ambient_temp           100 
_diffrn.ambient_temp_details   ? 
_diffrn.crystal_id             1 
# 
_diffrn_detector.diffrn_id              1 
_diffrn_detector.detector               'IMAGE PLATE' 
_diffrn_detector.type                   'RIGAKU RAXIS IV++' 
_diffrn_detector.pdbx_collection_date   2012-03-03 
_diffrn_detector.details                ? 
# 
_diffrn_radiation.diffrn_id                        1 
_diffrn_radiation.wavelength_id                    1 
_diffrn_radiation.pdbx_monochromatic_or_laue_m_l   M 
_diffrn_radiation.monochromator                    ? 
_diffrn_radiation.pdbx_diffrn_protocol             'SINGLE WAVELENGTH' 
_diffrn_radiation.pdbx_scattering_type             x-ray 
# 
_diffrn_radiation_wavelength.id           1 
_diffrn_radiation_wavelength.wavelength   1.54 
_diffrn_radiation_wavelength.wt           1.0 
# 
_diffrn_source.diffrn_id                   1 
_diffrn_source.source                      'ROTATING ANODE' 
_diffrn_source.type                        'RIGAKU RUH3R' 
_diffrn_source.pdbx_synchrotron_site       ? 
_diffrn_source.pdbx_synchrotron_beamline   ? 
_diffrn_source.pdbx_wavelength             ? 
_diffrn_source.pdbx_wavelength_list        1.54 
# 
_reflns.pdbx_diffrn_id               1 
_reflns.pdbx_ordinal                 1 
_reflns.entry_id                     4M7V 
_reflns.observed_criterion_sigma_I   ? 
_reflns.observed_criterion_sigma_F   0 
_reflns.d_resolution_low             40.63 
_reflns.d_resolution_high            2.3 
_reflns.number_obs                   9220 
_reflns.number_all                   9274 
_reflns.percent_possible_obs         99.4 
_reflns.pdbx_Rmerge_I_obs            ? 
_reflns.pdbx_Rsym_value              0.041 
_reflns.pdbx_netI_over_sigmaI        17.4 
_reflns.B_iso_Wilson_estimate        35.7 
_reflns.pdbx_redundancy              4.2 
_reflns.R_free_details               ? 
_reflns.limit_h_max                  ? 
_reflns.limit_h_min                  ? 
_reflns.limit_k_max                  ? 
_reflns.limit_k_min                  ? 
_reflns.limit_l_max                  ? 
_reflns.limit_l_min                  ? 
_reflns.observed_criterion_F_max     ? 
_reflns.observed_criterion_F_min     ? 
_reflns.pdbx_chi_squared             ? 
_reflns.pdbx_scaling_rejects         ? 
# 
_refine.pdbx_refine_id                           'X-RAY DIFFRACTION' 
_refine.entry_id                                 4M7V 
_refine.pdbx_diffrn_id                           1 
_refine.pdbx_TLS_residual_ADP_flag               ? 
_refine.ls_number_reflns_obs                     9099 
_refine.ls_number_reflns_all                     ? 
_refine.pdbx_ls_sigma_I                          ? 
_refine.pdbx_ls_sigma_F                          0.00 
_refine.pdbx_data_cutoff_high_absF               ? 
_refine.pdbx_data_cutoff_low_absF                ? 
_refine.pdbx_data_cutoff_high_rms_absF           ? 
_refine.ls_d_res_low                             40.628 
_refine.ls_d_res_high                            2.300 
_refine.ls_percent_reflns_obs                    98.13 
_refine.ls_R_factor_obs                          0.2107 
_refine.ls_R_factor_all                          ? 
_refine.ls_R_factor_R_work                       0.2078 
_refine.ls_R_factor_R_free                       0.2662 
_refine.ls_R_factor_R_free_error                 ? 
_refine.ls_R_factor_R_free_error_details         ? 
_refine.ls_percent_reflns_R_free                 4.97 
_refine.ls_number_reflns_R_free                  452 
_refine.ls_number_parameters                     ? 
_refine.ls_number_restraints                     ? 
_refine.occupancy_min                            ? 
_refine.occupancy_max                            ? 
_refine.correlation_coeff_Fo_to_Fc               ? 
_refine.correlation_coeff_Fo_to_Fc_free          ? 
_refine.B_iso_mean                               ? 
_refine.aniso_B[1][1]                            ? 
_refine.aniso_B[2][2]                            ? 
_refine.aniso_B[3][3]                            ? 
_refine.aniso_B[1][2]                            ? 
_refine.aniso_B[1][3]                            ? 
_refine.aniso_B[2][3]                            ? 
_refine.solvent_model_details                    'FLAT BULK SOLVENT MODEL' 
_refine.solvent_model_param_ksol                 ? 
_refine.solvent_model_param_bsol                 ? 
_refine.pdbx_solvent_vdw_probe_radii             1.20 
_refine.pdbx_solvent_ion_probe_radii             ? 
_refine.pdbx_solvent_shrinkage_radii             1.00 
_refine.pdbx_ls_cross_valid_method               ? 
_refine.details                                  ? 
_refine.pdbx_starting_model                      'SWISS-MODEL homology model based on 1ZDR' 
_refine.pdbx_method_to_determine_struct          'MOLECULAR REPLACEMENT' 
_refine.pdbx_isotropic_thermal_model             ? 
_refine.pdbx_stereochemistry_target_values       ML 
_refine.pdbx_stereochem_target_val_spec_case     ? 
_refine.pdbx_R_Free_selection_details            ? 
_refine.pdbx_overall_ESU_R                       ? 
_refine.pdbx_overall_ESU_R_Free                  ? 
_refine.overall_SU_ML                            0.32 
_refine.pdbx_overall_phase_error                 28.10 
_refine.overall_SU_B                             ? 
_refine.overall_SU_R_Cruickshank_DPI             ? 
_refine.pdbx_overall_SU_R_free_Cruickshank_DPI   ? 
_refine.pdbx_overall_SU_R_Blow_DPI               ? 
_refine.pdbx_overall_SU_R_free_Blow_DPI          ? 
_refine.ls_redundancy_reflns_obs                 ? 
_refine.B_iso_min                                ? 
_refine.B_iso_max                                ? 
_refine.overall_SU_R_free                        ? 
_refine.ls_wR_factor_R_free                      ? 
_refine.ls_wR_factor_R_work                      ? 
_refine.overall_FOM_free_R_set                   ? 
_refine.overall_FOM_work_R_set                   ? 
# 
_refine_hist.pdbx_refine_id                   'X-RAY DIFFRACTION' 
_refine_hist.cycle_id                         LAST 
_refine_hist.pdbx_number_atoms_protein        1334 
_refine_hist.pdbx_number_atoms_nucleic_acid   0 
_refine_hist.pdbx_number_atoms_ligand         84 
_refine_hist.number_atoms_solvent             63 
_refine_hist.number_atoms_total               1481 
_refine_hist.d_res_high                       2.300 
_refine_hist.d_res_low                        40.628 
# 
loop_
_refine_ls_restr.type 
_refine_ls_restr.dev_ideal 
_refine_ls_restr.dev_ideal_target 
_refine_ls_restr.weight 
_refine_ls_restr.number 
_refine_ls_restr.pdbx_refine_id 
_refine_ls_restr.pdbx_restraint_function 
f_bond_d           0.009  ? ? 1552 'X-RAY DIFFRACTION' ? 
f_angle_d          1.262  ? ? 2134 'X-RAY DIFFRACTION' ? 
f_dihedral_angle_d 32.382 ? ? 666  'X-RAY DIFFRACTION' ? 
f_chiral_restr     0.080  ? ? 227  'X-RAY DIFFRACTION' ? 
f_plane_restr      0.012  ? ? 252  'X-RAY DIFFRACTION' ? 
# 
loop_
_refine_ls_shell.pdbx_refine_id 
_refine_ls_shell.pdbx_total_number_of_bins_used 
_refine_ls_shell.d_res_high 
_refine_ls_shell.d_res_low 
_refine_ls_shell.number_reflns_R_work 
_refine_ls_shell.R_factor_R_work 
_refine_ls_shell.percent_reflns_obs 
_refine_ls_shell.R_factor_R_free 
_refine_ls_shell.R_factor_R_free_error 
_refine_ls_shell.percent_reflns_R_free 
_refine_ls_shell.number_reflns_R_free 
_refine_ls_shell.number_reflns_all 
_refine_ls_shell.R_factor_all 
_refine_ls_shell.redundancy_reflns_obs 
_refine_ls_shell.number_reflns_obs 
'X-RAY DIFFRACTION' . 2.3000 2.6328  2822 0.2715 98.00 0.3611 . . 145 . . . . 
'X-RAY DIFFRACTION' . 2.6328 3.3168  2853 0.2355 99.00 0.3131 . . 151 . . . . 
'X-RAY DIFFRACTION' . 3.3168 40.6346 2972 0.1778 97.00 0.2188 . . 156 . . . . 
# 
_struct.entry_id                  4M7V 
_struct.title                     'Dihydrofolate reductase from Enterococcus faecalis complexed with NADP(H)and RAB-propyl' 
_struct.pdbx_model_details        ? 
_struct.pdbx_CASP_flag            ? 
_struct.pdbx_model_type_details   ? 
# 
_struct_keywords.entry_id        4M7V 
_struct_keywords.pdbx_keywords   OXIDOREDUCTASE 
_struct_keywords.text            'oxidoreductase, reduction of dihydrofolate to tetrahydrofolate' 
# 
loop_
_struct_asym.id 
_struct_asym.pdbx_blank_PDB_chainid_flag 
_struct_asym.pdbx_modified 
_struct_asym.entity_id 
_struct_asym.details 
A N N 1 ? 
B N N 2 ? 
C N N 3 ? 
D N N 4 ? 
# 
_struct_biol.id        1 
_struct_biol.details   ? 
# 
loop_
_struct_conf.conf_type_id 
_struct_conf.id 
_struct_conf.pdbx_PDB_helix_id 
_struct_conf.beg_label_comp_id 
_struct_conf.beg_label_asym_id 
_struct_conf.beg_label_seq_id 
_struct_conf.pdbx_beg_PDB_ins_code 
_struct_conf.end_label_comp_id 
_struct_conf.end_label_asym_id 
_struct_conf.end_label_seq_id 
_struct_conf.pdbx_end_PDB_ins_code 
_struct_conf.beg_auth_comp_id 
_struct_conf.beg_auth_asym_id 
_struct_conf.beg_auth_seq_id 
_struct_conf.end_auth_comp_id 
_struct_conf.end_auth_asym_id 
_struct_conf.end_auth_seq_id 
_struct_conf.pdbx_PDB_helix_class 
_struct_conf.details 
_struct_conf.pdbx_PDB_helix_length 
HELX_P HELX_P1 1 LEU A 32  ? ILE A 44  ? LEU A 24  ILE A 36  1 ? 13 
HELX_P HELX_P2 2 ARG A 52  ? MET A 58  ? ARG A 44  MET A 50  1 ? 7  
HELX_P HELX_P3 3 SER A 87  ? TYR A 98  ? SER A 79  TYR A 90  1 ? 12 
HELX_P HELX_P4 4 GLY A 107 ? ILE A 115 ? GLY A 99  ILE A 107 1 ? 9  
HELX_P HELX_P5 5 PRO A 116 ? CYS A 118 ? PRO A 108 CYS A 110 5 ? 3  
HELX_P HELX_P6 6 ASP A 140 ? SER A 142 ? ASP A 132 SER A 134 5 ? 3  
# 
_struct_conf_type.id          HELX_P 
_struct_conf_type.criteria    ? 
_struct_conf_type.reference   ? 
# 
_struct_mon_prot_cis.pdbx_id                1 
_struct_mon_prot_cis.label_comp_id          GLY 
_struct_mon_prot_cis.label_seq_id           106 
_struct_mon_prot_cis.label_asym_id          A 
_struct_mon_prot_cis.label_alt_id           . 
_struct_mon_prot_cis.pdbx_PDB_ins_code      ? 
_struct_mon_prot_cis.auth_comp_id           GLY 
_struct_mon_prot_cis.auth_seq_id            98 
_struct_mon_prot_cis.auth_asym_id           A 
_struct_mon_prot_cis.pdbx_label_comp_id_2   GLY 
_struct_mon_prot_cis.pdbx_label_seq_id_2    107 
_struct_mon_prot_cis.pdbx_label_asym_id_2   A 
_struct_mon_prot_cis.pdbx_PDB_ins_code_2    ? 
_struct_mon_prot_cis.pdbx_auth_comp_id_2    GLY 
_struct_mon_prot_cis.pdbx_auth_seq_id_2     99 
_struct_mon_prot_cis.pdbx_auth_asym_id_2    A 
_struct_mon_prot_cis.pdbx_PDB_model_num     1 
_struct_mon_prot_cis.pdbx_omega_angle       0.62 
# 
loop_
_struct_sheet.id 
_struct_sheet.type 
_struct_sheet.number_strands 
_struct_sheet.details 
A ? 8 ? 
B ? 2 ? 
# 
loop_
_struct_sheet_order.sheet_id 
_struct_sheet_order.range_id_1 
_struct_sheet_order.range_id_2 
_struct_sheet_order.offset 
_struct_sheet_order.sense 
A 1 2 ? parallel      
A 2 3 ? parallel      
A 3 4 ? parallel      
A 4 5 ? parallel      
A 5 6 ? parallel      
A 6 7 ? anti-parallel 
A 7 8 ? anti-parallel 
B 1 2 ? anti-parallel 
# 
loop_
_struct_sheet_range.sheet_id 
_struct_sheet_range.id 
_struct_sheet_range.beg_label_comp_id 
_struct_sheet_range.beg_label_asym_id 
_struct_sheet_range.beg_label_seq_id 
_struct_sheet_range.pdbx_beg_PDB_ins_code 
_struct_sheet_range.end_label_comp_id 
_struct_sheet_range.end_label_asym_id 
_struct_sheet_range.end_label_seq_id 
_struct_sheet_range.pdbx_end_PDB_ins_code 
_struct_sheet_range.beg_auth_comp_id 
_struct_sheet_range.beg_auth_asym_id 
_struct_sheet_range.beg_auth_seq_id 
_struct_sheet_range.end_auth_comp_id 
_struct_sheet_range.end_auth_asym_id 
_struct_sheet_range.end_auth_seq_id 
A 1 LEU A 83  ? MET A 85  ? LEU A 75  MET A 77  
A 2 THR A 67  ? LEU A 71  ? THR A 59  LEU A 63  
A 3 THR A 47  ? GLY A 51  ? THR A 39  GLY A 43  
A 4 THR A 102 ? GLY A 106 ? THR A 94  GLY A 98  
A 5 LEU A 10  ? GLN A 16  ? LEU A 2   GLN A 8   
A 6 VAL A 120 ? ILE A 126 ? VAL A 112 ILE A 118 
A 7 HIS A 162 ? ARG A 169 ? HIS A 154 ARG A 161 
A 8 TRP A 144 ? PRO A 151 ? TRP A 136 PRO A 143 
B 1 VAL A 21  ? GLY A 23  ? VAL A 13  GLY A 15  
B 2 THR A 134 ? PHE A 135 ? THR A 126 PHE A 127 
# 
loop_
_pdbx_struct_sheet_hbond.sheet_id 
_pdbx_struct_sheet_hbond.range_id_1 
_pdbx_struct_sheet_hbond.range_id_2 
_pdbx_struct_sheet_hbond.range_1_label_atom_id 
_pdbx_struct_sheet_hbond.range_1_label_comp_id 
_pdbx_struct_sheet_hbond.range_1_label_asym_id 
_pdbx_struct_sheet_hbond.range_1_label_seq_id 
_pdbx_struct_sheet_hbond.range_1_PDB_ins_code 
_pdbx_struct_sheet_hbond.range_1_auth_atom_id 
_pdbx_struct_sheet_hbond.range_1_auth_comp_id 
_pdbx_struct_sheet_hbond.range_1_auth_asym_id 
_pdbx_struct_sheet_hbond.range_1_auth_seq_id 
_pdbx_struct_sheet_hbond.range_2_label_atom_id 
_pdbx_struct_sheet_hbond.range_2_label_comp_id 
_pdbx_struct_sheet_hbond.range_2_label_asym_id 
_pdbx_struct_sheet_hbond.range_2_label_seq_id 
_pdbx_struct_sheet_hbond.range_2_PDB_ins_code 
_pdbx_struct_sheet_hbond.range_2_auth_atom_id 
_pdbx_struct_sheet_hbond.range_2_auth_comp_id 
_pdbx_struct_sheet_hbond.range_2_auth_asym_id 
_pdbx_struct_sheet_hbond.range_2_auth_seq_id 
A 1 2 O MET A 85  ? O MET A 77  N VAL A 70  ? N VAL A 62  
A 2 3 O THR A 67  ? O THR A 59  N LEU A 48  ? N LEU A 40  
A 3 4 N THR A 47  ? N THR A 39  O VAL A 103 ? O VAL A 95  
A 4 5 O ILE A 104 ? O ILE A 96  N ALA A 11  ? N ALA A 3   
A 5 6 N ALA A 12  ? N ALA A 4   O TYR A 122 ? O TYR A 114 
A 6 7 N ARG A 123 ? N ARG A 115 O GLU A 165 ? O GLU A 157 
A 7 8 O THR A 166 ? O THR A 158 N VAL A 147 ? N VAL A 139 
B 1 2 N ILE A 22  ? N ILE A 14  O THR A 134 ? O THR A 126 
# 
loop_
_struct_site.id 
_struct_site.pdbx_evidence_code 
_struct_site.pdbx_auth_asym_id 
_struct_site.pdbx_auth_comp_id 
_struct_site.pdbx_auth_seq_id 
_struct_site.pdbx_auth_ins_code 
_struct_site.pdbx_num_residues 
_struct_site.details 
AC1 Software A RAR 200 ? 16 'BINDING SITE FOR RESIDUE RAR A 200' 
AC2 Software A NAP 201 ? 35 'BINDING SITE FOR RESIDUE NAP A 201' 
# 
loop_
_struct_site_gen.id 
_struct_site_gen.site_id 
_struct_site_gen.pdbx_num_res 
_struct_site_gen.label_comp_id 
_struct_site_gen.label_asym_id 
_struct_site_gen.label_seq_id 
_struct_site_gen.pdbx_auth_ins_code 
_struct_site_gen.auth_comp_id 
_struct_site_gen.auth_asym_id 
_struct_site_gen.auth_seq_id 
_struct_site_gen.label_atom_id 
_struct_site_gen.label_alt_id 
_struct_site_gen.symmetry 
_struct_site_gen.details 
1  AC1 16 ILE A 13  ? ILE A 5   . ? 1_555 ? 
2  AC1 16 TRP A 14  ? TRP A 6   . ? 1_555 ? 
3  AC1 16 ALA A 15  ? ALA A 7   . ? 1_555 ? 
4  AC1 16 GLY A 26  ? GLY A 18  . ? 1_555 ? 
5  AC1 16 LEU A 28  ? LEU A 20  . ? 1_555 ? 
6  AC1 16 ASP A 35  ? ASP A 27  . ? 1_555 ? 
7  AC1 16 LEU A 36  ? LEU A 28  . ? 1_555 ? 
8  AC1 16 PHE A 39  ? PHE A 31  . ? 1_555 ? 
9  AC1 16 LYS A 40  ? LYS A 32  . ? 1_555 ? 
10 AC1 16 MET A 58  ? MET A 50  . ? 1_555 ? 
11 AC1 16 LEU A 63  ? LEU A 55  . ? 1_555 ? 
12 AC1 16 ARG A 66  ? ARG A 58  . ? 1_555 ? 
13 AC1 16 GLY A 105 ? GLY A 97  . ? 1_555 ? 
14 AC1 16 THR A 124 ? THR A 116 . ? 1_555 ? 
15 AC1 16 NAP C .   ? NAP A 201 . ? 1_555 ? 
16 AC1 16 HOH D .   ? HOH A 317 . ? 1_555 ? 
17 AC2 35 TRP A 14  ? TRP A 6   . ? 1_555 ? 
18 AC2 35 ALA A 15  ? ALA A 7   . ? 1_555 ? 
19 AC2 35 ILE A 22  ? ILE A 14  . ? 1_555 ? 
20 AC2 35 GLY A 23  ? GLY A 15  . ? 1_555 ? 
21 AC2 35 GLU A 25  ? GLU A 17  . ? 1_555 ? 
22 AC2 35 GLY A 26  ? GLY A 18  . ? 1_555 ? 
23 AC2 35 LYS A 27  ? LYS A 19  . ? 1_555 ? 
24 AC2 35 LEU A 28  ? LEU A 20  . ? 1_555 ? 
25 AC2 35 GLY A 51  ? GLY A 43  . ? 1_555 ? 
26 AC2 35 ARG A 52  ? ARG A 44  . ? 1_555 ? 
27 AC2 35 ALA A 53  ? ALA A 45  . ? 1_555 ? 
28 AC2 35 THR A 54  ? THR A 46  . ? 1_555 ? 
29 AC2 35 ARG A 66  ? ARG A 58  . ? 5_545 ? 
30 AC2 35 THR A 67  ? THR A 59  . ? 5_545 ? 
31 AC2 35 LEU A 71  ? LEU A 63  . ? 1_555 ? 
32 AC2 35 THR A 72  ? THR A 64  . ? 1_555 ? 
33 AC2 35 SER A 73  ? SER A 65  . ? 1_555 ? 
34 AC2 35 HIS A 86  ? HIS A 78  . ? 1_555 ? 
35 AC2 35 SER A 87  ? SER A 79  . ? 1_555 ? 
36 AC2 35 VAL A 88  ? VAL A 80  . ? 1_555 ? 
37 AC2 35 GLY A 105 ? GLY A 97  . ? 1_555 ? 
38 AC2 35 GLY A 106 ? GLY A 98  . ? 1_555 ? 
39 AC2 35 GLY A 107 ? GLY A 99  . ? 1_555 ? 
40 AC2 35 SER A 108 ? SER A 100 . ? 1_555 ? 
41 AC2 35 VAL A 109 ? VAL A 101 . ? 1_555 ? 
42 AC2 35 VAL A 110 ? VAL A 102 . ? 1_555 ? 
43 AC2 35 PHE A 111 ? PHE A 103 . ? 1_555 ? 
44 AC2 35 GLU A 113 ? GLU A 105 . ? 1_555 ? 
45 AC2 35 ASP A 133 ? ASP A 125 . ? 1_555 ? 
46 AC2 35 THR A 134 ? THR A 126 . ? 1_555 ? 
47 AC2 35 RAR B .   ? RAR A 200 . ? 1_555 ? 
48 AC2 35 HOH D .   ? HOH A 311 . ? 1_555 ? 
49 AC2 35 HOH D .   ? HOH A 318 . ? 1_555 ? 
50 AC2 35 HOH D .   ? HOH A 329 . ? 5_545 ? 
51 AC2 35 HOH D .   ? HOH A 345 . ? 1_555 ? 
# 
_atom_sites.entry_id                    4M7V 
_atom_sites.fract_transf_matrix[1][1]   0.01509127 
_atom_sites.fract_transf_matrix[1][2]   -0.00268529 
_atom_sites.fract_transf_matrix[1][3]   -0.00386875 
_atom_sites.fract_transf_matrix[2][1]   -0.00463929 
_atom_sites.fract_transf_matrix[2][2]   -0.01070903 
_atom_sites.fract_transf_matrix[2][3]   -0.01066387 
_atom_sites.fract_transf_matrix[3][1]   -0.00052700 
_atom_sites.fract_transf_matrix[3][2]   0.00736777 
_atom_sites.fract_transf_matrix[3][3]   -0.00716970 
_atom_sites.fract_transf_vector[1]      0.287704 
_atom_sites.fract_transf_vector[2]      -0.275863 
_atom_sites.fract_transf_vector[3]      0.053540 
# 
loop_
_atom_type.symbol 
C 
N 
O 
P 
S 
# 
loop_
_atom_site.group_PDB 
_atom_site.id 
_atom_site.type_symbol 
_atom_site.label_atom_id 
_atom_site.label_alt_id 
_atom_site.label_comp_id 
_atom_site.label_asym_id 
_atom_site.label_entity_id 
_atom_site.label_seq_id 
_atom_site.pdbx_PDB_ins_code 
_atom_site.Cartn_x 
_atom_site.Cartn_y 
_atom_site.Cartn_z 
_atom_site.occupancy 
_atom_site.B_iso_or_equiv 
_atom_site.pdbx_formal_charge 
_atom_site.auth_seq_id 
_atom_site.auth_comp_id 
_atom_site.auth_asym_id 
_atom_site.auth_atom_id 
_atom_site.pdbx_PDB_model_num 
ATOM   1    N N   . LEU A 1 4   ? 1.626   -15.701 6.741   1.00 63.15 ? -4  LEU A N   1 
ATOM   2    C CA  . LEU A 1 4   ? 0.189   -15.483 6.881   1.00 62.83 ? -4  LEU A CA  1 
ATOM   3    C C   . LEU A 1 4   ? -0.408  -14.994 5.567   1.00 65.59 ? -4  LEU A C   1 
ATOM   4    O O   . LEU A 1 4   ? -0.119  -13.876 5.122   1.00 63.56 ? -4  LEU A O   1 
ATOM   5    C CB  . LEU A 1 4   ? -0.104  -14.482 8.002   1.00 57.79 ? -4  LEU A CB  1 
ATOM   6    C CG  . LEU A 1 4   ? -1.577  -14.300 8.398   1.00 57.85 ? -4  LEU A CG  1 
ATOM   7    C CD1 . LEU A 1 4   ? -2.220  -15.637 8.790   1.00 59.69 ? -4  LEU A CD1 1 
ATOM   8    C CD2 . LEU A 1 4   ? -1.734  -13.278 9.523   1.00 53.12 ? -4  LEU A CD2 1 
ATOM   9    N N   . TYR A 1 5   ? -1.243  -15.836 4.954   1.00 71.11 ? -3  TYR A N   1 
ATOM   10   C CA  . TYR A 1 5   ? -1.788  -15.562 3.624   1.00 70.25 ? -3  TYR A CA  1 
ATOM   11   C C   . TYR A 1 5   ? -3.133  -16.228 3.346   1.00 67.57 ? -3  TYR A C   1 
ATOM   12   O O   . TYR A 1 5   ? -3.269  -16.941 2.346   1.00 69.50 ? -3  TYR A O   1 
ATOM   13   C CB  . TYR A 1 5   ? -0.792  -16.004 2.544   1.00 71.09 ? -3  TYR A CB  1 
ATOM   14   N N   . PHE A 1 6   ? -4.135  -15.992 4.189   1.00 64.09 ? -2  PHE A N   1 
ATOM   15   C CA  . PHE A 1 6   ? -5.433  -16.621 3.937   1.00 64.24 ? -2  PHE A CA  1 
ATOM   16   C C   . PHE A 1 6   ? -6.276  -15.863 2.894   1.00 62.83 ? -2  PHE A C   1 
ATOM   17   O O   . PHE A 1 6   ? -6.093  -14.661 2.687   1.00 61.60 ? -2  PHE A O   1 
ATOM   18   C CB  . PHE A 1 6   ? -6.220  -16.797 5.244   1.00 58.99 ? -2  PHE A CB  1 
ATOM   19   C CG  . PHE A 1 6   ? -6.375  -15.542 6.073   1.00 58.71 ? -2  PHE A CG  1 
ATOM   20   C CD1 . PHE A 1 6   ? -7.595  -14.875 6.126   1.00 58.40 ? -2  PHE A CD1 1 
ATOM   21   C CD2 . PHE A 1 6   ? -5.331  -15.071 6.859   1.00 58.01 ? -2  PHE A CD2 1 
ATOM   22   C CE1 . PHE A 1 6   ? -7.757  -13.738 6.920   1.00 55.70 ? -2  PHE A CE1 1 
ATOM   23   C CE2 . PHE A 1 6   ? -5.491  -13.934 7.658   1.00 56.50 ? -2  PHE A CE2 1 
ATOM   24   C CZ  . PHE A 1 6   ? -6.704  -13.272 7.685   1.00 54.06 ? -2  PHE A CZ  1 
ATOM   25   N N   . GLN A 1 7   ? -7.172  -16.584 2.216   1.00 63.02 ? -1  GLN A N   1 
ATOM   26   C CA  . GLN A 1 7   ? -8.097  -15.970 1.256   1.00 60.63 ? -1  GLN A CA  1 
ATOM   27   C C   . GLN A 1 7   ? -9.196  -15.178 1.974   1.00 59.35 ? -1  GLN A C   1 
ATOM   28   O O   . GLN A 1 7   ? -9.892  -15.710 2.846   1.00 58.92 ? -1  GLN A O   1 
ATOM   29   C CB  . GLN A 1 7   ? -8.732  -17.033 0.344   1.00 67.22 ? -1  GLN A CB  1 
ATOM   30   C CG  . GLN A 1 7   ? -7.763  -17.755 -0.612  1.00 67.19 ? -1  GLN A CG  1 
ATOM   31   C CD  . GLN A 1 7   ? -8.448  -18.845 -1.448  1.00 71.78 ? -1  GLN A CD  1 
ATOM   32   O OE1 . GLN A 1 7   ? -9.661  -19.068 -1.338  1.00 66.17 ? -1  GLN A OE1 1 
ATOM   33   N NE2 . GLN A 1 7   ? -7.664  -19.530 -2.285  1.00 72.61 ? -1  GLN A NE2 1 
ATOM   34   N N   . GLY A 1 8   ? -9.353  -13.908 1.588   1.00 56.82 ? 0   GLY A N   1 
ATOM   35   C CA  . GLY A 1 8   ? -10.299 -13.009 2.237   1.00 54.69 ? 0   GLY A CA  1 
ATOM   36   C C   . GLY A 1 8   ? -9.592  -11.986 3.117   1.00 52.36 ? 0   GLY A C   1 
ATOM   37   O O   . GLY A 1 8   ? -10.215 -11.078 3.665   1.00 49.84 ? 0   GLY A O   1 
ATOM   38   N N   . MET A 1 9   ? -8.276  -12.143 3.234   1.00 52.09 ? 1   MET A N   1 
ATOM   39   C CA  . MET A 1 9   ? -7.438  -11.282 4.058   1.00 50.61 ? 1   MET A CA  1 
ATOM   40   C C   . MET A 1 9   ? -7.222  -9.893  3.443   1.00 44.31 ? 1   MET A C   1 
ATOM   41   O O   . MET A 1 9   ? -7.080  -9.748  2.227   1.00 43.91 ? 1   MET A O   1 
ATOM   42   C CB  . MET A 1 9   ? -6.080  -11.963 4.296   1.00 51.41 ? 1   MET A CB  1 
ATOM   43   C CG  . MET A 1 9   ? -5.062  -11.144 5.106   1.00 50.13 ? 1   MET A CG  1 
ATOM   44   S SD  . MET A 1 9   ? -3.452  -11.953 5.381   1.00 54.98 ? 1   MET A SD  1 
ATOM   45   C CE  . MET A 1 9   ? -2.783  -12.095 3.717   1.00 54.10 ? 1   MET A CE  1 
ATOM   46   N N   . LEU A 1 10  ? -7.209  -8.887  4.308   1.00 40.43 ? 2   LEU A N   1 
ATOM   47   C CA  . LEU A 1 10  ? -6.784  -7.542  3.963   1.00 37.67 ? 2   LEU A CA  1 
ATOM   48   C C   . LEU A 1 10  ? -5.402  -7.245  4.525   1.00 36.74 ? 2   LEU A C   1 
ATOM   49   O O   . LEU A 1 10  ? -5.143  -7.435  5.706   1.00 37.70 ? 2   LEU A O   1 
ATOM   50   C CB  . LEU A 1 10  ? -7.778  -6.515  4.488   1.00 35.05 ? 2   LEU A CB  1 
ATOM   51   C CG  . LEU A 1 10  ? -9.044  -6.437  3.642   1.00 39.10 ? 2   LEU A CG  1 
ATOM   52   C CD1 . LEU A 1 10  ? -10.216 -6.082  4.518   1.00 37.60 ? 2   LEU A CD1 1 
ATOM   53   C CD2 . LEU A 1 10  ? -8.868  -5.392  2.541   1.00 37.94 ? 2   LEU A CD2 1 
ATOM   54   N N   . ALA A 1 11  ? -4.527  -6.774  3.650   1.00 37.07 ? 3   ALA A N   1 
ATOM   55   C CA  . ALA A 1 11  ? -3.192  -6.316  4.001   1.00 33.89 ? 3   ALA A CA  1 
ATOM   56   C C   . ALA A 1 11  ? -3.000  -4.881  3.535   1.00 32.90 ? 3   ALA A C   1 
ATOM   57   O O   . ALA A 1 11  ? -3.625  -4.446  2.559   1.00 32.59 ? 3   ALA A O   1 
ATOM   58   C CB  . ALA A 1 11  ? -2.146  -7.217  3.374   1.00 33.48 ? 3   ALA A CB  1 
ATOM   59   N N   . ALA A 1 12  ? -2.140  -4.154  4.235   1.00 32.02 ? 4   ALA A N   1 
ATOM   60   C CA  . ALA A 1 12  ? -1.724  -2.814  3.837   1.00 28.73 ? 4   ALA A CA  1 
ATOM   61   C C   . ALA A 1 12  ? -0.224  -2.818  3.560   1.00 28.62 ? 4   ALA A C   1 
ATOM   62   O O   . ALA A 1 12  ? 0.556   -3.391  4.317   1.00 28.75 ? 4   ALA A O   1 
ATOM   63   C CB  . ALA A 1 12  ? -2.063  -1.816  4.910   1.00 27.55 ? 4   ALA A CB  1 
ATOM   64   N N   . ILE A 1 13  ? 0.178   -2.202  2.459   1.00 27.94 ? 5   ILE A N   1 
ATOM   65   C CA  . ILE A 1 13  ? 1.591   -2.124  2.127   1.00 28.35 ? 5   ILE A CA  1 
ATOM   66   C C   . ILE A 1 13  ? 1.992   -0.680  1.813   1.00 28.03 ? 5   ILE A C   1 
ATOM   67   O O   . ILE A 1 13  ? 1.280   0.015   1.103   1.00 27.60 ? 5   ILE A O   1 
ATOM   68   C CB  . ILE A 1 13  ? 1.940   -3.040  0.932   1.00 27.59 ? 5   ILE A CB  1 
ATOM   69   C CG1 . ILE A 1 13  ? 3.445   -3.002  0.651   1.00 28.00 ? 5   ILE A CG1 1 
ATOM   70   C CG2 . ILE A 1 13  ? 1.144   -2.657  -0.313  1.00 26.58 ? 5   ILE A CG2 1 
ATOM   71   C CD1 . ILE A 1 13  ? 3.947   -4.259  -0.084  1.00 28.85 ? 5   ILE A CD1 1 
ATOM   72   N N   . TRP A 1 14  ? 3.106   -0.216  2.372   1.00 27.61 ? 6   TRP A N   1 
ATOM   73   C CA  . TRP A 1 14  ? 3.623   1.090   1.988   1.00 27.36 ? 6   TRP A CA  1 
ATOM   74   C C   . TRP A 1 14  ? 5.128   1.232   2.182   1.00 27.15 ? 6   TRP A C   1 
ATOM   75   O O   . TRP A 1 14  ? 5.762   0.456   2.902   1.00 27.62 ? 6   TRP A O   1 
ATOM   76   C CB  . TRP A 1 14  ? 2.904   2.200   2.754   1.00 27.18 ? 6   TRP A CB  1 
ATOM   77   C CG  . TRP A 1 14  ? 3.284   2.347   4.188   1.00 27.36 ? 6   TRP A CG  1 
ATOM   78   C CD1 . TRP A 1 14  ? 4.145   3.275   4.727   1.00 27.19 ? 6   TRP A CD1 1 
ATOM   79   C CD2 . TRP A 1 14  ? 2.797   1.569   5.279   1.00 27.43 ? 6   TRP A CD2 1 
ATOM   80   N NE1 . TRP A 1 14  ? 4.220   3.111   6.096   1.00 27.39 ? 6   TRP A NE1 1 
ATOM   81   C CE2 . TRP A 1 14  ? 3.402   2.079   6.458   1.00 27.50 ? 6   TRP A CE2 1 
ATOM   82   C CE3 . TRP A 1 14  ? 1.909   0.494   5.378   1.00 27.84 ? 6   TRP A CE3 1 
ATOM   83   C CZ2 . TRP A 1 14  ? 3.140   1.537   7.720   1.00 28.35 ? 6   TRP A CZ2 1 
ATOM   84   C CZ3 . TRP A 1 14  ? 1.651   -0.048  6.636   1.00 28.75 ? 6   TRP A CZ3 1 
ATOM   85   C CH2 . TRP A 1 14  ? 2.267   0.474   7.791   1.00 29.80 ? 6   TRP A CH2 1 
ATOM   86   N N   . ALA A 1 15  ? 5.696   2.220   1.508   1.00 26.68 ? 7   ALA A N   1 
ATOM   87   C CA  . ALA A 1 15  ? 7.075   2.589   1.730   1.00 26.82 ? 7   ALA A CA  1 
ATOM   88   C C   . ALA A 1 15  ? 7.088   4.015   2.285   1.00 26.87 ? 7   ALA A C   1 
ATOM   89   O O   . ALA A 1 15  ? 6.324   4.865   1.837   1.00 26.90 ? 7   ALA A O   1 
ATOM   90   C CB  . ALA A 1 15  ? 7.877   2.479   0.448   1.00 26.53 ? 7   ALA A CB  1 
ATOM   91   N N   . GLN A 1 16  ? 7.931   4.271   3.276   1.00 26.80 ? 8   GLN A N   1 
ATOM   92   C CA  . GLN A 1 16  ? 8.021   5.605   3.872   1.00 27.26 ? 8   GLN A CA  1 
ATOM   93   C C   . GLN A 1 16  ? 9.479   5.918   4.250   1.00 26.61 ? 8   GLN A C   1 
ATOM   94   O O   . GLN A 1 16  ? 10.252  5.004   4.475   1.00 25.94 ? 8   GLN A O   1 
ATOM   95   C CB  . GLN A 1 16  ? 7.131   5.706   5.119   1.00 27.01 ? 8   GLN A CB  1 
ATOM   96   C CG  . GLN A 1 16  ? 7.672   4.860   6.272   1.00 26.64 ? 8   GLN A CG  1 
ATOM   97   C CD  . GLN A 1 16  ? 7.051   5.201   7.609   1.00 27.80 ? 8   GLN A CD  1 
ATOM   98   O OE1 . GLN A 1 16  ? 5.972   4.707   7.963   1.00 29.10 ? 8   GLN A OE1 1 
ATOM   99   N NE2 . GLN A 1 16  ? 7.733   6.039   8.367   1.00 27.17 ? 8   GLN A NE2 1 
ATOM   100  N N   . ASP A 1 17  ? 9.837   7.199   4.323   1.00 26.96 ? 9   ASP A N   1 
ATOM   101  C CA  . ASP A 1 17  ? 11.146  7.590   4.836   1.00 27.01 ? 9   ASP A CA  1 
ATOM   102  C C   . ASP A 1 17  ? 11.039  7.748   6.357   1.00 27.48 ? 9   ASP A C   1 
ATOM   103  O O   . ASP A 1 17  ? 10.008  7.404   6.932   1.00 27.35 ? 9   ASP A O   1 
ATOM   104  C CB  . ASP A 1 17  ? 11.664  8.870   4.155   1.00 27.30 ? 9   ASP A CB  1 
ATOM   105  C CG  . ASP A 1 17  ? 10.932  10.137  4.596   1.00 28.30 ? 9   ASP A CG  1 
ATOM   106  O OD1 . ASP A 1 17  ? 9.911   10.071  5.309   1.00 27.39 ? 9   ASP A OD1 1 
ATOM   107  O OD2 . ASP A 1 17  ? 11.390  11.224  4.206   1.00 28.69 ? 9   ASP A OD2 1 
ATOM   108  N N   . GLU A 1 18  ? 12.089  8.268   6.995   1.00 28.83 ? 10  GLU A N   1 
ATOM   109  C CA  . GLU A 1 18  ? 12.136  8.339   8.465   1.00 30.48 ? 10  GLU A CA  1 
ATOM   110  C C   . GLU A 1 18  ? 11.186  9.381   9.061   1.00 30.49 ? 10  GLU A C   1 
ATOM   111  O O   . GLU A 1 18  ? 10.949  9.394   10.269  1.00 32.23 ? 10  GLU A O   1 
ATOM   112  C CB  . GLU A 1 18  ? 13.558  8.631   8.938   1.00 31.47 ? 10  GLU A CB  1 
ATOM   113  C CG  . GLU A 1 18  ? 14.609  7.830   8.206   1.00 32.54 ? 10  GLU A CG  1 
ATOM   114  C CD  . GLU A 1 18  ? 15.651  7.187   9.132   1.00 37.88 ? 10  GLU A CD  1 
ATOM   115  O OE1 . GLU A 1 18  ? 15.298  6.205   9.841   1.00 32.43 ? 10  GLU A OE1 1 
ATOM   116  O OE2 . GLU A 1 18  ? 16.825  7.651   9.124   1.00 32.05 ? 10  GLU A OE2 1 
ATOM   117  N N   . GLN A 1 19  ? 10.641  10.238  8.206   1.00 29.85 ? 11  GLN A N   1 
ATOM   118  C CA  . GLN A 1 19  ? 9.696   11.273  8.624   1.00 31.10 ? 11  GLN A CA  1 
ATOM   119  C C   . GLN A 1 19  ? 8.254   10.813  8.471   1.00 31.73 ? 11  GLN A C   1 
ATOM   120  O O   . GLN A 1 19  ? 7.335   11.498  8.906   1.00 32.98 ? 11  GLN A O   1 
ATOM   121  C CB  . GLN A 1 19  ? 9.887   12.550  7.801   1.00 31.01 ? 11  GLN A CB  1 
ATOM   122  C CG  . GLN A 1 19  ? 11.305  13.052  7.743   1.00 31.02 ? 11  GLN A CG  1 
ATOM   123  C CD  . GLN A 1 19  ? 11.511  14.062  6.637   1.00 32.16 ? 11  GLN A CD  1 
ATOM   124  O OE1 . GLN A 1 19  ? 11.955  15.188  6.899   1.00 33.77 ? 11  GLN A OE1 1 
ATOM   125  N NE2 . GLN A 1 19  ? 11.204  13.672  5.390   1.00 28.83 ? 11  GLN A NE2 1 
ATOM   126  N N   . GLY A 1 20  ? 8.061   9.669   7.814   1.00 29.78 ? 12  GLY A N   1 
ATOM   127  C CA  . GLY A 1 20  ? 6.734   9.191   7.476   1.00 28.88 ? 12  GLY A CA  1 
ATOM   128  C C   . GLY A 1 20  ? 6.254   9.680   6.113   1.00 29.52 ? 12  GLY A C   1 
ATOM   129  O O   . GLY A 1 20  ? 5.092   9.492   5.763   1.00 30.65 ? 12  GLY A O   1 
ATOM   130  N N   . VAL A 1 21  ? 7.126   10.318  5.341   1.00 29.71 ? 13  VAL A N   1 
ATOM   131  C CA  . VAL A 1 21  ? 6.746   10.710  3.987   1.00 30.68 ? 13  VAL A CA  1 
ATOM   132  C C   . VAL A 1 21  ? 6.495   9.473   3.111   1.00 30.26 ? 13  VAL A C   1 
ATOM   133  O O   . VAL A 1 21  ? 7.344   8.578   3.038   1.00 28.80 ? 13  VAL A O   1 
ATOM   134  C CB  . VAL A 1 21  ? 7.831   11.600  3.314   1.00 31.11 ? 13  VAL A CB  1 
ATOM   135  C CG1 . VAL A 1 21  ? 7.454   11.926  1.852   1.00 30.48 ? 13  VAL A CG1 1 
ATOM   136  C CG2 . VAL A 1 21  ? 8.069   12.865  4.132   1.00 30.22 ? 13  VAL A CG2 1 
ATOM   137  N N   . ILE A 1 22  ? 5.331   9.427   2.458   1.00 30.91 ? 14  ILE A N   1 
ATOM   138  C CA  . ILE A 1 22  ? 5.007   8.355   1.505   1.00 29.40 ? 14  ILE A CA  1 
ATOM   139  C C   . ILE A 1 22  ? 4.812   8.859   0.084   1.00 30.55 ? 14  ILE A C   1 
ATOM   140  O O   . ILE A 1 22  ? 4.797   8.071   -0.842  1.00 30.67 ? 14  ILE A O   1 
ATOM   141  C CB  . ILE A 1 22  ? 3.740   7.574   1.915   1.00 27.95 ? 14  ILE A CB  1 
ATOM   142  C CG1 . ILE A 1 22  ? 2.517   8.503   2.010   1.00 29.62 ? 14  ILE A CG1 1 
ATOM   143  C CG2 . ILE A 1 22  ? 3.983   6.851   3.229   1.00 26.50 ? 14  ILE A CG2 1 
ATOM   144  C CD1 . ILE A 1 22  ? 1.193   7.775   2.098   1.00 27.22 ? 14  ILE A CD1 1 
ATOM   145  N N   . GLY A 1 23  ? 4.674   10.167  -0.104  1.00 32.60 ? 15  GLY A N   1 
ATOM   146  C CA  . GLY A 1 23  ? 4.489   10.688  -1.444  1.00 34.47 ? 15  GLY A CA  1 
ATOM   147  C C   . GLY A 1 23  ? 4.801   12.165  -1.643  1.00 35.17 ? 15  GLY A C   1 
ATOM   148  O O   . GLY A 1 23  ? 4.782   12.951  -0.681  1.00 35.38 ? 15  GLY A O   1 
ATOM   149  N N   . LYS A 1 24  ? 5.111   12.529  -2.892  1.00 36.23 ? 16  LYS A N   1 
ATOM   150  C CA  . LYS A 1 24  ? 5.166   13.931  -3.308  1.00 37.69 ? 16  LYS A CA  1 
ATOM   151  C C   . LYS A 1 24  ? 4.172   14.154  -4.439  1.00 39.67 ? 16  LYS A C   1 
ATOM   152  O O   . LYS A 1 24  ? 4.512   13.919  -5.603  1.00 39.82 ? 16  LYS A O   1 
ATOM   153  C CB  . LYS A 1 24  ? 6.565   14.331  -3.766  1.00 36.73 ? 16  LYS A CB  1 
ATOM   154  C CG  . LYS A 1 24  ? 6.802   15.828  -3.754  1.00 39.83 ? 16  LYS A CG  1 
ATOM   155  C CD  . LYS A 1 24  ? 8.237   16.149  -4.160  1.00 41.13 ? 16  LYS A CD  1 
ATOM   156  C CE  . LYS A 1 24  ? 8.672   17.552  -3.704  1.00 48.96 ? 16  LYS A CE  1 
ATOM   157  N NZ  . LYS A 1 24  ? 8.070   18.682  -4.489  1.00 46.97 ? 16  LYS A NZ  1 
ATOM   158  N N   . GLU A 1 25  ? 2.963   14.606  -4.090  1.00 39.29 ? 17  GLU A N   1 
ATOM   159  C CA  . GLU A 1 25  ? 1.887   14.839  -5.061  1.00 40.22 ? 17  GLU A CA  1 
ATOM   160  C C   . GLU A 1 25  ? 1.697   13.616  -5.951  1.00 38.10 ? 17  GLU A C   1 
ATOM   161  O O   . GLU A 1 25  ? 1.933   13.670  -7.167  1.00 37.41 ? 17  GLU A O   1 
ATOM   162  C CB  . GLU A 1 25  ? 2.179   16.068  -5.914  1.00 40.50 ? 17  GLU A CB  1 
ATOM   163  C CG  . GLU A 1 25  ? 2.197   17.373  -5.141  1.00 45.57 ? 17  GLU A CG  1 
ATOM   164  C CD  . GLU A 1 25  ? 2.791   18.501  -5.954  1.00 52.54 ? 17  GLU A CD  1 
ATOM   165  O OE1 . GLU A 1 25  ? 2.028   19.411  -6.343  1.00 57.23 ? 17  GLU A OE1 1 
ATOM   166  O OE2 . GLU A 1 25  ? 4.021   18.471  -6.216  1.00 58.01 ? 17  GLU A OE2 1 
ATOM   167  N N   . GLY A 1 26  ? 1.308   12.507  -5.319  1.00 37.50 ? 18  GLY A N   1 
ATOM   168  C CA  . GLY A 1 26  ? 1.099   11.251  -6.009  1.00 38.35 ? 18  GLY A CA  1 
ATOM   169  C C   . GLY A 1 26  ? 2.347   10.474  -6.391  1.00 37.88 ? 18  GLY A C   1 
ATOM   170  O O   . GLY A 1 26  ? 2.230   9.295   -6.704  1.00 36.06 ? 18  GLY A O   1 
ATOM   171  N N   . LYS A 1 27  ? 3.517   11.115  -6.357  1.00 36.37 ? 19  LYS A N   1 
ATOM   172  C CA  . LYS A 1 27  ? 4.784   10.502  -6.770  1.00 36.91 ? 19  LYS A CA  1 
ATOM   173  C C   . LYS A 1 27  ? 5.620   9.997   -5.592  1.00 35.14 ? 19  LYS A C   1 
ATOM   174  O O   . LYS A 1 27  ? 5.502   10.509  -4.475  1.00 35.97 ? 19  LYS A O   1 
ATOM   175  C CB  . LYS A 1 27  ? 5.640   11.499  -7.555  1.00 36.95 ? 19  LYS A CB  1 
ATOM   176  C CG  . LYS A 1 27  ? 5.016   12.053  -8.821  1.00 42.28 ? 19  LYS A CG  1 
ATOM   177  C CD  . LYS A 1 27  ? 4.861   10.970  -9.889  1.00 47.87 ? 19  LYS A CD  1 
ATOM   178  C CE  . LYS A 1 27  ? 4.759   11.578  -11.281 1.00 49.75 ? 19  LYS A CE  1 
ATOM   179  N NZ  . LYS A 1 27  ? 3.846   12.764  -11.296 1.00 48.28 ? 19  LYS A NZ  1 
ATOM   180  N N   . LEU A 1 28  ? 6.485   9.017   -5.861  1.00 35.43 ? 20  LEU A N   1 
ATOM   181  C CA  . LEU A 1 28  ? 7.494   8.591   -4.900  1.00 34.53 ? 20  LEU A CA  1 
ATOM   182  C C   . LEU A 1 28  ? 8.652   9.574   -4.913  1.00 33.81 ? 20  LEU A C   1 
ATOM   183  O O   . LEU A 1 28  ? 9.174   9.886   -5.975  1.00 35.44 ? 20  LEU A O   1 
ATOM   184  C CB  . LEU A 1 28  ? 8.008   7.177   -5.212  1.00 32.78 ? 20  LEU A CB  1 
ATOM   185  C CG  . LEU A 1 28  ? 6.952   6.081   -5.118  1.00 32.91 ? 20  LEU A CG  1 
ATOM   186  C CD1 . LEU A 1 28  ? 7.546   4.686   -5.394  1.00 32.88 ? 20  LEU A CD1 1 
ATOM   187  C CD2 . LEU A 1 28  ? 6.289   6.148   -3.761  1.00 30.95 ? 20  LEU A CD2 1 
ATOM   188  N N   . PRO A 1 29  ? 9.054   10.075  -3.726  1.00 34.40 ? 21  PRO A N   1 
ATOM   189  C CA  . PRO A 1 29  ? 10.127  11.081  -3.697  1.00 33.77 ? 21  PRO A CA  1 
ATOM   190  C C   . PRO A 1 29  ? 11.507  10.480  -3.693  1.00 32.84 ? 21  PRO A C   1 
ATOM   191  O O   . PRO A 1 29  ? 12.483  11.204  -3.604  1.00 32.33 ? 21  PRO A O   1 
ATOM   192  C CB  . PRO A 1 29  ? 9.876   11.849  -2.392  1.00 34.17 ? 21  PRO A CB  1 
ATOM   193  C CG  . PRO A 1 29  ? 9.026   10.970  -1.565  1.00 34.09 ? 21  PRO A CG  1 
ATOM   194  C CD  . PRO A 1 29  ? 8.266   10.044  -2.479  1.00 31.98 ? 21  PRO A CD  1 
ATOM   195  N N   . TRP A 1 30  ? 11.580  9.166   -3.781  1.00 32.99 ? 22  TRP A N   1 
ATOM   196  C CA  . TRP A 1 30  ? 12.844  8.454   -3.846  1.00 33.20 ? 22  TRP A CA  1 
ATOM   197  C C   . TRP A 1 30  ? 12.756  7.465   -4.992  1.00 34.19 ? 22  TRP A C   1 
ATOM   198  O O   . TRP A 1 30  ? 11.668  7.213   -5.507  1.00 34.25 ? 22  TRP A O   1 
ATOM   199  C CB  . TRP A 1 30  ? 13.114  7.709   -2.535  1.00 31.75 ? 22  TRP A CB  1 
ATOM   200  C CG  . TRP A 1 30  ? 11.960  6.840   -2.193  1.00 30.37 ? 22  TRP A CG  1 
ATOM   201  C CD1 . TRP A 1 30  ? 11.637  5.642   -2.759  1.00 29.97 ? 22  TRP A CD1 1 
ATOM   202  C CD2 . TRP A 1 30  ? 10.934  7.129   -1.242  1.00 29.30 ? 22  TRP A CD2 1 
ATOM   203  N NE1 . TRP A 1 30  ? 10.475  5.162   -2.210  1.00 29.18 ? 22  TRP A NE1 1 
ATOM   204  C CE2 . TRP A 1 30  ? 10.024  6.056   -1.277  1.00 29.01 ? 22  TRP A CE2 1 
ATOM   205  C CE3 . TRP A 1 30  ? 10.702  8.189   -0.355  1.00 29.60 ? 22  TRP A CE3 1 
ATOM   206  C CZ2 . TRP A 1 30  ? 8.898   6.011   -0.451  1.00 29.35 ? 22  TRP A CZ2 1 
ATOM   207  C CZ3 . TRP A 1 30  ? 9.579   8.145   0.467   1.00 29.27 ? 22  TRP A CZ3 1 
ATOM   208  C CH2 . TRP A 1 30  ? 8.692   7.066   0.408   1.00 29.31 ? 22  TRP A CH2 1 
ATOM   209  N N   . HIS A 1 31  ? 13.886  6.894   -5.382  1.00 37.04 ? 23  HIS A N   1 
ATOM   210  C CA  . HIS A 1 31  ? 13.862  5.715   -6.230  1.00 42.13 ? 23  HIS A CA  1 
ATOM   211  C C   . HIS A 1 31  ? 14.576  4.604   -5.481  1.00 39.19 ? 23  HIS A C   1 
ATOM   212  O O   . HIS A 1 31  ? 15.706  4.761   -5.030  1.00 39.64 ? 23  HIS A O   1 
ATOM   213  C CB  . HIS A 1 31  ? 14.503  5.965   -7.600  1.00 46.40 ? 23  HIS A CB  1 
ATOM   214  C CG  . HIS A 1 31  ? 14.171  4.908   -8.609  1.00 56.02 ? 23  HIS A CG  1 
ATOM   215  N ND1 . HIS A 1 31  ? 15.122  4.320   -9.422  1.00 58.90 ? 23  HIS A ND1 1 
ATOM   216  C CD2 . HIS A 1 31  ? 12.994  4.311   -8.918  1.00 63.26 ? 23  HIS A CD2 1 
ATOM   217  C CE1 . HIS A 1 31  ? 14.540  3.419   -10.196 1.00 58.46 ? 23  HIS A CE1 1 
ATOM   218  N NE2 . HIS A 1 31  ? 13.245  3.392   -9.907  1.00 60.65 ? 23  HIS A NE2 1 
ATOM   219  N N   . LEU A 1 32  ? 13.888  3.491   -5.317  1.00 37.60 ? 24  LEU A N   1 
ATOM   220  C CA  . LEU A 1 32  ? 14.431  2.371   -4.577  1.00 35.95 ? 24  LEU A CA  1 
ATOM   221  C C   . LEU A 1 32  ? 13.868  1.119   -5.198  1.00 35.87 ? 24  LEU A C   1 
ATOM   222  O O   . LEU A 1 32  ? 12.852  0.599   -4.729  1.00 34.63 ? 24  LEU A O   1 
ATOM   223  C CB  . LEU A 1 32  ? 14.079  2.445   -3.088  1.00 34.55 ? 24  LEU A CB  1 
ATOM   224  C CG  . LEU A 1 32  ? 14.715  1.354   -2.203  1.00 36.65 ? 24  LEU A CG  1 
ATOM   225  C CD1 . LEU A 1 32  ? 16.255  1.429   -2.269  1.00 31.44 ? 24  LEU A CD1 1 
ATOM   226  C CD2 . LEU A 1 32  ? 14.212  1.445   -0.758  1.00 29.32 ? 24  LEU A CD2 1 
ATOM   227  N N   . PRO A 1 33  ? 14.522  0.639   -6.273  1.00 39.14 ? 25  PRO A N   1 
ATOM   228  C CA  . PRO A 1 33  ? 13.998  -0.480  -7.073  1.00 38.83 ? 25  PRO A CA  1 
ATOM   229  C C   . PRO A 1 33  ? 13.673  -1.719  -6.235  1.00 36.32 ? 25  PRO A C   1 
ATOM   230  O O   . PRO A 1 33  ? 12.676  -2.361  -6.542  1.00 37.46 ? 25  PRO A O   1 
ATOM   231  C CB  . PRO A 1 33  ? 15.129  -0.755  -8.078  1.00 38.96 ? 25  PRO A CB  1 
ATOM   232  C CG  . PRO A 1 33  ? 15.860  0.531   -8.180  1.00 38.63 ? 25  PRO A CG  1 
ATOM   233  C CD  . PRO A 1 33  ? 15.774  1.183   -6.835  1.00 38.44 ? 25  PRO A CD  1 
ATOM   234  N N   . ASN A 1 34  ? 14.445  -2.025  -5.190  1.00 35.62 ? 26  ASN A N   1 
ATOM   235  C CA  . ASN A 1 34  ? 14.145  -3.211  -4.365  1.00 37.44 ? 26  ASN A CA  1 
ATOM   236  C C   . ASN A 1 34  ? 12.772  -3.158  -3.717  1.00 34.96 ? 26  ASN A C   1 
ATOM   237  O O   . ASN A 1 34  ? 12.108  -4.182  -3.560  1.00 34.21 ? 26  ASN A O   1 
ATOM   238  C CB  . ASN A 1 34  ? 15.189  -3.406  -3.266  1.00 35.75 ? 26  ASN A CB  1 
ATOM   239  C CG  . ASN A 1 34  ? 16.510  -3.888  -3.807  1.00 40.26 ? 26  ASN A CG  1 
ATOM   240  O OD1 . ASN A 1 34  ? 16.578  -4.396  -4.928  1.00 39.55 ? 26  ASN A OD1 1 
ATOM   241  N ND2 . ASN A 1 34  ? 17.579  -3.725  -3.020  1.00 37.89 ? 26  ASN A ND2 1 
ATOM   242  N N   . ASP A 1 35  ? 12.357  -1.961  -3.322  1.00 34.87 ? 27  ASP A N   1 
ATOM   243  C CA  . ASP A 1 35  ? 11.062  -1.803  -2.689  1.00 33.89 ? 27  ASP A CA  1 
ATOM   244  C C   . ASP A 1 35  ? 9.936   -2.144  -3.669  1.00 34.20 ? 27  ASP A C   1 
ATOM   245  O O   . ASP A 1 35  ? 8.989   -2.845  -3.305  1.00 33.72 ? 27  ASP A O   1 
ATOM   246  C CB  . ASP A 1 35  ? 10.878  -0.385  -2.141  1.00 31.72 ? 27  ASP A CB  1 
ATOM   247  C CG  . ASP A 1 35  ? 9.435   -0.094  -1.792  1.00 30.27 ? 27  ASP A CG  1 
ATOM   248  O OD1 . ASP A 1 35  ? 8.923   -0.713  -0.831  1.00 29.12 ? 27  ASP A OD1 1 
ATOM   249  O OD2 . ASP A 1 35  ? 8.809   0.716   -2.504  1.00 29.68 ? 27  ASP A OD2 1 
ATOM   250  N N   . LEU A 1 36  ? 10.040  -1.662  -4.905  1.00 34.49 ? 28  LEU A N   1 
ATOM   251  C CA  . LEU A 1 36  ? 9.006   -1.947  -5.895  1.00 36.03 ? 28  LEU A CA  1 
ATOM   252  C C   . LEU A 1 36  ? 8.909   -3.459  -6.123  1.00 37.49 ? 28  LEU A C   1 
ATOM   253  O O   . LEU A 1 36  ? 7.811   -4.000  -6.320  1.00 37.23 ? 28  LEU A O   1 
ATOM   254  C CB  . LEU A 1 36  ? 9.282   -1.204  -7.202  1.00 34.37 ? 28  LEU A CB  1 
ATOM   255  C CG  . LEU A 1 36  ? 9.352   0.311   -7.004  1.00 35.82 ? 28  LEU A CG  1 
ATOM   256  C CD1 . LEU A 1 36  ? 9.506   1.044   -8.332  1.00 39.80 ? 28  LEU A CD1 1 
ATOM   257  C CD2 . LEU A 1 36  ? 8.130   0.811   -6.250  1.00 34.35 ? 28  LEU A CD2 1 
ATOM   258  N N   . LYS A 1 37  ? 10.053  -4.140  -6.043  1.00 38.23 ? 29  LYS A N   1 
ATOM   259  C CA  . LYS A 1 37  ? 10.092  -5.600  -6.161  1.00 36.74 ? 29  LYS A CA  1 
ATOM   260  C C   . LYS A 1 37  ? 9.339   -6.230  -5.017  1.00 35.41 ? 29  LYS A C   1 
ATOM   261  O O   . LYS A 1 37  ? 8.557   -7.147  -5.209  1.00 36.80 ? 29  LYS A O   1 
ATOM   262  C CB  . LYS A 1 37  ? 11.533  -6.116  -6.186  1.00 39.47 ? 29  LYS A CB  1 
ATOM   263  C CG  . LYS A 1 37  ? 12.321  -5.705  -7.415  1.00 40.80 ? 29  LYS A CG  1 
ATOM   264  C CD  . LYS A 1 37  ? 11.556  -6.010  -8.701  1.00 46.27 ? 29  LYS A CD  1 
ATOM   265  C CE  . LYS A 1 37  ? 12.325  -5.559  -9.953  1.00 49.65 ? 29  LYS A CE  1 
ATOM   266  N NZ  . LYS A 1 37  ? 11.648  -6.010  -11.210 1.00 48.01 ? 29  LYS A NZ  1 
ATOM   267  N N   . PHE A 1 38  ? 9.587   -5.726  -3.819  1.00 34.94 ? 30  PHE A N   1 
ATOM   268  C CA  . PHE A 1 38  ? 8.863   -6.171  -2.634  1.00 35.14 ? 30  PHE A CA  1 
ATOM   269  C C   . PHE A 1 38  ? 7.362   -5.933  -2.811  1.00 35.90 ? 30  PHE A C   1 
ATOM   270  O O   . PHE A 1 38  ? 6.534   -6.815  -2.552  1.00 37.42 ? 30  PHE A O   1 
ATOM   271  C CB  . PHE A 1 38  ? 9.393   -5.437  -1.399  1.00 33.16 ? 30  PHE A CB  1 
ATOM   272  C CG  . PHE A 1 38  ? 8.811   -5.923  -0.111  1.00 34.89 ? 30  PHE A CG  1 
ATOM   273  C CD1 . PHE A 1 38  ? 9.013   -7.224  0.306   1.00 34.85 ? 30  PHE A CD1 1 
ATOM   274  C CD2 . PHE A 1 38  ? 8.059   -5.076  0.691   1.00 33.96 ? 30  PHE A CD2 1 
ATOM   275  C CE1 . PHE A 1 38  ? 8.467   -7.674  1.486   1.00 33.60 ? 30  PHE A CE1 1 
ATOM   276  C CE2 . PHE A 1 38  ? 7.524   -5.527  1.885   1.00 32.33 ? 30  PHE A CE2 1 
ATOM   277  C CZ  . PHE A 1 38  ? 7.729   -6.829  2.274   1.00 33.64 ? 30  PHE A CZ  1 
ATOM   278  N N   . PHE A 1 39  ? 7.024   -4.730  -3.265  1.00 34.85 ? 31  PHE A N   1 
ATOM   279  C CA  . PHE A 1 39  ? 5.652   -4.380  -3.594  1.00 34.37 ? 31  PHE A CA  1 
ATOM   280  C C   . PHE A 1 39  ? 5.065   -5.369  -4.613  1.00 35.84 ? 31  PHE A C   1 
ATOM   281  O O   . PHE A 1 39  ? 3.982   -5.926  -4.391  1.00 35.53 ? 31  PHE A O   1 
ATOM   282  C CB  . PHE A 1 39  ? 5.597   -2.948  -4.120  1.00 32.12 ? 31  PHE A CB  1 
ATOM   283  C CG  . PHE A 1 39  ? 4.219   -2.492  -4.496  1.00 32.25 ? 31  PHE A CG  1 
ATOM   284  C CD1 . PHE A 1 39  ? 3.861   -2.348  -5.834  1.00 34.47 ? 31  PHE A CD1 1 
ATOM   285  C CD2 . PHE A 1 39  ? 3.280   -2.199  -3.519  1.00 31.01 ? 31  PHE A CD2 1 
ATOM   286  C CE1 . PHE A 1 39  ? 2.584   -1.933  -6.189  1.00 34.60 ? 31  PHE A CE1 1 
ATOM   287  C CE2 . PHE A 1 39  ? 2.004   -1.777  -3.871  1.00 32.39 ? 31  PHE A CE2 1 
ATOM   288  C CZ  . PHE A 1 39  ? 1.657   -1.643  -5.210  1.00 32.47 ? 31  PHE A CZ  1 
ATOM   289  N N   . LYS A 1 40  ? 5.800   -5.602  -5.702  1.00 36.10 ? 32  LYS A N   1 
ATOM   290  C CA  . LYS A 1 40  ? 5.390   -6.576  -6.715  1.00 38.63 ? 32  LYS A CA  1 
ATOM   291  C C   . LYS A 1 40  ? 5.067   -7.960  -6.125  1.00 38.89 ? 32  LYS A C   1 
ATOM   292  O O   . LYS A 1 40  ? 4.037   -8.528  -6.457  1.00 39.39 ? 32  LYS A O   1 
ATOM   293  C CB  . LYS A 1 40  ? 6.465   -6.715  -7.800  1.00 36.60 ? 32  LYS A CB  1 
ATOM   294  N N   . GLU A 1 41  ? 5.923   -8.476  -5.237  1.00 40.40 ? 33  GLU A N   1 
ATOM   295  C CA  . GLU A 1 41  ? 5.743   -9.820  -4.659  1.00 42.24 ? 33  GLU A CA  1 
ATOM   296  C C   . GLU A 1 41  ? 4.451   -9.942  -3.878  1.00 39.29 ? 33  GLU A C   1 
ATOM   297  O O   . GLU A 1 41  ? 3.729   -10.932 -4.007  1.00 40.27 ? 33  GLU A O   1 
ATOM   298  C CB  . GLU A 1 41  ? 6.904   -10.195 -3.720  1.00 44.02 ? 33  GLU A CB  1 
ATOM   299  C CG  . GLU A 1 41  ? 8.240   -10.466 -4.394  1.00 47.80 ? 33  GLU A CG  1 
ATOM   300  C CD  . GLU A 1 41  ? 9.399   -10.462 -3.398  1.00 63.72 ? 33  GLU A CD  1 
ATOM   301  O OE1 . GLU A 1 41  ? 9.154   -10.673 -2.183  1.00 59.01 ? 33  GLU A OE1 1 
ATOM   302  O OE2 . GLU A 1 41  ? 10.552  -10.233 -3.832  1.00 61.84 ? 33  GLU A OE2 1 
ATOM   303  N N   . LYS A 1 42  ? 4.182   -8.947  -3.039  1.00 39.39 ? 34  LYS A N   1 
ATOM   304  C CA  . LYS A 1 42  ? 3.003   -8.976  -2.186  1.00 37.42 ? 34  LYS A CA  1 
ATOM   305  C C   . LYS A 1 42  ? 1.721   -8.686  -2.956  1.00 37.03 ? 34  LYS A C   1 
ATOM   306  O O   . LYS A 1 42  ? 0.644   -9.009  -2.469  1.00 36.03 ? 34  LYS A O   1 
ATOM   307  C CB  . LYS A 1 42  ? 3.145   -7.983  -1.035  1.00 35.42 ? 34  LYS A CB  1 
ATOM   308  C CG  . LYS A 1 42  ? 4.351   -8.219  -0.151  1.00 35.61 ? 34  LYS A CG  1 
ATOM   309  C CD  . LYS A 1 42  ? 4.232   -9.521  0.645   1.00 35.58 ? 34  LYS A CD  1 
ATOM   310  C CE  . LYS A 1 42  ? 5.524   -9.816  1.398   1.00 35.12 ? 34  LYS A CE  1 
ATOM   311  N NZ  . LYS A 1 42  ? 5.518   -11.151 2.056   1.00 37.00 ? 34  LYS A NZ  1 
ATOM   312  N N   . THR A 1 43  ? 1.811   -8.098  -4.152  1.00 36.75 ? 35  THR A N   1 
ATOM   313  C CA  . THR A 1 43  ? 0.568   -7.749  -4.845  1.00 38.25 ? 35  THR A CA  1 
ATOM   314  C C   . THR A 1 43  ? 0.206   -8.562  -6.103  1.00 42.30 ? 35  THR A C   1 
ATOM   315  O O   . THR A 1 43  ? -0.974  -8.603  -6.461  1.00 40.78 ? 35  THR A O   1 
ATOM   316  C CB  . THR A 1 43  ? 0.533   -6.251  -5.246  1.00 35.96 ? 35  THR A CB  1 
ATOM   317  O OG1 . THR A 1 43  ? 1.599   -5.946  -6.151  1.00 38.35 ? 35  THR A OG1 1 
ATOM   318  C CG2 . THR A 1 43  ? 0.630   -5.368  -4.024  1.00 36.08 ? 35  THR A CG2 1 
ATOM   319  N N   . ILE A 1 44  ? 1.175   -9.187  -6.775  1.00 41.72 ? 36  ILE A N   1 
ATOM   320  C CA  . ILE A 1 44  ? 0.837   -10.012 -7.945  1.00 43.67 ? 36  ILE A CA  1 
ATOM   321  C C   . ILE A 1 44  ? -0.236  -11.028 -7.591  1.00 43.71 ? 36  ILE A C   1 
ATOM   322  O O   . ILE A 1 44  ? -0.263  -11.554 -6.474  1.00 42.48 ? 36  ILE A O   1 
ATOM   323  C CB  . ILE A 1 44  ? 2.052   -10.778 -8.547  1.00 45.52 ? 36  ILE A CB  1 
ATOM   324  C CG1 . ILE A 1 44  ? 3.011   -11.278 -7.461  1.00 43.44 ? 36  ILE A CG1 1 
ATOM   325  C CG2 . ILE A 1 44  ? 2.793   -9.917  -9.549  1.00 45.74 ? 36  ILE A CG2 1 
ATOM   326  C CD1 . ILE A 1 44  ? 2.652   -12.624 -6.836  1.00 44.90 ? 36  ILE A CD1 1 
ATOM   327  N N   . HIS A 1 45  ? -1.144  -11.254 -8.542  1.00 45.09 ? 37  HIS A N   1 
ATOM   328  C CA  . HIS A 1 45  ? -2.229  -12.220 -8.402  1.00 43.59 ? 37  HIS A CA  1 
ATOM   329  C C   . HIS A 1 45  ? -3.116  -11.914 -7.204  1.00 43.40 ? 37  HIS A C   1 
ATOM   330  O O   . HIS A 1 45  ? -3.767  -12.793 -6.639  1.00 43.48 ? 37  HIS A O   1 
ATOM   331  C CB  . HIS A 1 45  ? -1.651  -13.635 -8.311  1.00 46.69 ? 37  HIS A CB  1 
ATOM   332  C CG  . HIS A 1 45  ? -0.667  -13.947 -9.401  1.00 48.95 ? 37  HIS A CG  1 
ATOM   333  N ND1 . HIS A 1 45  ? -0.997  -13.874 -10.741 1.00 51.16 ? 37  HIS A ND1 1 
ATOM   334  C CD2 . HIS A 1 45  ? 0.632   -14.314 -9.348  1.00 50.42 ? 37  HIS A CD2 1 
ATOM   335  C CE1 . HIS A 1 45  ? 0.063   -14.189 -11.462 1.00 58.68 ? 37  HIS A CE1 1 
ATOM   336  N NE2 . HIS A 1 45  ? 1.066   -14.462 -10.649 1.00 52.54 ? 37  HIS A NE2 1 
ATOM   337  N N   . ASN A 1 46  ? -3.143  -10.644 -6.823  1.00 44.17 ? 38  ASN A N   1 
ATOM   338  C CA  . ASN A 1 46  ? -4.015  -10.192 -5.759  1.00 39.75 ? 38  ASN A CA  1 
ATOM   339  C C   . ASN A 1 46  ? -4.755  -8.968  -6.202  1.00 38.69 ? 38  ASN A C   1 
ATOM   340  O O   . ASN A 1 46  ? -4.616  -8.532  -7.341  1.00 39.51 ? 38  ASN A O   1 
ATOM   341  C CB  . ASN A 1 46  ? -3.222  -9.898  -4.500  1.00 39.42 ? 38  ASN A CB  1 
ATOM   342  C CG  . ASN A 1 46  ? -2.746  -11.153 -3.826  1.00 43.37 ? 38  ASN A CG  1 
ATOM   343  O OD1 . ASN A 1 46  ? -3.524  -12.093 -3.625  1.00 43.67 ? 38  ASN A OD1 1 
ATOM   344  N ND2 . ASN A 1 46  ? -1.455  -11.192 -3.479  1.00 43.02 ? 38  ASN A ND2 1 
ATOM   345  N N   . THR A 1 47  ? -5.549  -8.412  -5.302  1.00 37.23 ? 39  THR A N   1 
ATOM   346  C CA  . THR A 1 47  ? -6.224  -7.166  -5.597  1.00 37.02 ? 39  THR A CA  1 
ATOM   347  C C   . THR A 1 47  ? -5.508  -6.007  -4.902  1.00 34.98 ? 39  THR A C   1 
ATOM   348  O O   . THR A 1 47  ? -5.219  -6.072  -3.695  1.00 33.75 ? 39  THR A O   1 
ATOM   349  C CB  . THR A 1 47  ? -7.696  -7.207  -5.163  1.00 38.55 ? 39  THR A CB  1 
ATOM   350  O OG1 . THR A 1 47  ? -8.368  -8.260  -5.860  1.00 38.89 ? 39  THR A OG1 1 
ATOM   351  C CG2 . THR A 1 47  ? -8.358  -5.889  -5.474  1.00 35.83 ? 39  THR A CG2 1 
ATOM   352  N N   . LEU A 1 48  ? -5.212  -4.966  -5.678  1.00 31.68 ? 40  LEU A N   1 
ATOM   353  C CA  . LEU A 1 48  ? -4.588  -3.770  -5.157  1.00 30.38 ? 40  LEU A CA  1 
ATOM   354  C C   . LEU A 1 48  ? -5.606  -2.632  -5.084  1.00 30.45 ? 40  LEU A C   1 
ATOM   355  O O   . LEU A 1 48  ? -6.236  -2.309  -6.084  1.00 30.96 ? 40  LEU A O   1 
ATOM   356  C CB  . LEU A 1 48  ? -3.410  -3.372  -6.034  1.00 31.97 ? 40  LEU A CB  1 
ATOM   357  C CG  . LEU A 1 48  ? -2.757  -2.016  -5.760  1.00 30.37 ? 40  LEU A CG  1 
ATOM   358  C CD1 . LEU A 1 48  ? -1.943  -2.085  -4.473  1.00 29.75 ? 40  LEU A CD1 1 
ATOM   359  C CD2 . LEU A 1 48  ? -1.917  -1.544  -6.943  1.00 27.67 ? 40  LEU A CD2 1 
ATOM   360  N N   . VAL A 1 49  ? -5.769  -2.039  -3.901  1.00 29.17 ? 41  VAL A N   1 
ATOM   361  C CA  . VAL A 1 49  ? -6.691  -0.922  -3.697  1.00 28.22 ? 41  VAL A CA  1 
ATOM   362  C C   . VAL A 1 49  ? -5.897  0.360   -3.593  1.00 28.05 ? 41  VAL A C   1 
ATOM   363  O O   . VAL A 1 49  ? -4.940  0.430   -2.829  1.00 27.77 ? 41  VAL A O   1 
ATOM   364  C CB  . VAL A 1 49  ? -7.541  -1.075  -2.427  1.00 26.60 ? 41  VAL A CB  1 
ATOM   365  C CG1 . VAL A 1 49  ? -8.300  0.188   -2.171  1.00 26.11 ? 41  VAL A CG1 1 
ATOM   366  C CG2 . VAL A 1 49  ? -8.504  -2.254  -2.538  1.00 26.82 ? 41  VAL A CG2 1 
ATOM   367  N N   . LEU A 1 50  ? -6.290  1.353   -4.388  1.00 28.20 ? 42  LEU A N   1 
ATOM   368  C CA  . LEU A 1 50  ? -5.659  2.664   -4.425  1.00 27.87 ? 42  LEU A CA  1 
ATOM   369  C C   . LEU A 1 50  ? -6.702  3.778   -4.304  1.00 29.03 ? 42  LEU A C   1 
ATOM   370  O O   . LEU A 1 50  ? -7.771  3.713   -4.939  1.00 28.83 ? 42  LEU A O   1 
ATOM   371  C CB  . LEU A 1 50  ? -4.871  2.842   -5.722  1.00 27.37 ? 42  LEU A CB  1 
ATOM   372  C CG  . LEU A 1 50  ? -3.646  1.943   -5.934  1.00 28.92 ? 42  LEU A CG  1 
ATOM   373  C CD1 . LEU A 1 50  ? -2.988  2.210   -7.298  1.00 28.94 ? 42  LEU A CD1 1 
ATOM   374  C CD2 . LEU A 1 50  ? -2.631  2.147   -4.797  1.00 27.33 ? 42  LEU A CD2 1 
ATOM   375  N N   . GLY A 1 51  ? -6.406  4.789   -3.488  1.00 28.63 ? 43  GLY A N   1 
ATOM   376  C CA  . GLY A 1 51  ? -7.151  6.030   -3.570  1.00 28.83 ? 43  GLY A CA  1 
ATOM   377  C C   . GLY A 1 51  ? -6.849  6.722   -4.891  1.00 29.38 ? 43  GLY A C   1 
ATOM   378  O O   . GLY A 1 51  ? -5.789  6.498   -5.476  1.00 29.03 ? 43  GLY A O   1 
ATOM   379  N N   . ARG A 1 52  ? -7.769  7.568   -5.357  1.00 29.60 ? 44  ARG A N   1 
ATOM   380  C CA  . ARG A 1 52  ? -7.618  8.226   -6.660  1.00 31.07 ? 44  ARG A CA  1 
ATOM   381  C C   . ARG A 1 52  ? -6.311  9.015   -6.810  1.00 31.49 ? 44  ARG A C   1 
ATOM   382  O O   . ARG A 1 52  ? -5.641  8.914   -7.833  1.00 31.50 ? 44  ARG A O   1 
ATOM   383  C CB  . ARG A 1 52  ? -8.804  9.156   -6.940  1.00 30.46 ? 44  ARG A CB  1 
ATOM   384  C CG  . ARG A 1 52  ? -8.680  9.878   -8.287  1.00 29.79 ? 44  ARG A CG  1 
ATOM   385  C CD  . ARG A 1 52  ? -9.838  10.836  -8.552  1.00 31.50 ? 44  ARG A CD  1 
ATOM   386  N NE  . ARG A 1 52  ? -10.048 11.748  -7.433  1.00 32.79 ? 44  ARG A NE  1 
ATOM   387  C CZ  . ARG A 1 52  ? -9.353  12.864  -7.238  1.00 33.60 ? 44  ARG A CZ  1 
ATOM   388  N NH1 . ARG A 1 52  ? -8.406  13.215  -8.097  1.00 32.71 ? 44  ARG A NH1 1 
ATOM   389  N NH2 . ARG A 1 52  ? -9.599  13.626  -6.179  1.00 32.72 ? 44  ARG A NH2 1 
ATOM   390  N N   . ALA A 1 53  ? -5.954  9.797   -5.794  1.00 30.91 ? 45  ALA A N   1 
ATOM   391  C CA  . ALA A 1 53  ? -4.754  10.621  -5.869  1.00 32.14 ? 45  ALA A CA  1 
ATOM   392  C C   . ALA A 1 53  ? -3.525  9.751   -6.130  1.00 32.85 ? 45  ALA A C   1 
ATOM   393  O O   . ALA A 1 53  ? -2.705  10.064  -7.014  1.00 33.97 ? 45  ALA A O   1 
ATOM   394  C CB  . ALA A 1 53  ? -4.574  11.434  -4.592  1.00 31.84 ? 45  ALA A CB  1 
ATOM   395  N N   . THR A 1 54  ? -3.421  8.644   -5.392  1.00 31.21 ? 46  THR A N   1 
ATOM   396  C CA  . THR A 1 54  ? -2.320  7.698   -5.588  1.00 31.86 ? 46  THR A CA  1 
ATOM   397  C C   . THR A 1 54  ? -2.369  7.065   -6.978  1.00 32.45 ? 46  THR A C   1 
ATOM   398  O O   . THR A 1 54  ? -1.357  6.985   -7.672  1.00 32.96 ? 46  THR A O   1 
ATOM   399  C CB  . THR A 1 54  ? -2.343  6.598   -4.518  1.00 29.79 ? 46  THR A CB  1 
ATOM   400  O OG1 . THR A 1 54  ? -2.036  7.185   -3.259  1.00 28.65 ? 46  THR A OG1 1 
ATOM   401  C CG2 . THR A 1 54  ? -1.321  5.513   -4.823  1.00 30.99 ? 46  THR A CG2 1 
ATOM   402  N N   . PHE A 1 55  ? -3.559  6.624   -7.375  1.00 32.38 ? 47  PHE A N   1 
ATOM   403  C CA  . PHE A 1 55  ? -3.790  6.101   -8.717  1.00 33.75 ? 47  PHE A CA  1 
ATOM   404  C C   . PHE A 1 55  ? -3.307  7.069   -9.784  1.00 34.45 ? 47  PHE A C   1 
ATOM   405  O O   . PHE A 1 55  ? -2.613  6.686   -10.724 1.00 35.58 ? 47  PHE A O   1 
ATOM   406  C CB  . PHE A 1 55  ? -5.271  5.813   -8.928  1.00 33.08 ? 47  PHE A CB  1 
ATOM   407  C CG  . PHE A 1 55  ? -5.587  5.206   -10.276 1.00 34.42 ? 47  PHE A CG  1 
ATOM   408  C CD1 . PHE A 1 55  ? -5.045  3.974   -10.649 1.00 36.35 ? 47  PHE A CD1 1 
ATOM   409  C CD2 . PHE A 1 55  ? -6.444  5.846   -11.158 1.00 35.22 ? 47  PHE A CD2 1 
ATOM   410  C CE1 . PHE A 1 55  ? -5.345  3.406   -11.876 1.00 38.61 ? 47  PHE A CE1 1 
ATOM   411  C CE2 . PHE A 1 55  ? -6.745  5.276   -12.390 1.00 38.53 ? 47  PHE A CE2 1 
ATOM   412  C CZ  . PHE A 1 55  ? -6.198  4.059   -12.747 1.00 39.25 ? 47  PHE A CZ  1 
ATOM   413  N N   . GLU A 1 56  ? -3.659  8.334   -9.613  1.00 33.79 ? 48  GLU A N   1 
ATOM   414  C CA  . GLU A 1 56  ? -3.296  9.340   -10.599 1.00 35.76 ? 48  GLU A CA  1 
ATOM   415  C C   . GLU A 1 56  ? -1.794  9.654   -10.536 1.00 34.58 ? 48  GLU A C   1 
ATOM   416  O O   . GLU A 1 56  ? -1.173  9.895   -11.558 1.00 36.20 ? 48  GLU A O   1 
ATOM   417  C CB  . GLU A 1 56  ? -4.175  10.590  -10.414 1.00 33.09 ? 48  GLU A CB  1 
ATOM   418  C CG  . GLU A 1 56  ? -5.628  10.233  -10.701 1.00 32.00 ? 48  GLU A CG  1 
ATOM   419  C CD  . GLU A 1 56  ? -6.609  11.383  -10.646 1.00 34.18 ? 48  GLU A CD  1 
ATOM   420  O OE1 . GLU A 1 56  ? -6.279  12.487  -10.152 1.00 35.23 ? 48  GLU A OE1 1 
ATOM   421  O OE2 . GLU A 1 56  ? -7.746  11.158  -11.101 1.00 33.23 ? 48  GLU A OE2 1 
ATOM   422  N N   . GLY A 1 57  ? -1.193  9.587   -9.357  1.00 34.68 ? 49  GLY A N   1 
ATOM   423  C CA  . GLY A 1 57  ? 0.251   9.723   -9.264  1.00 36.58 ? 49  GLY A CA  1 
ATOM   424  C C   . GLY A 1 57  ? 1.021   8.602   -9.959  1.00 38.28 ? 49  GLY A C   1 
ATOM   425  O O   . GLY A 1 57  ? 2.228   8.694   -10.142 1.00 37.50 ? 49  GLY A O   1 
ATOM   426  N N   . MET A 1 58  ? 0.323   7.535   -10.327 1.00 36.86 ? 50  MET A N   1 
ATOM   427  C CA  . MET A 1 58  ? 0.919   6.461   -11.105 1.00 37.09 ? 50  MET A CA  1 
ATOM   428  C C   . MET A 1 58  ? 0.537   6.594   -12.575 1.00 43.02 ? 50  MET A C   1 
ATOM   429  O O   . MET A 1 58  ? 0.686   5.645   -13.359 1.00 43.17 ? 50  MET A O   1 
ATOM   430  C CB  . MET A 1 58  ? 0.476   5.097   -10.573 1.00 38.03 ? 50  MET A CB  1 
ATOM   431  C CG  . MET A 1 58  ? 0.980   4.785   -9.175  1.00 36.90 ? 50  MET A CG  1 
ATOM   432  S SD  . MET A 1 58  ? 0.220   3.305   -8.504  1.00 36.85 ? 50  MET A SD  1 
ATOM   433  C CE  . MET A 1 58  ? 0.804   2.054   -9.663  1.00 36.50 ? 50  MET A CE  1 
ATOM   434  N N   . GLY A 1 59  ? 0.018   7.769   -12.935 1.00 41.86 ? 51  GLY A N   1 
ATOM   435  C CA  . GLY A 1 59  ? -0.390  8.048   -14.301 1.00 41.22 ? 51  GLY A CA  1 
ATOM   436  C C   . GLY A 1 59  ? -1.618  7.286   -14.769 1.00 44.37 ? 51  GLY A C   1 
ATOM   437  O O   . GLY A 1 59  ? -1.831  7.137   -15.970 1.00 47.23 ? 51  GLY A O   1 
ATOM   438  N N   . CYS A 1 60  ? -2.423  6.807   -13.824 1.00 39.92 ? 52  CYS A N   1 
ATOM   439  C CA  . CYS A 1 60  ? -3.621  6.031   -14.133 1.00 43.44 ? 52  CYS A CA  1 
ATOM   440  C C   . CYS A 1 60  ? -3.322  4.730   -14.886 1.00 45.13 ? 52  CYS A C   1 
ATOM   441  O O   . CYS A 1 60  ? -4.210  4.147   -15.501 1.00 46.46 ? 52  CYS A O   1 
ATOM   442  C CB  . CYS A 1 60  ? -4.617  6.873   -14.937 1.00 45.02 ? 52  CYS A CB  1 
ATOM   443  S SG  . CYS A 1 60  ? -5.271  8.291   -14.043 1.00 38.75 ? 52  CYS A SG  1 
ATOM   444  N N   . ARG A 1 61  ? -2.080  4.269   -14.825 1.00 45.45 ? 53  ARG A N   1 
ATOM   445  C CA  . ARG A 1 61  ? -1.710  3.031   -15.496 1.00 47.76 ? 53  ARG A CA  1 
ATOM   446  C C   . ARG A 1 61  ? -1.949  1.861   -14.554 1.00 46.85 ? 53  ARG A C   1 
ATOM   447  O O   . ARG A 1 61  ? -1.387  1.816   -13.464 1.00 44.05 ? 53  ARG A O   1 
ATOM   448  C CB  . ARG A 1 61  ? -0.244  3.067   -15.945 1.00 49.04 ? 53  ARG A CB  1 
ATOM   449  C CG  . ARG A 1 61  ? 0.178   4.332   -16.717 1.00 50.81 ? 53  ARG A CG  1 
ATOM   450  C CD  . ARG A 1 61  ? -0.564  4.489   -18.049 1.00 56.04 ? 53  ARG A CD  1 
ATOM   451  N NE  . ARG A 1 61  ? -1.787  5.287   -17.916 1.00 60.12 ? 53  ARG A NE  1 
ATOM   452  C CZ  . ARG A 1 61  ? -2.763  5.342   -18.824 1.00 59.91 ? 53  ARG A CZ  1 
ATOM   453  N NH1 . ARG A 1 61  ? -2.674  4.640   -19.949 1.00 59.67 ? 53  ARG A NH1 1 
ATOM   454  N NH2 . ARG A 1 61  ? -3.841  6.096   -18.602 1.00 54.95 ? 53  ARG A NH2 1 
ATOM   455  N N   . PRO A 1 62  ? -2.803  0.909   -14.954 1.00 45.00 ? 54  PRO A N   1 
ATOM   456  C CA  . PRO A 1 62  ? -2.953  -0.223  -14.039 1.00 42.87 ? 54  PRO A CA  1 
ATOM   457  C C   . PRO A 1 62  ? -1.733  -1.131  -14.129 1.00 45.40 ? 54  PRO A C   1 
ATOM   458  O O   . PRO A 1 62  ? -1.099  -1.217  -15.188 1.00 41.29 ? 54  PRO A O   1 
ATOM   459  C CB  . PRO A 1 62  ? -4.222  -0.920  -14.532 1.00 41.51 ? 54  PRO A CB  1 
ATOM   460  C CG  . PRO A 1 62  ? -4.308  -0.565  -15.964 1.00 45.09 ? 54  PRO A CG  1 
ATOM   461  C CD  . PRO A 1 62  ? -3.711  0.825   -16.105 1.00 44.77 ? 54  PRO A CD  1 
ATOM   462  N N   . LEU A 1 63  ? -1.375  -1.761  -13.012 1.00 42.75 ? 55  LEU A N   1 
ATOM   463  C CA  . LEU A 1 63  ? -0.230  -2.655  -13.014 1.00 46.27 ? 55  LEU A CA  1 
ATOM   464  C C   . LEU A 1 63  ? -0.699  -3.967  -13.594 1.00 44.50 ? 55  LEU A C   1 
ATOM   465  O O   . LEU A 1 63  ? -1.849  -4.347  -13.386 1.00 44.78 ? 55  LEU A O   1 
ATOM   466  C CB  . LEU A 1 63  ? 0.337   -2.854  -11.607 1.00 45.60 ? 55  LEU A CB  1 
ATOM   467  C CG  . LEU A 1 63  ? 1.163   -1.734  -10.965 1.00 44.20 ? 55  LEU A CG  1 
ATOM   468  C CD1 . LEU A 1 63  ? 1.403   -2.073  -9.496  1.00 41.72 ? 55  LEU A CD1 1 
ATOM   469  C CD2 . LEU A 1 63  ? 2.482   -1.504  -11.692 1.00 41.14 ? 55  LEU A CD2 1 
ATOM   470  N N   . PRO A 1 64  ? 0.183   -4.661  -14.325 1.00 45.76 ? 56  PRO A N   1 
ATOM   471  C CA  . PRO A 1 64  ? -0.187  -5.954  -14.907 1.00 46.99 ? 56  PRO A CA  1 
ATOM   472  C C   . PRO A 1 64  ? -0.265  -7.083  -13.866 1.00 45.73 ? 56  PRO A C   1 
ATOM   473  O O   . PRO A 1 64  ? 0.392   -7.027  -12.835 1.00 44.58 ? 56  PRO A O   1 
ATOM   474  C CB  . PRO A 1 64  ? 0.935   -6.207  -15.919 1.00 45.28 ? 56  PRO A CB  1 
ATOM   475  C CG  . PRO A 1 64  ? 2.096   -5.467  -15.374 1.00 46.65 ? 56  PRO A CG  1 
ATOM   476  C CD  . PRO A 1 64  ? 1.551   -4.254  -14.691 1.00 44.60 ? 56  PRO A CD  1 
ATOM   477  N N   . ASN A 1 65  ? -1.105  -8.074  -14.141 1.00 46.12 ? 57  ASN A N   1 
ATOM   478  C CA  . ASN A 1 65  ? -1.163  -9.332  -13.392 1.00 47.13 ? 57  ASN A CA  1 
ATOM   479  C C   . ASN A 1 65  ? -1.782  -9.208  -12.018 1.00 45.69 ? 57  ASN A C   1 
ATOM   480  O O   . ASN A 1 65  ? -1.506  -10.024 -11.128 1.00 45.76 ? 57  ASN A O   1 
ATOM   481  C CB  . ASN A 1 65  ? 0.231   -9.953  -13.251 1.00 46.86 ? 57  ASN A CB  1 
ATOM   482  C CG  . ASN A 1 65  ? 0.924   -10.114 -14.571 1.00 47.63 ? 57  ASN A CG  1 
ATOM   483  O OD1 . ASN A 1 65  ? 0.313   -10.515 -15.558 1.00 46.76 ? 57  ASN A OD1 1 
ATOM   484  N ND2 . ASN A 1 65  ? 2.210   -9.783  -14.606 1.00 48.83 ? 57  ASN A ND2 1 
ATOM   485  N N   . ARG A 1 66  ? -2.616  -8.194  -11.846 1.00 44.79 ? 58  ARG A N   1 
ATOM   486  C CA  . ARG A 1 66  ? -3.462  -8.102  -10.666 1.00 41.31 ? 58  ARG A CA  1 
ATOM   487  C C   . ARG A 1 66  ? -4.630  -7.186  -10.919 1.00 39.86 ? 58  ARG A C   1 
ATOM   488  O O   . ARG A 1 66  ? -4.617  -6.361  -11.840 1.00 37.97 ? 58  ARG A O   1 
ATOM   489  C CB  . ARG A 1 66  ? -2.683  -7.596  -9.466  1.00 41.84 ? 58  ARG A CB  1 
ATOM   490  C CG  . ARG A 1 66  ? -1.761  -6.461  -9.792  1.00 43.95 ? 58  ARG A CG  1 
ATOM   491  C CD  . ARG A 1 66  ? -0.515  -6.593  -8.957  1.00 46.34 ? 58  ARG A CD  1 
ATOM   492  N NE  . ARG A 1 66  ? 0.519   -5.703  -9.437  1.00 46.35 ? 58  ARG A NE  1 
ATOM   493  C CZ  . ARG A 1 66  ? 1.446   -6.057  -10.313 1.00 52.37 ? 58  ARG A CZ  1 
ATOM   494  N NH1 . ARG A 1 66  ? 1.468   -7.288  -10.808 1.00 56.65 ? 58  ARG A NH1 1 
ATOM   495  N NH2 . ARG A 1 66  ? 2.344   -5.171  -10.708 1.00 59.52 ? 58  ARG A NH2 1 
ATOM   496  N N   . THR A 1 67  ? -5.635  -7.316  -10.076 1.00 36.80 ? 59  THR A N   1 
ATOM   497  C CA  . THR A 1 67  ? -6.759  -6.428  -10.161 1.00 36.59 ? 59  THR A CA  1 
ATOM   498  C C   . THR A 1 67  ? -6.507  -5.200  -9.303  1.00 34.72 ? 59  THR A C   1 
ATOM   499  O O   . THR A 1 67  ? -6.090  -5.299  -8.142  1.00 37.09 ? 59  THR A O   1 
ATOM   500  C CB  . THR A 1 67  ? -8.018  -7.138  -9.735  1.00 36.36 ? 59  THR A CB  1 
ATOM   501  O OG1 . THR A 1 67  ? -8.175  -8.285  -10.576 1.00 38.86 ? 59  THR A OG1 1 
ATOM   502  C CG2 . THR A 1 67  ? -9.222  -6.222  -9.876  1.00 35.63 ? 59  THR A CG2 1 
ATOM   503  N N   . THR A 1 68  ? -6.737  -4.039  -9.895  1.00 34.88 ? 60  THR A N   1 
ATOM   504  C CA  . THR A 1 68  ? -6.669  -2.794  -9.163  1.00 33.26 ? 60  THR A CA  1 
ATOM   505  C C   . THR A 1 68  ? -8.067  -2.227  -8.937  1.00 32.76 ? 60  THR A C   1 
ATOM   506  O O   . THR A 1 68  ? -8.865  -2.130  -9.866  1.00 32.45 ? 60  THR A O   1 
ATOM   507  C CB  . THR A 1 68  ? -5.800  -1.778  -9.908  1.00 32.82 ? 60  THR A CB  1 
ATOM   508  O OG1 . THR A 1 68  ? -4.457  -2.256  -9.925  1.00 33.37 ? 60  THR A OG1 1 
ATOM   509  C CG2 . THR A 1 68  ? -5.851  -0.402  -9.247  1.00 30.79 ? 60  THR A CG2 1 
ATOM   510  N N   . ILE A 1 69  ? -8.367  -1.878  -7.691  1.00 31.76 ? 61  ILE A N   1 
ATOM   511  C CA  . ILE A 1 69  ? -9.567  -1.113  -7.395  1.00 30.94 ? 61  ILE A CA  1 
ATOM   512  C C   . ILE A 1 69  ? -9.149  0.316   -7.093  1.00 30.74 ? 61  ILE A C   1 
ATOM   513  O O   . ILE A 1 69  ? -8.174  0.545   -6.377  1.00 29.90 ? 61  ILE A O   1 
ATOM   514  C CB  . ILE A 1 69  ? -10.356 -1.709  -6.221  1.00 29.70 ? 61  ILE A CB  1 
ATOM   515  C CG1 . ILE A 1 69  ? -10.714 -3.171  -6.517  1.00 30.14 ? 61  ILE A CG1 1 
ATOM   516  C CG2 . ILE A 1 69  ? -11.582 -0.885  -5.925  1.00 28.47 ? 61  ILE A CG2 1 
ATOM   517  C CD1 . ILE A 1 69  ? -11.358 -3.897  -5.343  1.00 31.68 ? 61  ILE A CD1 1 
ATOM   518  N N   . VAL A 1 70  ? -9.847  1.275   -7.699  1.00 30.61 ? 62  VAL A N   1 
ATOM   519  C CA  . VAL A 1 70  ? -9.632  2.684   -7.398  1.00 30.43 ? 62  VAL A CA  1 
ATOM   520  C C   . VAL A 1 70  ? -10.822 3.241   -6.615  1.00 30.30 ? 62  VAL A C   1 
ATOM   521  O O   . VAL A 1 70  ? -11.981 3.052   -6.988  1.00 30.08 ? 62  VAL A O   1 
ATOM   522  C CB  . VAL A 1 70  ? -9.412  3.531   -8.669  1.00 30.92 ? 62  VAL A CB  1 
ATOM   523  C CG1 . VAL A 1 70  ? -9.288  5.003   -8.296  1.00 28.70 ? 62  VAL A CG1 1 
ATOM   524  C CG2 . VAL A 1 70  ? -8.180  3.045   -9.426  1.00 28.66 ? 62  VAL A CG2 1 
ATOM   525  N N   . LEU A 1 71  ? -10.520 3.925   -5.522  1.00 30.28 ? 63  LEU A N   1 
ATOM   526  C CA  . LEU A 1 71  ? -11.534 4.418   -4.611  1.00 30.92 ? 63  LEU A CA  1 
ATOM   527  C C   . LEU A 1 71  ? -11.728 5.903   -4.862  1.00 30.65 ? 63  LEU A C   1 
ATOM   528  O O   . LEU A 1 71  ? -10.758 6.652   -4.928  1.00 30.17 ? 63  LEU A O   1 
ATOM   529  C CB  . LEU A 1 71  ? -11.107 4.136   -3.179  1.00 30.97 ? 63  LEU A CB  1 
ATOM   530  C CG  . LEU A 1 71  ? -12.091 4.317   -2.040  1.00 32.37 ? 63  LEU A CG  1 
ATOM   531  C CD1 . LEU A 1 71  ? -13.352 3.487   -2.249  1.00 33.10 ? 63  LEU A CD1 1 
ATOM   532  C CD2 . LEU A 1 71  ? -11.386 3.897   -0.764  1.00 29.78 ? 63  LEU A CD2 1 
ATOM   533  N N   . THR A 1 72  ? -12.984 6.299   -5.066  1.00 31.37 ? 64  THR A N   1 
ATOM   534  C CA  . THR A 1 72  ? -13.359 7.695   -5.291  1.00 31.42 ? 64  THR A CA  1 
ATOM   535  C C   . THR A 1 72  ? -14.844 7.884   -5.031  1.00 31.68 ? 64  THR A C   1 
ATOM   536  O O   . THR A 1 72  ? -15.622 6.963   -5.211  1.00 31.91 ? 64  THR A O   1 
ATOM   537  C CB  . THR A 1 72  ? -13.037 8.184   -6.725  1.00 32.12 ? 64  THR A CB  1 
ATOM   538  O OG1 . THR A 1 72  ? -13.705 9.431   -6.962  1.00 32.19 ? 64  THR A OG1 1 
ATOM   539  C CG2 . THR A 1 72  ? -13.475 7.179   -7.767  1.00 32.18 ? 64  THR A CG2 1 
ATOM   540  N N   . SER A 1 73  ? -15.226 9.081   -4.591  1.00 31.88 ? 65  SER A N   1 
ATOM   541  C CA  . SER A 1 73  ? -16.639 9.410   -4.349  1.00 31.56 ? 65  SER A CA  1 
ATOM   542  C C   . SER A 1 73  ? -17.357 9.799   -5.655  1.00 33.01 ? 65  SER A C   1 
ATOM   543  O O   . SER A 1 73  ? -18.586 9.736   -5.743  1.00 33.42 ? 65  SER A O   1 
ATOM   544  C CB  . SER A 1 73  ? -16.761 10.549  -3.337  1.00 33.75 ? 65  SER A CB  1 
ATOM   545  O OG  . SER A 1 73  ? -16.313 11.763  -3.927  1.00 34.41 ? 65  SER A OG  1 
ATOM   546  N N   . ASN A 1 74  ? -16.569 10.193  -6.654  1.00 31.39 ? 66  ASN A N   1 
ATOM   547  C CA  . ASN A 1 74  ? -17.075 10.573  -7.964  1.00 31.96 ? 66  ASN A CA  1 
ATOM   548  C C   . ASN A 1 74  ? -17.664 9.396   -8.741  1.00 33.37 ? 66  ASN A C   1 
ATOM   549  O O   . ASN A 1 74  ? -16.925 8.512   -9.209  1.00 33.06 ? 66  ASN A O   1 
ATOM   550  C CB  . ASN A 1 74  ? -15.954 11.225  -8.775  1.00 32.13 ? 66  ASN A CB  1 
ATOM   551  C CG  . ASN A 1 74  ? -16.403 11.666  -10.164 1.00 33.74 ? 66  ASN A CG  1 
ATOM   552  O OD1 . ASN A 1 74  ? -17.591 11.678  -10.477 1.00 33.29 ? 66  ASN A OD1 1 
ATOM   553  N ND2 . ASN A 1 74  ? -15.436 12.033  -11.007 1.00 35.04 ? 66  ASN A ND2 1 
ATOM   554  N N   . PRO A 1 75  ? -19.000 9.410   -8.932  1.00 33.33 ? 67  PRO A N   1 
ATOM   555  C CA  . PRO A 1 75  ? -19.736 8.301   -9.554  1.00 31.74 ? 67  PRO A CA  1 
ATOM   556  C C   . PRO A 1 75  ? -19.363 8.119   -11.020 1.00 31.89 ? 67  PRO A C   1 
ATOM   557  O O   . PRO A 1 75  ? -19.525 7.031   -11.568 1.00 30.74 ? 67  PRO A O   1 
ATOM   558  C CB  . PRO A 1 75  ? -21.202 8.731   -9.417  1.00 32.15 ? 67  PRO A CB  1 
ATOM   559  C CG  . PRO A 1 75  ? -21.153 10.231  -9.439  1.00 32.99 ? 67  PRO A CG  1 
ATOM   560  C CD  . PRO A 1 75  ? -19.849 10.608  -8.756  1.00 33.51 ? 67  PRO A CD  1 
ATOM   561  N N   . ASP A 1 76  ? -18.856 9.178   -11.642 1.00 32.72 ? 68  ASP A N   1 
ATOM   562  C CA  . ASP A 1 76  ? -18.545 9.144   -13.067 1.00 33.08 ? 68  ASP A CA  1 
ATOM   563  C C   . ASP A 1 76  ? -17.068 9.003   -13.351 1.00 35.81 ? 68  ASP A C   1 
ATOM   564  O O   . ASP A 1 76  ? -16.651 9.068   -14.503 1.00 36.59 ? 68  ASP A O   1 
ATOM   565  C CB  . ASP A 1 76  ? -19.057 10.400  -13.745 1.00 32.46 ? 68  ASP A CB  1 
ATOM   566  C CG  . ASP A 1 76  ? -20.526 10.578  -13.561 1.00 30.52 ? 68  ASP A CG  1 
ATOM   567  O OD1 . ASP A 1 76  ? -21.262 9.568   -13.589 1.00 29.62 ? 68  ASP A OD1 1 
ATOM   568  O OD2 . ASP A 1 76  ? -20.935 11.731  -13.365 1.00 32.93 ? 68  ASP A OD2 1 
ATOM   569  N N   . TYR A 1 77  ? -16.272 8.810   -12.307 1.00 34.65 ? 69  TYR A N   1 
ATOM   570  C CA  . TYR A 1 77  ? -14.860 8.621   -12.507 1.00 34.20 ? 69  TYR A CA  1 
ATOM   571  C C   . TYR A 1 77  ? -14.675 7.337   -13.279 1.00 38.15 ? 69  TYR A C   1 
ATOM   572  O O   . TYR A 1 77  ? -15.218 6.301   -12.896 1.00 37.94 ? 69  TYR A O   1 
ATOM   573  C CB  . TYR A 1 77  ? -14.113 8.562   -11.175 1.00 34.38 ? 69  TYR A CB  1 
ATOM   574  C CG  . TYR A 1 77  ? -12.619 8.594   -11.362 1.00 35.07 ? 69  TYR A CG  1 
ATOM   575  C CD1 . TYR A 1 77  ? -11.959 9.802   -11.539 1.00 33.72 ? 69  TYR A CD1 1 
ATOM   576  C CD2 . TYR A 1 77  ? -11.868 7.420   -11.385 1.00 34.28 ? 69  TYR A CD2 1 
ATOM   577  C CE1 . TYR A 1 77  ? -10.598 9.847   -11.725 1.00 35.03 ? 69  TYR A CE1 1 
ATOM   578  C CE2 . TYR A 1 77  ? -10.496 7.455   -11.565 1.00 33.13 ? 69  TYR A CE2 1 
ATOM   579  C CZ  . TYR A 1 77  ? -9.867  8.672   -11.734 1.00 34.17 ? 69  TYR A CZ  1 
ATOM   580  O OH  . TYR A 1 77  ? -8.509  8.740   -11.922 1.00 34.08 ? 69  TYR A OH  1 
ATOM   581  N N   . GLN A 1 78  ? -13.931 7.385   -14.374 1.00 40.37 ? 70  GLN A N   1 
ATOM   582  C CA  . GLN A 1 78  ? -13.574 6.141   -15.058 1.00 41.82 ? 70  GLN A CA  1 
ATOM   583  C C   . GLN A 1 78  ? -12.159 6.218   -15.562 1.00 40.52 ? 70  GLN A C   1 
ATOM   584  O O   . GLN A 1 78  ? -11.638 7.300   -15.822 1.00 39.70 ? 70  GLN A O   1 
ATOM   585  C CB  . GLN A 1 78  ? -14.538 5.826   -16.212 1.00 43.08 ? 70  GLN A CB  1 
ATOM   586  C CG  . GLN A 1 78  ? -15.784 5.035   -15.800 1.00 38.71 ? 70  GLN A CG  1 
ATOM   587  C CD  . GLN A 1 78  ? -15.444 3.804   -14.964 1.00 42.59 ? 70  GLN A CD  1 
ATOM   588  O OE1 . GLN A 1 78  ? -14.380 3.186   -15.135 1.00 48.53 ? 70  GLN A OE1 1 
ATOM   589  N NE2 . GLN A 1 78  ? -16.346 3.444   -14.042 1.00 39.27 ? 70  GLN A NE2 1 
ATOM   590  N N   . ALA A 1 79  ? -11.525 5.064   -15.679 1.00 42.10 ? 71  ALA A N   1 
ATOM   591  C CA  . ALA A 1 79  ? -10.137 5.053   -16.084 1.00 48.09 ? 71  ALA A CA  1 
ATOM   592  C C   . ALA A 1 79  ? -9.754  3.734   -16.711 1.00 48.76 ? 71  ALA A C   1 
ATOM   593  O O   . ALA A 1 79  ? -10.570 2.809   -16.803 1.00 46.52 ? 71  ALA A O   1 
ATOM   594  C CB  . ALA A 1 79  ? -9.227  5.357   -14.897 1.00 45.07 ? 71  ALA A CB  1 
ATOM   595  N N   . GLU A 1 80  ? -8.491  3.674   -17.124 1.00 56.22 ? 72  GLU A N   1 
ATOM   596  C CA  . GLU A 1 80  ? -7.937  2.539   -17.856 1.00 58.00 ? 72  GLU A CA  1 
ATOM   597  C C   . GLU A 1 80  ? -7.921  1.248   -17.041 1.00 48.43 ? 72  GLU A C   1 
ATOM   598  O O   . GLU A 1 80  ? -7.039  1.059   -16.209 1.00 49.54 ? 72  GLU A O   1 
ATOM   599  C CB  . GLU A 1 80  ? -6.506  2.864   -18.326 1.00 54.27 ? 72  GLU A CB  1 
ATOM   600  C CG  . GLU A 1 80  ? -5.921  1.857   -19.314 1.00 55.73 ? 72  GLU A CG  1 
ATOM   601  C CD  . GLU A 1 80  ? -6.777  1.702   -20.575 1.00 64.29 ? 72  GLU A CD  1 
ATOM   602  O OE1 . GLU A 1 80  ? -6.696  2.576   -21.477 1.00 59.50 ? 72  GLU A OE1 1 
ATOM   603  O OE2 . GLU A 1 80  ? -7.540  0.707   -20.662 1.00 52.68 ? 72  GLU A OE2 1 
ATOM   604  N N   . GLY A 1 81  ? -8.900  0.376   -17.281 1.00 45.16 ? 73  GLY A N   1 
ATOM   605  C CA  . GLY A 1 81  ? -8.824  -1.014  -16.859 1.00 40.52 ? 73  GLY A CA  1 
ATOM   606  C C   . GLY A 1 81  ? -8.662  -1.295  -15.372 1.00 38.82 ? 73  GLY A C   1 
ATOM   607  O O   . GLY A 1 81  ? -7.828  -2.103  -14.967 1.00 37.62 ? 73  GLY A O   1 
ATOM   608  N N   . VAL A 1 82  ? -9.465  -0.635  -14.552 1.00 36.63 ? 74  VAL A N   1 
ATOM   609  C CA  . VAL A 1 82  ? -9.448  -0.869  -13.125 1.00 34.33 ? 74  VAL A CA  1 
ATOM   610  C C   . VAL A 1 82  ? -10.887 -0.949  -12.688 1.00 33.86 ? 74  VAL A C   1 
ATOM   611  O O   . VAL A 1 82  ? -11.760 -0.414  -13.357 1.00 35.22 ? 74  VAL A O   1 
ATOM   612  C CB  . VAL A 1 82  ? -8.719  0.268   -12.338 1.00 34.28 ? 74  VAL A CB  1 
ATOM   613  C CG1 . VAL A 1 82  ? -7.257  0.374   -12.742 1.00 34.86 ? 74  VAL A CG1 1 
ATOM   614  C CG2 . VAL A 1 82  ? -9.423  1.600   -12.535 1.00 33.76 ? 74  VAL A CG2 1 
ATOM   615  N N   . LEU A 1 83  ? -11.149 -1.623  -11.582 1.00 32.89 ? 75  LEU A N   1 
ATOM   616  C CA  . LEU A 1 83  ? -12.431 -1.487  -10.932 1.00 32.79 ? 75  LEU A CA  1 
ATOM   617  C C   . LEU A 1 83  ? -12.485 -0.092  -10.308 1.00 33.13 ? 75  LEU A C   1 
ATOM   618  O O   . LEU A 1 83  ? -11.462 0.417   -9.860  1.00 32.45 ? 75  LEU A O   1 
ATOM   619  C CB  . LEU A 1 83  ? -12.620 -2.578  -9.874  1.00 31.03 ? 75  LEU A CB  1 
ATOM   620  C CG  . LEU A 1 83  ? -12.533 -4.011  -10.404 1.00 32.77 ? 75  LEU A CG  1 
ATOM   621  C CD1 . LEU A 1 83  ? -12.893 -5.032  -9.343  1.00 32.60 ? 75  LEU A CD1 1 
ATOM   622  C CD2 . LEU A 1 83  ? -13.455 -4.164  -11.606 1.00 34.34 ? 75  LEU A CD2 1 
ATOM   623  N N   . VAL A 1 84  ? -13.655 0.540   -10.310 1.00 32.38 ? 76  VAL A N   1 
ATOM   624  C CA  . VAL A 1 84  ? -13.836 1.776   -9.563  1.00 31.20 ? 76  VAL A CA  1 
ATOM   625  C C   . VAL A 1 84  ? -14.898 1.529   -8.509  1.00 30.79 ? 76  VAL A C   1 
ATOM   626  O O   . VAL A 1 84  ? -15.965 1.009   -8.829  1.00 33.38 ? 76  VAL A O   1 
ATOM   627  C CB  . VAL A 1 84  ? -14.236 2.966   -10.471 1.00 33.63 ? 76  VAL A CB  1 
ATOM   628  C CG1 . VAL A 1 84  ? -14.424 4.216   -9.646  1.00 32.96 ? 76  VAL A CG1 1 
ATOM   629  C CG2 . VAL A 1 84  ? -13.178 3.222   -11.535 1.00 32.25 ? 76  VAL A CG2 1 
ATOM   630  N N   . MET A 1 85  ? -14.586 1.826   -7.244  1.00 29.85 ? 77  MET A N   1 
ATOM   631  C CA  . MET A 1 85  ? -15.557 1.708   -6.149  1.00 30.64 ? 77  MET A CA  1 
ATOM   632  C C   . MET A 1 85  ? -15.616 3.006   -5.325  1.00 31.56 ? 77  MET A C   1 
ATOM   633  O O   . MET A 1 85  ? -14.707 3.851   -5.403  1.00 31.45 ? 77  MET A O   1 
ATOM   634  C CB  . MET A 1 85  ? -15.232 0.520   -5.250  1.00 31.55 ? 77  MET A CB  1 
ATOM   635  C CG  . MET A 1 85  ? -15.269 -0.818  -5.974  1.00 31.65 ? 77  MET A CG  1 
ATOM   636  S SD  . MET A 1 85  ? -15.062 -2.236  -4.873  1.00 33.28 ? 77  MET A SD  1 
ATOM   637  C CE  . MET A 1 85  ? -14.825 -3.556  -6.066  1.00 34.47 ? 77  MET A CE  1 
ATOM   638  N N   . HIS A 1 86  ? -16.682 3.155   -4.540  1.00 31.62 ? 78  HIS A N   1 
ATOM   639  C CA  . HIS A 1 86  ? -17.077 4.467   -4.038  1.00 32.79 ? 78  HIS A CA  1 
ATOM   640  C C   . HIS A 1 86  ? -17.284 4.555   -2.517  1.00 33.47 ? 78  HIS A C   1 
ATOM   641  O O   . HIS A 1 86  ? -17.792 5.561   -2.014  1.00 33.02 ? 78  HIS A O   1 
ATOM   642  C CB  . HIS A 1 86  ? -18.369 4.926   -4.739  1.00 33.45 ? 78  HIS A CB  1 
ATOM   643  C CG  . HIS A 1 86  ? -18.298 4.887   -6.242  1.00 32.03 ? 78  HIS A CG  1 
ATOM   644  N ND1 . HIS A 1 86  ? -17.640 5.845   -6.985  1.00 32.56 ? 78  HIS A ND1 1 
ATOM   645  C CD2 . HIS A 1 86  ? -18.818 4.015   -7.135  1.00 29.43 ? 78  HIS A CD2 1 
ATOM   646  C CE1 . HIS A 1 86  ? -17.756 5.560   -8.269  1.00 32.00 ? 78  HIS A CE1 1 
ATOM   647  N NE2 . HIS A 1 86  ? -18.463 4.452   -8.384  1.00 31.33 ? 78  HIS A NE2 1 
ATOM   648  N N   . SER A 1 87  ? -16.883 3.527   -1.785  1.00 33.58 ? 79  SER A N   1 
ATOM   649  C CA  . SER A 1 87  ? -16.981 3.583   -0.339  1.00 33.55 ? 79  SER A CA  1 
ATOM   650  C C   . SER A 1 87  ? -16.150 2.483   0.286   1.00 35.90 ? 79  SER A C   1 
ATOM   651  O O   . SER A 1 87  ? -15.854 1.464   -0.363  1.00 36.10 ? 79  SER A O   1 
ATOM   652  C CB  . SER A 1 87  ? -18.439 3.464   0.120   1.00 32.11 ? 79  SER A CB  1 
ATOM   653  O OG  . SER A 1 87  ? -18.964 2.180   -0.166  1.00 36.00 ? 79  SER A OG  1 
ATOM   654  N N   . VAL A 1 88  ? -15.791 2.698   1.553   1.00 35.89 ? 80  VAL A N   1 
ATOM   655  C CA  . VAL A 1 88  ? -14.999 1.742   2.302   1.00 35.31 ? 80  VAL A CA  1 
ATOM   656  C C   . VAL A 1 88  ? -15.764 0.448   2.388   1.00 36.66 ? 80  VAL A C   1 
ATOM   657  O O   . VAL A 1 88  ? -15.204 -0.641  2.218   1.00 38.32 ? 80  VAL A O   1 
ATOM   658  C CB  . VAL A 1 88  ? -14.667 2.268   3.716   1.00 34.37 ? 80  VAL A CB  1 
ATOM   659  C CG1 . VAL A 1 88  ? -14.241 1.138   4.627   1.00 32.03 ? 80  VAL A CG1 1 
ATOM   660  C CG2 . VAL A 1 88  ? -13.592 3.323   3.620   1.00 31.66 ? 80  VAL A CG2 1 
ATOM   661  N N   . GLU A 1 89  ? -17.062 0.579   2.620   1.00 39.53 ? 81  GLU A N   1 
ATOM   662  C CA  . GLU A 1 89  ? -17.940 -0.580  2.713   1.00 41.99 ? 81  GLU A CA  1 
ATOM   663  C C   . GLU A 1 89  ? -17.888 -1.406  1.435   1.00 39.44 ? 81  GLU A C   1 
ATOM   664  O O   . GLU A 1 89  ? -17.920 -2.628  1.487   1.00 40.42 ? 81  GLU A O   1 
ATOM   665  C CB  . GLU A 1 89  ? -19.373 -0.143  3.020   1.00 45.04 ? 81  GLU A CB  1 
ATOM   666  C CG  . GLU A 1 89  ? -20.259 -1.290  3.502   1.00 53.54 ? 81  GLU A CG  1 
ATOM   667  C CD  . GLU A 1 89  ? -19.527 -2.269  4.433   1.00 69.79 ? 81  GLU A CD  1 
ATOM   668  O OE1 . GLU A 1 89  ? -19.077 -1.850  5.529   1.00 71.64 ? 81  GLU A OE1 1 
ATOM   669  O OE2 . GLU A 1 89  ? -19.398 -3.462  4.065   1.00 56.79 ? 81  GLU A OE2 1 
ATOM   670  N N   . GLU A 1 90  ? -17.769 -0.740  0.289   1.00 39.05 ? 82  GLU A N   1 
ATOM   671  C CA  . GLU A 1 90  ? -17.635 -1.449  -0.988  1.00 36.99 ? 82  GLU A CA  1 
ATOM   672  C C   . GLU A 1 90  ? -16.338 -2.238  -1.063  1.00 38.41 ? 82  GLU A C   1 
ATOM   673  O O   . GLU A 1 90  ? -16.299 -3.331  -1.625  1.00 37.85 ? 82  GLU A O   1 
ATOM   674  C CB  . GLU A 1 90  ? -17.676 -0.478  -2.165  1.00 35.84 ? 82  GLU A CB  1 
ATOM   675  C CG  . GLU A 1 90  ? -18.993 -0.348  -2.867  1.00 34.64 ? 82  GLU A CG  1 
ATOM   676  C CD  . GLU A 1 90  ? -18.838 0.392   -4.171  1.00 37.01 ? 82  GLU A CD  1 
ATOM   677  O OE1 . GLU A 1 90  ? -18.786 1.641   -4.141  1.00 34.76 ? 82  GLU A OE1 1 
ATOM   678  O OE2 . GLU A 1 90  ? -18.742 -0.274  -5.231  1.00 37.12 ? 82  GLU A OE2 1 
ATOM   679  N N   . ILE A 1 91  ? -15.260 -1.659  -0.541  1.00 37.67 ? 83  ILE A N   1 
ATOM   680  C CA  . ILE A 1 91  ? -13.991 -2.362  -0.543  1.00 37.70 ? 83  ILE A CA  1 
ATOM   681  C C   . ILE A 1 91  ? -14.124 -3.642  0.277   1.00 37.63 ? 83  ILE A C   1 
ATOM   682  O O   . ILE A 1 91  ? -13.682 -4.707  -0.144  1.00 37.99 ? 83  ILE A O   1 
ATOM   683  C CB  . ILE A 1 91  ? -12.854 -1.507  0.019   1.00 32.39 ? 83  ILE A CB  1 
ATOM   684  C CG1 . ILE A 1 91  ? -12.628 -0.284  -0.867  1.00 34.55 ? 83  ILE A CG1 1 
ATOM   685  C CG2 . ILE A 1 91  ? -11.588 -2.332  0.161   1.00 31.96 ? 83  ILE A CG2 1 
ATOM   686  C CD1 . ILE A 1 91  ? -12.471 -0.591  -2.371  1.00 33.10 ? 83  ILE A CD1 1 
ATOM   687  N N   . LEU A 1 92  ? -14.752 -3.533  1.441   1.00 36.87 ? 84  LEU A N   1 
ATOM   688  C CA  . LEU A 1 92  ? -14.786 -4.653  2.371   1.00 37.48 ? 84  LEU A CA  1 
ATOM   689  C C   . LEU A 1 92  ? -15.640 -5.785  1.816   1.00 40.49 ? 84  LEU A C   1 
ATOM   690  O O   . LEU A 1 92  ? -15.253 -6.964  1.894   1.00 41.70 ? 84  LEU A O   1 
ATOM   691  C CB  . LEU A 1 92  ? -15.298 -4.195  3.738   1.00 40.85 ? 84  LEU A CB  1 
ATOM   692  C CG  . LEU A 1 92  ? -14.386 -3.164  4.433   1.00 40.27 ? 84  LEU A CG  1 
ATOM   693  C CD1 . LEU A 1 92  ? -14.882 -2.805  5.821   1.00 37.95 ? 84  LEU A CD1 1 
ATOM   694  C CD2 . LEU A 1 92  ? -12.939 -3.671  4.477   1.00 35.93 ? 84  LEU A CD2 1 
ATOM   695  N N   . ALA A 1 93  ? -16.783 -5.429  1.227   1.00 40.51 ? 85  ALA A N   1 
ATOM   696  C CA  . ALA A 1 93  ? -17.644 -6.427  0.601   1.00 39.06 ? 85  ALA A CA  1 
ATOM   697  C C   . ALA A 1 93  ? -16.871 -7.188  -0.461  1.00 41.38 ? 85  ALA A C   1 
ATOM   698  O O   . ALA A 1 93  ? -16.904 -8.412  -0.496  1.00 43.72 ? 85  ALA A O   1 
ATOM   699  C CB  . ALA A 1 93  ? -18.870 -5.781  0.003   1.00 41.42 ? 85  ALA A CB  1 
ATOM   700  N N   . TYR A 1 94  ? -16.153 -6.463  -1.311  1.00 38.64 ? 86  TYR A N   1 
ATOM   701  C CA  . TYR A 1 94  ? -15.321 -7.117  -2.303  1.00 41.16 ? 86  TYR A CA  1 
ATOM   702  C C   . TYR A 1 94  ? -14.286 -8.024  -1.658  1.00 44.01 ? 86  TYR A C   1 
ATOM   703  O O   . TYR A 1 94  ? -14.064 -9.143  -2.123  1.00 45.84 ? 86  TYR A O   1 
ATOM   704  C CB  . TYR A 1 94  ? -14.604 -6.095  -3.184  1.00 39.69 ? 86  TYR A CB  1 
ATOM   705  C CG  . TYR A 1 94  ? -13.596 -6.717  -4.139  1.00 40.82 ? 86  TYR A CG  1 
ATOM   706  C CD1 . TYR A 1 94  ? -13.975 -7.112  -5.408  1.00 41.76 ? 86  TYR A CD1 1 
ATOM   707  C CD2 . TYR A 1 94  ? -12.263 -6.910  -3.763  1.00 39.56 ? 86  TYR A CD2 1 
ATOM   708  C CE1 . TYR A 1 94  ? -13.062 -7.663  -6.290  1.00 40.23 ? 86  TYR A CE1 1 
ATOM   709  C CE2 . TYR A 1 94  ? -11.352 -7.468  -4.627  1.00 39.01 ? 86  TYR A CE2 1 
ATOM   710  C CZ  . TYR A 1 94  ? -11.754 -7.838  -5.895  1.00 40.44 ? 86  TYR A CZ  1 
ATOM   711  O OH  . TYR A 1 94  ? -10.853 -8.384  -6.782  1.00 39.71 ? 86  TYR A OH  1 
ATOM   712  N N   . ALA A 1 95  ? -13.630 -7.519  -0.614  1.00 42.14 ? 87  ALA A N   1 
ATOM   713  C CA  . ALA A 1 95  ? -12.512 -8.235  -0.010  1.00 44.91 ? 87  ALA A CA  1 
ATOM   714  C C   . ALA A 1 95  ? -12.984 -9.585  0.518   1.00 47.16 ? 87  ALA A C   1 
ATOM   715  O O   . ALA A 1 95  ? -12.322 -10.606 0.345   1.00 47.92 ? 87  ALA A O   1 
ATOM   716  C CB  . ALA A 1 95  ? -11.875 -7.408  1.101   1.00 37.77 ? 87  ALA A CB  1 
ATOM   717  N N   . ASP A 1 96  ? -14.150 -9.573  1.142   1.00 47.55 ? 88  ASP A N   1 
ATOM   718  C CA  . ASP A 1 96  ? -14.716 -10.771 1.736   1.00 52.61 ? 88  ASP A CA  1 
ATOM   719  C C   . ASP A 1 96  ? -14.853 -11.951 0.758   1.00 53.67 ? 88  ASP A C   1 
ATOM   720  O O   . ASP A 1 96  ? -14.494 -13.082 1.089   1.00 54.31 ? 88  ASP A O   1 
ATOM   721  C CB  . ASP A 1 96  ? -16.074 -10.441 2.339   1.00 51.93 ? 88  ASP A CB  1 
ATOM   722  C CG  . ASP A 1 96  ? -16.826 -11.673 2.759   1.00 59.21 ? 88  ASP A CG  1 
ATOM   723  O OD1 . ASP A 1 96  ? -16.619 -12.119 3.908   1.00 64.02 ? 88  ASP A OD1 1 
ATOM   724  O OD2 . ASP A 1 96  ? -17.611 -12.201 1.937   1.00 59.99 ? 88  ASP A OD2 1 
ATOM   725  N N   . LYS A 1 97  ? -15.363 -11.683 -0.438  1.00 50.49 ? 89  LYS A N   1 
ATOM   726  C CA  . LYS A 1 97  ? -15.609 -12.734 -1.411  1.00 52.63 ? 89  LYS A CA  1 
ATOM   727  C C   . LYS A 1 97  ? -14.363 -13.056 -2.256  1.00 55.70 ? 89  LYS A C   1 
ATOM   728  O O   . LYS A 1 97  ? -14.282 -14.116 -2.880  1.00 60.10 ? 89  LYS A O   1 
ATOM   729  C CB  . LYS A 1 97  ? -16.789 -12.342 -2.318  1.00 57.07 ? 89  LYS A CB  1 
ATOM   730  C CG  . LYS A 1 97  ? -17.224 -13.437 -3.304  1.00 63.51 ? 89  LYS A CG  1 
ATOM   731  C CD  . LYS A 1 97  ? -18.247 -12.942 -4.338  1.00 71.83 ? 89  LYS A CD  1 
ATOM   732  C CE  . LYS A 1 97  ? -18.674 -14.066 -5.304  1.00 71.52 ? 89  LYS A CE  1 
ATOM   733  N NZ  . LYS A 1 97  ? -19.374 -15.205 -4.623  1.00 68.95 ? 89  LYS A NZ  1 
ATOM   734  N N   . TYR A 1 98  ? -13.379 -12.163 -2.269  1.00 53.09 ? 90  TYR A N   1 
ATOM   735  C CA  . TYR A 1 98  ? -12.247 -12.330 -3.184  1.00 51.45 ? 90  TYR A CA  1 
ATOM   736  C C   . TYR A 1 98  ? -11.372 -13.556 -2.892  1.00 54.43 ? 90  TYR A C   1 
ATOM   737  O O   . TYR A 1 98  ? -11.051 -13.849 -1.732  1.00 54.87 ? 90  TYR A O   1 
ATOM   738  C CB  . TYR A 1 98  ? -11.373 -11.080 -3.175  1.00 47.03 ? 90  TYR A CB  1 
ATOM   739  C CG  . TYR A 1 98  ? -10.188 -11.188 -4.099  1.00 46.12 ? 90  TYR A CG  1 
ATOM   740  C CD1 . TYR A 1 98  ? -10.368 -11.399 -5.455  1.00 46.04 ? 90  TYR A CD1 1 
ATOM   741  C CD2 . TYR A 1 98  ? -8.893  -11.071 -3.624  1.00 42.56 ? 90  TYR A CD2 1 
ATOM   742  C CE1 . TYR A 1 98  ? -9.283  -11.493 -6.317  1.00 45.64 ? 90  TYR A CE1 1 
ATOM   743  C CE2 . TYR A 1 98  ? -7.803  -11.167 -4.479  1.00 43.09 ? 90  TYR A CE2 1 
ATOM   744  C CZ  . TYR A 1 98  ? -8.008  -11.376 -5.823  1.00 42.25 ? 90  TYR A CZ  1 
ATOM   745  O OH  . TYR A 1 98  ? -6.946  -11.455 -6.685  1.00 39.79 ? 90  TYR A OH  1 
ATOM   746  N N   . GLU A 1 99  ? -10.974 -14.244 -3.963  1.00 55.13 ? 91  GLU A N   1 
ATOM   747  C CA  . GLU A 1 99  ? -10.160 -15.466 -3.897  1.00 58.13 ? 91  GLU A CA  1 
ATOM   748  C C   . GLU A 1 99  ? -8.676  -15.215 -3.681  1.00 55.43 ? 91  GLU A C   1 
ATOM   749  O O   . GLU A 1 99  ? -7.839  -15.823 -4.345  1.00 61.83 ? 91  GLU A O   1 
ATOM   750  C CB  . GLU A 1 99  ? -10.313 -16.278 -5.187  1.00 60.00 ? 91  GLU A CB  1 
ATOM   751  C CG  . GLU A 1 99  ? -11.692 -16.849 -5.429  1.00 62.87 ? 91  GLU A CG  1 
ATOM   752  C CD  . GLU A 1 99  ? -11.989 -18.031 -4.542  1.00 65.08 ? 91  GLU A CD  1 
ATOM   753  O OE1 . GLU A 1 99  ? -11.100 -18.411 -3.749  1.00 64.77 ? 91  GLU A OE1 1 
ATOM   754  O OE2 . GLU A 1 99  ? -13.111 -18.579 -4.644  1.00 67.05 ? 91  GLU A OE2 1 
ATOM   755  N N   . GLY A 1 100 ? -8.343  -14.327 -2.759  1.00 54.66 ? 92  GLY A N   1 
ATOM   756  C CA  . GLY A 1 100 ? -6.952  -13.987 -2.538  1.00 51.87 ? 92  GLY A CA  1 
ATOM   757  C C   . GLY A 1 100 ? -6.830  -12.898 -1.507  1.00 47.65 ? 92  GLY A C   1 
ATOM   758  O O   . GLY A 1 100 ? -7.652  -12.798 -0.594  1.00 47.95 ? 92  GLY A O   1 
ATOM   759  N N   . VAL A 1 101 ? -5.801  -12.075 -1.645  1.00 45.61 ? 93  VAL A N   1 
ATOM   760  C CA  . VAL A 1 101 ? -5.609  -11.000 -0.693  1.00 41.60 ? 93  VAL A CA  1 
ATOM   761  C C   . VAL A 1 101 ? -6.012  -9.688  -1.321  1.00 40.76 ? 93  VAL A C   1 
ATOM   762  O O   . VAL A 1 101 ? -5.705  -9.416  -2.487  1.00 38.28 ? 93  VAL A O   1 
ATOM   763  C CB  . VAL A 1 101 ? -4.157  -10.892 -0.220  1.00 43.52 ? 93  VAL A CB  1 
ATOM   764  C CG1 . VAL A 1 101 ? -4.097  -10.091 1.082   1.00 41.17 ? 93  VAL A CG1 1 
ATOM   765  C CG2 . VAL A 1 101 ? -3.537  -12.278 -0.059  1.00 42.78 ? 93  VAL A CG2 1 
ATOM   766  N N   . THR A 1 102 ? -6.719  -8.881  -0.541  1.00 41.44 ? 94  THR A N   1 
ATOM   767  C CA  . THR A 1 102 ? -6.958  -7.500  -0.917  1.00 38.66 ? 94  THR A CA  1 
ATOM   768  C C   . THR A 1 102 ? -5.919  -6.624  -0.228  1.00 35.26 ? 94  THR A C   1 
ATOM   769  O O   . THR A 1 102 ? -5.897  -6.498  0.998   1.00 34.29 ? 94  THR A O   1 
ATOM   770  C CB  . THR A 1 102 ? -8.367  -7.057  -0.550  1.00 37.87 ? 94  THR A CB  1 
ATOM   771  O OG1 . THR A 1 102 ? -9.301  -7.995  -1.096  1.00 37.90 ? 94  THR A OG1 1 
ATOM   772  C CG2 . THR A 1 102 ? -8.633  -5.671  -1.111  1.00 33.57 ? 94  THR A CG2 1 
ATOM   773  N N   . VAL A 1 103 ? -5.052  -6.043  -1.042  1.00 32.23 ? 95  VAL A N   1 
ATOM   774  C CA  . VAL A 1 103 ? -3.913  -5.292  -0.564  1.00 31.35 ? 95  VAL A CA  1 
ATOM   775  C C   . VAL A 1 103 ? -4.147  -3.779  -0.732  1.00 29.89 ? 95  VAL A C   1 
ATOM   776  O O   . VAL A 1 103 ? -4.344  -3.299  -1.849  1.00 29.47 ? 95  VAL A O   1 
ATOM   777  C CB  . VAL A 1 103 ? -2.633  -5.725  -1.329  1.00 30.82 ? 95  VAL A CB  1 
ATOM   778  C CG1 . VAL A 1 103 ? -1.423  -4.968  -0.848  1.00 28.99 ? 95  VAL A CG1 1 
ATOM   779  C CG2 . VAL A 1 103 ? -2.413  -7.232  -1.193  1.00 33.41 ? 95  VAL A CG2 1 
ATOM   780  N N   . ILE A 1 104 ? -4.136  -3.037  0.375   1.00 29.13 ? 96  ILE A N   1 
ATOM   781  C CA  . ILE A 1 104 ? -4.237  -1.579  0.327   1.00 28.45 ? 96  ILE A CA  1 
ATOM   782  C C   . ILE A 1 104 ? -2.893  -0.945  -0.009  1.00 27.68 ? 96  ILE A C   1 
ATOM   783  O O   . ILE A 1 104 ? -1.925  -1.106  0.738   1.00 27.66 ? 96  ILE A O   1 
ATOM   784  C CB  . ILE A 1 104 ? -4.713  -0.997  1.671   1.00 29.80 ? 96  ILE A CB  1 
ATOM   785  C CG1 . ILE A 1 104 ? -5.918  -1.784  2.197   1.00 30.52 ? 96  ILE A CG1 1 
ATOM   786  C CG2 . ILE A 1 104 ? -4.983  0.512   1.554   1.00 26.83 ? 96  ILE A CG2 1 
ATOM   787  C CD1 . ILE A 1 104 ? -7.069  -1.817  1.274   1.00 28.45 ? 96  ILE A CD1 1 
ATOM   788  N N   . GLY A 1 105 ? -2.838  -0.207  -1.112  1.00 26.95 ? 97  GLY A N   1 
ATOM   789  C CA  . GLY A 1 105 ? -1.590  0.359   -1.587  1.00 26.79 ? 97  GLY A CA  1 
ATOM   790  C C   . GLY A 1 105 ? -1.447  1.833   -1.311  1.00 26.54 ? 97  GLY A C   1 
ATOM   791  O O   . GLY A 1 105 ? -0.402  2.418   -1.590  1.00 26.45 ? 97  GLY A O   1 
ATOM   792  N N   . GLY A 1 106 ? -2.490  2.428   -0.742  1.00 26.32 ? 98  GLY A N   1 
ATOM   793  C CA  . GLY A 1 106 ? -2.519  3.858   -0.469  1.00 26.88 ? 98  GLY A CA  1 
ATOM   794  C C   . GLY A 1 106 ? -3.719  4.602   -1.065  1.00 27.46 ? 98  GLY A C   1 
ATOM   795  O O   . GLY A 1 106 ? -4.582  3.992   -1.692  1.00 27.60 ? 98  GLY A O   1 
ATOM   796  N N   . GLY A 1 107 ? -3.770  5.919   -0.874  1.00 27.41 ? 99  GLY A N   1 
ATOM   797  C CA  . GLY A 1 107 ? -2.740  6.633   -0.148  1.00 27.51 ? 99  GLY A CA  1 
ATOM   798  C C   . GLY A 1 107 ? -3.083  6.850   1.305   1.00 27.60 ? 99  GLY A C   1 
ATOM   799  O O   . GLY A 1 107 ? -3.708  6.021   1.942   1.00 27.37 ? 99  GLY A O   1 
ATOM   800  N N   . SER A 1 108 ? -2.690  8.002   1.829   1.00 28.98 ? 100 SER A N   1 
ATOM   801  C CA  . SER A 1 108 ? -2.830  8.293   3.259   1.00 28.51 ? 100 SER A CA  1 
ATOM   802  C C   . SER A 1 108 ? -4.257  8.133   3.793   1.00 28.33 ? 100 SER A C   1 
ATOM   803  O O   . SER A 1 108 ? -4.484  7.359   4.723   1.00 28.05 ? 100 SER A O   1 
ATOM   804  C CB  . SER A 1 108 ? -2.327  9.695   3.549   1.00 28.81 ? 100 SER A CB  1 
ATOM   805  O OG  . SER A 1 108 ? -2.461  9.955   4.934   1.00 30.42 ? 100 SER A OG  1 
ATOM   806  N N   . VAL A 1 109 ? -5.212  8.856   3.212   1.00 28.52 ? 101 VAL A N   1 
ATOM   807  C CA  . VAL A 1 109 ? -6.640  8.688   3.556   1.00 29.82 ? 101 VAL A CA  1 
ATOM   808  C C   . VAL A 1 109 ? -7.113  7.226   3.538   1.00 29.44 ? 101 VAL A C   1 
ATOM   809  O O   . VAL A 1 109 ? -7.753  6.752   4.482   1.00 29.62 ? 101 VAL A O   1 
ATOM   810  C CB  . VAL A 1 109 ? -7.544  9.496   2.584   1.00 30.20 ? 101 VAL A CB  1 
ATOM   811  C CG1 . VAL A 1 109 ? -9.024  9.139   2.761   1.00 28.96 ? 101 VAL A CG1 1 
ATOM   812  C CG2 . VAL A 1 109 ? -7.322  10.978  2.784   1.00 28.31 ? 101 VAL A CG2 1 
ATOM   813  N N   . VAL A 1 110 ? -6.788  6.520   2.461   1.00 28.71 ? 102 VAL A N   1 
ATOM   814  C CA  . VAL A 1 110 ? -7.183  5.128   2.312   1.00 28.16 ? 102 VAL A CA  1 
ATOM   815  C C   . VAL A 1 110 ? -6.559  4.264   3.407   1.00 27.72 ? 102 VAL A C   1 
ATOM   816  O O   . VAL A 1 110 ? -7.239  3.441   4.020   1.00 27.50 ? 102 VAL A O   1 
ATOM   817  C CB  . VAL A 1 110 ? -6.795  4.589   0.927   1.00 27.24 ? 102 VAL A CB  1 
ATOM   818  C CG1 . VAL A 1 110 ? -7.217  3.111   0.780   1.00 27.68 ? 102 VAL A CG1 1 
ATOM   819  C CG2 . VAL A 1 110 ? -7.431  5.433   -0.155  1.00 27.80 ? 102 VAL A CG2 1 
ATOM   820  N N   . PHE A 1 111 ? -5.267  4.463   3.660   1.00 27.46 ? 103 PHE A N   1 
ATOM   821  C CA  . PHE A 1 111 ? -4.600  3.757   4.750   1.00 27.80 ? 103 PHE A CA  1 
ATOM   822  C C   . PHE A 1 111 ? -5.339  3.960   6.092   1.00 28.89 ? 103 PHE A C   1 
ATOM   823  O O   . PHE A 1 111 ? -5.716  2.999   6.768   1.00 28.52 ? 103 PHE A O   1 
ATOM   824  C CB  . PHE A 1 111 ? -3.146  4.223   4.874   1.00 27.50 ? 103 PHE A CB  1 
ATOM   825  C CG  . PHE A 1 111 ? -2.213  3.625   3.844   1.00 27.21 ? 103 PHE A CG  1 
ATOM   826  C CD1 . PHE A 1 111 ? -2.339  2.299   3.443   1.00 27.84 ? 103 PHE A CD1 1 
ATOM   827  C CD2 . PHE A 1 111 ? -1.193  4.392   3.297   1.00 26.19 ? 103 PHE A CD2 1 
ATOM   828  C CE1 . PHE A 1 111 ? -1.454  1.751   2.499   1.00 27.55 ? 103 PHE A CE1 1 
ATOM   829  C CE2 . PHE A 1 111 ? -0.323  3.870   2.367   1.00 26.63 ? 103 PHE A CE2 1 
ATOM   830  C CZ  . PHE A 1 111 ? -0.449  2.545   1.965   1.00 27.38 ? 103 PHE A CZ  1 
ATOM   831  N N   . LYS A 1 112 ? -5.549  5.222   6.462   1.00 29.64 ? 104 LYS A N   1 
ATOM   832  C CA  . LYS A 1 112 ? -6.196  5.544   7.732   1.00 30.84 ? 104 LYS A CA  1 
ATOM   833  C C   . LYS A 1 112 ? -7.549  4.854   7.926   1.00 30.60 ? 104 LYS A C   1 
ATOM   834  O O   . LYS A 1 112 ? -7.865  4.363   9.017   1.00 31.35 ? 104 LYS A O   1 
ATOM   835  C CB  . LYS A 1 112 ? -6.379  7.047   7.855   1.00 29.53 ? 104 LYS A CB  1 
ATOM   836  C CG  . LYS A 1 112 ? -6.763  7.471   9.243   1.00 32.81 ? 104 LYS A CG  1 
ATOM   837  C CD  . LYS A 1 112 ? -6.690  8.981   9.406   1.00 34.46 ? 104 LYS A CD  1 
ATOM   838  C CE  . LYS A 1 112 ? -6.587  9.354   10.878  1.00 38.26 ? 104 LYS A CE  1 
ATOM   839  N NZ  . LYS A 1 112 ? -6.749  10.815  11.069  1.00 45.24 ? 104 LYS A NZ  1 
ATOM   840  N N   . GLU A 1 113 ? -8.353  4.797   6.874   1.00 31.19 ? 105 GLU A N   1 
ATOM   841  C CA  . GLU A 1 113 ? -9.710  4.300   7.057   1.00 29.98 ? 105 GLU A CA  1 
ATOM   842  C C   . GLU A 1 113 ? -9.784  2.797   6.866   1.00 28.77 ? 105 GLU A C   1 
ATOM   843  O O   . GLU A 1 113 ? -10.699 2.172   7.367   1.00 31.83 ? 105 GLU A O   1 
ATOM   844  C CB  . GLU A 1 113 ? -10.689 5.023   6.114   1.00 30.45 ? 105 GLU A CB  1 
ATOM   845  C CG  . GLU A 1 113 ? -10.442 4.788   4.644   1.00 31.18 ? 105 GLU A CG  1 
ATOM   846  C CD  . GLU A 1 113 ? -10.961 5.917   3.741   1.00 31.42 ? 105 GLU A CD  1 
ATOM   847  O OE1 . GLU A 1 113 ? -11.958 6.613   4.072   1.00 32.01 ? 105 GLU A OE1 1 
ATOM   848  O OE2 . GLU A 1 113 ? -10.341 6.108   2.679   1.00 31.54 ? 105 GLU A OE2 1 
ATOM   849  N N   . LEU A 1 114 ? -8.819  2.192   6.186   1.00 28.58 ? 106 LEU A N   1 
ATOM   850  C CA  . LEU A 1 114 ? -8.913  0.752   5.922   1.00 28.98 ? 106 LEU A CA  1 
ATOM   851  C C   . LEU A 1 114 ? -7.995  -0.134  6.776   1.00 30.55 ? 106 LEU A C   1 
ATOM   852  O O   . LEU A 1 114 ? -8.264  -1.324  6.974   1.00 30.50 ? 106 LEU A O   1 
ATOM   853  C CB  . LEU A 1 114 ? -8.650  0.480   4.439   1.00 28.79 ? 106 LEU A CB  1 
ATOM   854  C CG  . LEU A 1 114 ? -9.978  0.428   3.696   1.00 32.36 ? 106 LEU A CG  1 
ATOM   855  C CD1 . LEU A 1 114 ? -9.772  0.495   2.209   1.00 29.92 ? 106 LEU A CD1 1 
ATOM   856  C CD2 . LEU A 1 114 ? -10.731 -0.848  4.085   1.00 32.74 ? 106 LEU A CD2 1 
ATOM   857  N N   . ILE A 1 115 ? -6.916  0.439   7.288   1.00 30.18 ? 107 ILE A N   1 
ATOM   858  C CA  . ILE A 1 115 ? -6.018  -0.333  8.129   1.00 30.43 ? 107 ILE A CA  1 
ATOM   859  C C   . ILE A 1 115 ? -6.707  -0.989  9.366   1.00 31.71 ? 107 ILE A C   1 
ATOM   860  O O   . ILE A 1 115 ? -6.346  -2.102  9.730   1.00 32.36 ? 107 ILE A O   1 
ATOM   861  C CB  . ILE A 1 115 ? -4.819  0.543   8.540   1.00 30.34 ? 107 ILE A CB  1 
ATOM   862  C CG1 . ILE A 1 115 ? -3.709  0.406   7.494   1.00 28.63 ? 107 ILE A CG1 1 
ATOM   863  C CG2 . ILE A 1 115 ? -4.295  0.179   9.933   1.00 31.86 ? 107 ILE A CG2 1 
ATOM   864  C CD1 . ILE A 1 115 ? -2.660  1.494   7.562   1.00 29.41 ? 107 ILE A CD1 1 
ATOM   865  N N   . PRO A 1 116 ? -7.718  -0.336  9.993   1.00 31.95 ? 108 PRO A N   1 
ATOM   866  C CA  . PRO A 1 116 ? -8.387  -1.050  11.097  1.00 32.76 ? 108 PRO A CA  1 
ATOM   867  C C   . PRO A 1 116 ? -9.024  -2.382  10.717  1.00 34.56 ? 108 PRO A C   1 
ATOM   868  O O   . PRO A 1 116 ? -9.247  -3.209  11.609  1.00 35.24 ? 108 PRO A O   1 
ATOM   869  C CB  . PRO A 1 116 ? -9.461  -0.061  11.549  1.00 32.43 ? 108 PRO A CB  1 
ATOM   870  C CG  . PRO A 1 116 ? -8.857  1.260   11.274  1.00 31.93 ? 108 PRO A CG  1 
ATOM   871  C CD  . PRO A 1 116 ? -8.102  1.087   9.971   1.00 31.25 ? 108 PRO A CD  1 
ATOM   872  N N   . ALA A 1 117 ? -9.285  -2.591  9.426   1.00 34.06 ? 109 ALA A N   1 
ATOM   873  C CA  . ALA A 1 117 ? -9.841  -3.844  8.919   1.00 32.86 ? 109 ALA A CA  1 
ATOM   874  C C   . ALA A 1 117 ? -8.775  -4.812  8.451   1.00 35.42 ? 109 ALA A C   1 
ATOM   875  O O   . ALA A 1 117 ? -9.097  -5.936  8.068   1.00 35.02 ? 109 ALA A O   1 
ATOM   876  C CB  . ALA A 1 117 ? -10.795 -3.569  7.767   1.00 33.72 ? 109 ALA A CB  1 
ATOM   877  N N   . CYS A 1 118 ? -7.511  -4.385  8.453   1.00 34.11 ? 110 CYS A N   1 
ATOM   878  C CA  . CYS A 1 118 ? -6.440  -5.215  7.890   1.00 33.78 ? 110 CYS A CA  1 
ATOM   879  C C   . CYS A 1 118 ? -5.921  -6.275  8.854   1.00 35.46 ? 110 CYS A C   1 
ATOM   880  O O   . CYS A 1 118 ? -6.047  -6.139  10.066  1.00 36.86 ? 110 CYS A O   1 
ATOM   881  C CB  . CYS A 1 118 ? -5.277  -4.338  7.429   1.00 35.03 ? 110 CYS A CB  1 
ATOM   882  S SG  . CYS A 1 118 ? -5.607  -3.396  5.912   1.00 32.86 ? 110 CYS A SG  1 
ATOM   883  N N   . ASP A 1 119 ? -5.327  -7.329  8.309   1.00 35.68 ? 111 ASP A N   1 
ATOM   884  C CA  . ASP A 1 119 ? -4.776  -8.395  9.130   1.00 37.06 ? 111 ASP A CA  1 
ATOM   885  C C   . ASP A 1 119 ? -3.265  -8.359  9.161   1.00 38.09 ? 111 ASP A C   1 
ATOM   886  O O   . ASP A 1 119 ? -2.652  -8.886  10.079  1.00 40.49 ? 111 ASP A O   1 
ATOM   887  C CB  . ASP A 1 119 ? -5.223  -9.755  8.619   1.00 40.39 ? 111 ASP A CB  1 
ATOM   888  C CG  . ASP A 1 119 ? -6.706  -9.913  8.657   1.00 43.47 ? 111 ASP A CG  1 
ATOM   889  O OD1 . ASP A 1 119 ? -7.289  -9.687  9.740   1.00 40.53 ? 111 ASP A OD1 1 
ATOM   890  O OD2 . ASP A 1 119 ? -7.287  -10.219 7.592   1.00 43.53 ? 111 ASP A OD2 1 
ATOM   891  N N   . VAL A 1 120 ? -2.666  -7.766  8.136   1.00 36.55 ? 112 VAL A N   1 
ATOM   892  C CA  . VAL A 1 120 ? -1.223  -7.728  8.017   1.00 35.40 ? 112 VAL A CA  1 
ATOM   893  C C   . VAL A 1 120 ? -0.809  -6.343  7.556   1.00 36.88 ? 112 VAL A C   1 
ATOM   894  O O   . VAL A 1 120 ? -1.518  -5.717  6.754   1.00 36.04 ? 112 VAL A O   1 
ATOM   895  C CB  . VAL A 1 120 ? -0.700  -8.786  7.021   1.00 35.25 ? 112 VAL A CB  1 
ATOM   896  C CG1 . VAL A 1 120 ? 0.816   -8.733  6.930   1.00 34.09 ? 112 VAL A CG1 1 
ATOM   897  C CG2 . VAL A 1 120 ? -1.162  -10.187 7.416   1.00 40.08 ? 112 VAL A CG2 1 
ATOM   898  N N   . LEU A 1 121 ? 0.312   -5.851  8.093   1.00 34.68 ? 113 LEU A N   1 
ATOM   899  C CA  . LEU A 1 121 ? 0.963   -4.647  7.582   1.00 33.08 ? 113 LEU A CA  1 
ATOM   900  C C   . LEU A 1 121 ? 2.330   -4.996  7.008   1.00 32.78 ? 113 LEU A C   1 
ATOM   901  O O   . LEU A 1 121 ? 3.149   -5.651  7.676   1.00 32.89 ? 113 LEU A O   1 
ATOM   902  C CB  . LEU A 1 121 ? 1.121   -3.598  8.677   1.00 33.52 ? 113 LEU A CB  1 
ATOM   903  C CG  . LEU A 1 121 ? -0.157  -3.138  9.378   1.00 34.29 ? 113 LEU A CG  1 
ATOM   904  C CD1 . LEU A 1 121 ? 0.131   -1.978  10.327  1.00 33.36 ? 113 LEU A CD1 1 
ATOM   905  C CD2 . LEU A 1 121 ? -1.222  -2.749  8.357   1.00 34.02 ? 113 LEU A CD2 1 
ATOM   906  N N   . TYR A 1 122 ? 2.567   -4.573  5.766   1.00 30.75 ? 114 TYR A N   1 
ATOM   907  C CA  . TYR A 1 122 ? 3.904   -4.597  5.193   1.00 30.39 ? 114 TYR A CA  1 
ATOM   908  C C   . TYR A 1 122 ? 4.413   -3.182  4.989   1.00 30.49 ? 114 TYR A C   1 
ATOM   909  O O   . TYR A 1 122 ? 3.801   -2.394  4.264   1.00 29.95 ? 114 TYR A O   1 
ATOM   910  C CB  . TYR A 1 122 ? 3.943   -5.311  3.853   1.00 30.49 ? 114 TYR A CB  1 
ATOM   911  C CG  . TYR A 1 122 ? 3.333   -6.681  3.825   1.00 33.44 ? 114 TYR A CG  1 
ATOM   912  C CD1 . TYR A 1 122 ? 2.137   -6.900  3.169   1.00 34.26 ? 114 TYR A CD1 1 
ATOM   913  C CD2 . TYR A 1 122 ? 3.967   -7.761  4.418   1.00 33.86 ? 114 TYR A CD2 1 
ATOM   914  C CE1 . TYR A 1 122 ? 1.574   -8.156  3.115   1.00 34.12 ? 114 TYR A CE1 1 
ATOM   915  C CE2 . TYR A 1 122 ? 3.416   -9.023  4.362   1.00 34.62 ? 114 TYR A CE2 1 
ATOM   916  C CZ  . TYR A 1 122 ? 2.215   -9.210  3.708   1.00 35.81 ? 114 TYR A CZ  1 
ATOM   917  O OH  . TYR A 1 122 ? 1.642   -10.449 3.645   1.00 37.43 ? 114 TYR A OH  1 
ATOM   918  N N   . ARG A 1 123 ? 5.554   -2.877  5.585   1.00 29.44 ? 115 ARG A N   1 
ATOM   919  C CA  . ARG A 1 123 ? 6.127   -1.553  5.471   1.00 28.44 ? 115 ARG A CA  1 
ATOM   920  C C   . ARG A 1 123 ? 7.591   -1.633  5.070   1.00 29.18 ? 115 ARG A C   1 
ATOM   921  O O   . ARG A 1 123 ? 8.355   -2.458  5.607   1.00 29.85 ? 115 ARG A O   1 
ATOM   922  C CB  . ARG A 1 123 ? 5.976   -0.817  6.792   1.00 28.05 ? 115 ARG A CB  1 
ATOM   923  C CG  . ARG A 1 123 ? 6.826   0.421   6.908   1.00 29.39 ? 115 ARG A CG  1 
ATOM   924  C CD  . ARG A 1 123 ? 6.478   1.199   8.167   1.00 30.16 ? 115 ARG A CD  1 
ATOM   925  N NE  . ARG A 1 123 ? 7.254   0.781   9.332   1.00 30.51 ? 115 ARG A NE  1 
ATOM   926  C CZ  . ARG A 1 123 ? 7.406   1.535   10.418  1.00 31.16 ? 115 ARG A CZ  1 
ATOM   927  N NH1 . ARG A 1 123 ? 6.840   2.737   10.465  1.00 29.25 ? 115 ARG A NH1 1 
ATOM   928  N NH2 . ARG A 1 123 ? 8.149   1.112   11.435  1.00 32.40 ? 115 ARG A NH2 1 
ATOM   929  N N   . THR A 1 124 ? 7.983   -0.797  4.111   1.00 28.36 ? 116 THR A N   1 
ATOM   930  C CA  . THR A 1 124 ? 9.397   -0.569  3.872   1.00 27.54 ? 116 THR A CA  1 
ATOM   931  C C   . THR A 1 124 ? 9.831   0.706   4.602   1.00 27.38 ? 116 THR A C   1 
ATOM   932  O O   . THR A 1 124 ? 9.383   1.789   4.273   1.00 26.76 ? 116 THR A O   1 
ATOM   933  C CB  . THR A 1 124 ? 9.698   -0.450  2.389   1.00 27.10 ? 116 THR A CB  1 
ATOM   934  O OG1 . THR A 1 124 ? 9.217   -1.623  1.728   1.00 28.91 ? 116 THR A OG1 1 
ATOM   935  C CG2 . THR A 1 124 ? 11.191  -0.296  2.140   1.00 25.96 ? 116 THR A CG2 1 
ATOM   936  N N   . MET A 1 125 ? 10.689  0.576   5.608   1.00 28.37 ? 117 MET A N   1 
ATOM   937  C CA  . MET A 1 125 ? 11.255  1.751   6.260   1.00 27.25 ? 117 MET A CA  1 
ATOM   938  C C   . MET A 1 125 ? 12.533  2.157   5.538   1.00 26.41 ? 117 MET A C   1 
ATOM   939  O O   . MET A 1 125 ? 13.485  1.403   5.476   1.00 26.79 ? 117 MET A O   1 
ATOM   940  C CB  . MET A 1 125 ? 11.506  1.479   7.754   1.00 27.59 ? 117 MET A CB  1 
ATOM   941  C CG  . MET A 1 125 ? 12.061  2.676   8.559   1.00 30.58 ? 117 MET A CG  1 
ATOM   942  S SD  . MET A 1 125 ? 10.913  4.090   8.755   1.00 32.15 ? 117 MET A SD  1 
ATOM   943  C CE  . MET A 1 125 ? 9.426   3.175   8.801   1.00 26.96 ? 117 MET A CE  1 
ATOM   944  N N   . ILE A 1 126 ? 12.543  3.344   4.959   1.00 26.22 ? 118 ILE A N   1 
ATOM   945  C CA  . ILE A 1 126 ? 13.731  3.814   4.260   1.00 27.15 ? 118 ILE A CA  1 
ATOM   946  C C   . ILE A 1 126 ? 14.471  4.791   5.146   1.00 27.61 ? 118 ILE A C   1 
ATOM   947  O O   . ILE A 1 126 ? 13.922  5.823   5.527   1.00 27.89 ? 118 ILE A O   1 
ATOM   948  C CB  . ILE A 1 126 ? 13.385  4.487   2.926   1.00 26.57 ? 118 ILE A CB  1 
ATOM   949  C CG1 . ILE A 1 126 ? 12.434  3.601   2.109   1.00 27.19 ? 118 ILE A CG1 1 
ATOM   950  C CG2 . ILE A 1 126 ? 14.653  4.800   2.174   1.00 25.84 ? 118 ILE A CG2 1 
ATOM   951  C CD1 . ILE A 1 126 ? 11.968  4.235   0.774   1.00 27.60 ? 118 ILE A CD1 1 
ATOM   952  N N   . HIS A 1 127 ? 15.704  4.449   5.501   1.00 27.93 ? 119 HIS A N   1 
ATOM   953  C CA  . HIS A 1 127 ? 16.423  5.204   6.510   1.00 29.24 ? 119 HIS A CA  1 
ATOM   954  C C   . HIS A 1 127 ? 17.125  6.391   5.871   1.00 30.14 ? 119 HIS A C   1 
ATOM   955  O O   . HIS A 1 127 ? 18.344  6.391   5.642   1.00 30.30 ? 119 HIS A O   1 
ATOM   956  C CB  . HIS A 1 127 ? 17.393  4.295   7.271   1.00 28.32 ? 119 HIS A CB  1 
ATOM   957  C CG  . HIS A 1 127 ? 16.728  3.080   7.852   1.00 27.72 ? 119 HIS A CG  1 
ATOM   958  N ND1 . HIS A 1 127 ? 15.850  3.145   8.912   1.00 27.97 ? 119 HIS A ND1 1 
ATOM   959  C CD2 . HIS A 1 127 ? 16.786  1.771   7.494   1.00 27.15 ? 119 HIS A CD2 1 
ATOM   960  C CE1 . HIS A 1 127 ? 15.403  1.931   9.188   1.00 27.38 ? 119 HIS A CE1 1 
ATOM   961  N NE2 . HIS A 1 127 ? 15.956  1.080   8.341   1.00 27.56 ? 119 HIS A NE2 1 
ATOM   962  N N   . GLU A 1 128 ? 16.324  7.416   5.597   1.00 29.47 ? 120 GLU A N   1 
ATOM   963  C CA  . GLU A 1 128 ? 16.777  8.622   4.938   1.00 29.15 ? 120 GLU A CA  1 
ATOM   964  C C   . GLU A 1 128 ? 15.593  9.573   4.996   1.00 30.15 ? 120 GLU A C   1 
ATOM   965  O O   . GLU A 1 128 ? 14.480  9.153   5.338   1.00 30.06 ? 120 GLU A O   1 
ATOM   966  C CB  . GLU A 1 128 ? 17.222  8.322   3.497   1.00 27.98 ? 120 GLU A CB  1 
ATOM   967  C CG  . GLU A 1 128 ? 17.866  9.472   2.744   1.00 28.41 ? 120 GLU A CG  1 
ATOM   968  C CD  . GLU A 1 128 ? 18.855  10.261  3.581   1.00 28.49 ? 120 GLU A CD  1 
ATOM   969  O OE1 . GLU A 1 128 ? 20.052  9.910   3.559   1.00 29.84 ? 120 GLU A OE1 1 
ATOM   970  O OE2 . GLU A 1 128 ? 18.442  11.226  4.252   1.00 28.26 ? 120 GLU A OE2 1 
ATOM   971  N N   . THR A 1 129 ? 15.812  10.850  4.700   1.00 30.15 ? 121 THR A N   1 
ATOM   972  C CA  . THR A 1 129 ? 14.704  11.790  4.677   1.00 30.83 ? 121 THR A CA  1 
ATOM   973  C C   . THR A 1 129 ? 14.653  12.482  3.320   1.00 30.82 ? 121 THR A C   1 
ATOM   974  O O   . THR A 1 129 ? 15.686  12.772  2.728   1.00 31.28 ? 121 THR A O   1 
ATOM   975  C CB  . THR A 1 129 ? 14.808  12.833  5.828   1.00 31.17 ? 121 THR A CB  1 
ATOM   976  O OG1 . THR A 1 129 ? 16.000  13.606  5.686   1.00 32.83 ? 121 THR A OG1 1 
ATOM   977  C CG2 . THR A 1 129 ? 14.834  12.140  7.189   1.00 33.07 ? 121 THR A CG2 1 
ATOM   978  N N   . PHE A 1 130 ? 13.443  12.703  2.822   1.00 31.15 ? 122 PHE A N   1 
ATOM   979  C CA  . PHE A 1 130 ? 13.217  13.339  1.524   1.00 32.11 ? 122 PHE A CA  1 
ATOM   980  C C   . PHE A 1 130 ? 12.157  14.413  1.664   1.00 34.59 ? 122 PHE A C   1 
ATOM   981  O O   . PHE A 1 130 ? 11.523  14.531  2.714   1.00 34.26 ? 122 PHE A O   1 
ATOM   982  C CB  . PHE A 1 130 ? 12.758  12.320  0.483   1.00 31.52 ? 122 PHE A CB  1 
ATOM   983  C CG  . PHE A 1 130 ? 13.644  11.140  0.382   1.00 31.64 ? 122 PHE A CG  1 
ATOM   984  C CD1 . PHE A 1 130 ? 13.462  10.047  1.229   1.00 29.63 ? 122 PHE A CD1 1 
ATOM   985  C CD2 . PHE A 1 130 ? 14.683  11.124  -0.529  1.00 29.17 ? 122 PHE A CD2 1 
ATOM   986  C CE1 . PHE A 1 130 ? 14.292  8.965   1.158   1.00 28.87 ? 122 PHE A CE1 1 
ATOM   987  C CE2 . PHE A 1 130 ? 15.516  10.042  -0.611  1.00 29.80 ? 122 PHE A CE2 1 
ATOM   988  C CZ  . PHE A 1 130 ? 15.319  8.952   0.232   1.00 30.28 ? 122 PHE A CZ  1 
ATOM   989  N N   . GLU A 1 131 ? 11.942  15.173  0.601   1.00 36.62 ? 123 GLU A N   1 
ATOM   990  C CA  . GLU A 1 131 ? 10.880  16.171  0.609   1.00 40.20 ? 123 GLU A CA  1 
ATOM   991  C C   . GLU A 1 131 ? 9.602   15.574  0.034   1.00 36.46 ? 123 GLU A C   1 
ATOM   992  O O   . GLU A 1 131 ? 9.627   14.868  -0.971  1.00 37.53 ? 123 GLU A O   1 
ATOM   993  C CB  . GLU A 1 131 ? 11.306  17.422  -0.177  1.00 43.52 ? 123 GLU A CB  1 
ATOM   994  C CG  . GLU A 1 131 ? 12.413  18.235  0.517   1.00 51.02 ? 123 GLU A CG  1 
ATOM   995  C CD  . GLU A 1 131 ? 12.888  19.441  -0.292  1.00 59.01 ? 123 GLU A CD  1 
ATOM   996  O OE1 . GLU A 1 131 ? 12.294  19.731  -1.363  1.00 60.82 ? 123 GLU A OE1 1 
ATOM   997  O OE2 . GLU A 1 131 ? 13.860  20.096  0.155   1.00 52.64 ? 123 GLU A OE2 1 
ATOM   998  N N   . GLY A 1 132 ? 8.483   15.845  0.679   1.00 34.50 ? 124 GLY A N   1 
ATOM   999  C CA  . GLY A 1 132 ? 7.210   15.419  0.142   1.00 33.65 ? 124 GLY A CA  1 
ATOM   1000 C C   . GLY A 1 132 ? 6.083   16.063  0.905   1.00 34.60 ? 124 GLY A C   1 
ATOM   1001 O O   . GLY A 1 132 ? 6.333   16.731  1.915   1.00 35.50 ? 124 GLY A O   1 
ATOM   1002 N N   . ASP A 1 133 ? 4.848   15.860  0.453   1.00 33.80 ? 125 ASP A N   1 
ATOM   1003 C CA  . ASP A 1 133 ? 3.706   16.498  1.108   1.00 33.76 ? 125 ASP A CA  1 
ATOM   1004 C C   . ASP A 1 133 ? 2.748   15.492  1.725   1.00 35.64 ? 125 ASP A C   1 
ATOM   1005 O O   . ASP A 1 133 ? 1.842   15.869  2.478   1.00 35.87 ? 125 ASP A O   1 
ATOM   1006 C CB  . ASP A 1 133 ? 2.943   17.390  0.130   1.00 37.24 ? 125 ASP A CB  1 
ATOM   1007 C CG  . ASP A 1 133 ? 2.135   16.594  -0.882  1.00 38.66 ? 125 ASP A CG  1 
ATOM   1008 O OD1 . ASP A 1 133 ? 2.548   15.446  -1.200  1.00 37.88 ? 125 ASP A OD1 1 
ATOM   1009 O OD2 . ASP A 1 133 ? 1.089   17.121  -1.355  1.00 39.11 ? 125 ASP A OD2 1 
ATOM   1010 N N   . THR A 1 134 ? 2.942   14.211  1.419   1.00 35.42 ? 126 THR A N   1 
ATOM   1011 C CA  . THR A 1 134 ? 2.002   13.197  1.897   1.00 32.88 ? 126 THR A CA  1 
ATOM   1012 C C   . THR A 1 134 ? 2.676   12.255  2.895   1.00 32.33 ? 126 THR A C   1 
ATOM   1013 O O   . THR A 1 134 ? 3.748   11.707  2.624   1.00 31.63 ? 126 THR A O   1 
ATOM   1014 C CB  . THR A 1 134 ? 1.400   12.387  0.723   1.00 33.94 ? 126 THR A CB  1 
ATOM   1015 O OG1 . THR A 1 134 ? 1.077   13.280  -0.352  1.00 34.96 ? 126 THR A OG1 1 
ATOM   1016 C CG2 . THR A 1 134 ? 0.142   11.657  1.161   1.00 32.22 ? 126 THR A CG2 1 
ATOM   1017 N N   . PHE A 1 135 ? 2.029   12.070  4.043   1.00 30.52 ? 127 PHE A N   1 
ATOM   1018 C CA  . PHE A 1 135 ? 2.608   11.304  5.127   1.00 30.51 ? 127 PHE A CA  1 
ATOM   1019 C C   . PHE A 1 135 ? 1.754   10.099  5.446   1.00 29.97 ? 127 PHE A C   1 
ATOM   1020 O O   . PHE A 1 135 ? 0.534   10.130  5.268   1.00 30.80 ? 127 PHE A O   1 
ATOM   1021 C CB  . PHE A 1 135 ? 2.776   12.172  6.384   1.00 30.53 ? 127 PHE A CB  1 
ATOM   1022 C CG  . PHE A 1 135 ? 3.655   13.361  6.174   1.00 31.77 ? 127 PHE A CG  1 
ATOM   1023 C CD1 . PHE A 1 135 ? 3.152   14.518  5.590   1.00 32.16 ? 127 PHE A CD1 1 
ATOM   1024 C CD2 . PHE A 1 135 ? 4.994   13.322  6.531   1.00 33.84 ? 127 PHE A CD2 1 
ATOM   1025 C CE1 . PHE A 1 135 ? 3.970   15.627  5.372   1.00 35.32 ? 127 PHE A CE1 1 
ATOM   1026 C CE2 . PHE A 1 135 ? 5.829   14.438  6.321   1.00 34.21 ? 127 PHE A CE2 1 
ATOM   1027 C CZ  . PHE A 1 135 ? 5.312   15.589  5.745   1.00 33.57 ? 127 PHE A CZ  1 
ATOM   1028 N N   . PHE A 1 136 ? 2.384   9.030   5.920   1.00 29.00 ? 128 PHE A N   1 
ATOM   1029 C CA  . PHE A 1 136 ? 1.614   7.907   6.411   1.00 28.90 ? 128 PHE A CA  1 
ATOM   1030 C C   . PHE A 1 136 ? 0.788   8.447   7.577   1.00 30.75 ? 128 PHE A C   1 
ATOM   1031 O O   . PHE A 1 136 ? 1.282   9.251   8.374   1.00 32.79 ? 128 PHE A O   1 
ATOM   1032 C CB  . PHE A 1 136 ? 2.510   6.741   6.839   1.00 27.63 ? 128 PHE A CB  1 
ATOM   1033 C CG  . PHE A 1 136 ? 1.751   5.527   7.256   1.00 26.99 ? 128 PHE A CG  1 
ATOM   1034 C CD1 . PHE A 1 136 ? 1.185   4.685   6.291   1.00 27.05 ? 128 PHE A CD1 1 
ATOM   1035 C CD2 . PHE A 1 136 ? 1.557   5.245   8.595   1.00 27.23 ? 128 PHE A CD2 1 
ATOM   1036 C CE1 . PHE A 1 136 ? 0.457   3.567   6.664   1.00 27.64 ? 128 PHE A CE1 1 
ATOM   1037 C CE2 . PHE A 1 136 ? 0.835   4.125   8.989   1.00 27.77 ? 128 PHE A CE2 1 
ATOM   1038 C CZ  . PHE A 1 136 ? 0.281   3.281   8.026   1.00 28.33 ? 128 PHE A CZ  1 
ATOM   1039 N N   . PRO A 1 137 ? -0.480  8.036   7.673   1.00 30.91 ? 129 PRO A N   1 
ATOM   1040 C CA  . PRO A 1 137 ? -1.312  8.675   8.687   1.00 32.18 ? 129 PRO A CA  1 
ATOM   1041 C C   . PRO A 1 137 ? -0.991  8.184   10.086  1.00 34.72 ? 129 PRO A C   1 
ATOM   1042 O O   . PRO A 1 137 ? -0.264  7.208   10.263  1.00 34.46 ? 129 PRO A O   1 
ATOM   1043 C CB  . PRO A 1 137 ? -2.724  8.257   8.280   1.00 31.49 ? 129 PRO A CB  1 
ATOM   1044 C CG  . PRO A 1 137 ? -2.524  6.899   7.708   1.00 30.11 ? 129 PRO A CG  1 
ATOM   1045 C CD  . PRO A 1 137 ? -1.217  6.987   6.947   1.00 29.37 ? 129 PRO A CD  1 
ATOM   1046 N N   . GLU A 1 138 ? -1.532  8.877   11.075  1.00 38.56 ? 130 GLU A N   1 
ATOM   1047 C CA  . GLU A 1 138 ? -1.458  8.416   12.443  1.00 40.35 ? 130 GLU A CA  1 
ATOM   1048 C C   . GLU A 1 138 ? -2.465  7.289   12.592  1.00 38.77 ? 130 GLU A C   1 
ATOM   1049 O O   . GLU A 1 138 ? -3.641  7.443   12.258  1.00 38.75 ? 130 GLU A O   1 
ATOM   1050 C CB  . GLU A 1 138 ? -1.740  9.560   13.406  1.00 46.87 ? 130 GLU A CB  1 
ATOM   1051 C CG  . GLU A 1 138 ? -1.662  9.173   14.854  1.00 56.70 ? 130 GLU A CG  1 
ATOM   1052 C CD  . GLU A 1 138 ? -2.066  10.308  15.773  1.00 61.87 ? 130 GLU A CD  1 
ATOM   1053 O OE1 . GLU A 1 138 ? -2.863  11.176  15.342  1.00 58.78 ? 130 GLU A OE1 1 
ATOM   1054 O OE2 . GLU A 1 138 ? -1.581  10.326  16.926  1.00 65.99 ? 130 GLU A OE2 1 
ATOM   1055 N N   . ILE A 1 139 ? -2.001  6.134   13.038  1.00 35.99 ? 131 ILE A N   1 
ATOM   1056 C CA  . ILE A 1 139 ? -2.882  4.996   13.201  1.00 35.62 ? 131 ILE A CA  1 
ATOM   1057 C C   . ILE A 1 139 ? -2.786  4.468   14.616  1.00 34.57 ? 131 ILE A C   1 
ATOM   1058 O O   . ILE A 1 139 ? -1.993  4.938   15.425  1.00 34.13 ? 131 ILE A O   1 
ATOM   1059 C CB  . ILE A 1 139 ? -2.544  3.841   12.233  1.00 37.15 ? 131 ILE A CB  1 
ATOM   1060 C CG1 . ILE A 1 139 ? -1.236  3.168   12.654  1.00 32.88 ? 131 ILE A CG1 1 
ATOM   1061 C CG2 . ILE A 1 139 ? -2.493  4.334   10.781  1.00 33.39 ? 131 ILE A CG2 1 
ATOM   1062 C CD1 . ILE A 1 139 ? -0.946  1.886   11.942  1.00 32.53 ? 131 ILE A CD1 1 
ATOM   1063 N N   . ASP A 1 140 ? -3.591  3.469   14.904  1.00 35.09 ? 132 ASP A N   1 
ATOM   1064 C CA  . ASP A 1 140 ? -3.520  2.830   16.199  1.00 37.94 ? 132 ASP A CA  1 
ATOM   1065 C C   . ASP A 1 140 ? -2.566  1.631   16.166  1.00 35.92 ? 132 ASP A C   1 
ATOM   1066 O O   . ASP A 1 140 ? -2.945  0.522   15.797  1.00 36.30 ? 132 ASP A O   1 
ATOM   1067 C CB  . ASP A 1 140 ? -4.917  2.408   16.650  1.00 37.17 ? 132 ASP A CB  1 
ATOM   1068 C CG  . ASP A 1 140 ? -4.906  1.675   17.964  1.00 37.83 ? 132 ASP A CG  1 
ATOM   1069 O OD1 . ASP A 1 140 ? -3.995  1.912   18.782  1.00 38.64 ? 132 ASP A OD1 1 
ATOM   1070 O OD2 . ASP A 1 140 ? -5.809  0.849   18.177  1.00 38.44 ? 132 ASP A OD2 1 
ATOM   1071 N N   . TRP A 1 141 ? -1.321  1.867   16.566  1.00 37.13 ? 133 TRP A N   1 
ATOM   1072 C CA  . TRP A 1 141 ? -0.293  0.822   16.575  1.00 35.00 ? 133 TRP A CA  1 
ATOM   1073 C C   . TRP A 1 141 ? -0.430  -0.202  17.715  1.00 37.58 ? 133 TRP A C   1 
ATOM   1074 O O   . TRP A 1 141 ? 0.170   -1.278  17.655  1.00 36.65 ? 133 TRP A O   1 
ATOM   1075 C CB  . TRP A 1 141 ? 1.084   1.467   16.652  1.00 33.68 ? 133 TRP A CB  1 
ATOM   1076 C CG  . TRP A 1 141 ? 1.569   2.070   15.360  1.00 34.11 ? 133 TRP A CG  1 
ATOM   1077 C CD1 . TRP A 1 141 ? 1.637   3.391   15.042  1.00 31.30 ? 133 TRP A CD1 1 
ATOM   1078 C CD2 . TRP A 1 141 ? 2.069   1.354   14.220  1.00 34.46 ? 133 TRP A CD2 1 
ATOM   1079 N NE1 . TRP A 1 141 ? 2.151   3.551   13.776  1.00 31.85 ? 133 TRP A NE1 1 
ATOM   1080 C CE2 . TRP A 1 141 ? 2.426   2.314   13.245  1.00 32.79 ? 133 TRP A CE2 1 
ATOM   1081 C CE3 . TRP A 1 141 ? 2.239   -0.013  13.925  1.00 32.12 ? 133 TRP A CE3 1 
ATOM   1082 C CZ2 . TRP A 1 141 ? 2.949   1.959   11.996  1.00 31.95 ? 133 TRP A CZ2 1 
ATOM   1083 C CZ3 . TRP A 1 141 ? 2.758   -0.370  12.697  1.00 32.49 ? 133 TRP A CZ3 1 
ATOM   1084 C CH2 . TRP A 1 141 ? 3.108   0.616   11.741  1.00 32.64 ? 133 TRP A CH2 1 
ATOM   1085 N N   . SER A 1 142 ? -1.225  0.127   18.738  1.00 37.03 ? 134 SER A N   1 
ATOM   1086 C CA  . SER A 1 142 ? -1.374  -0.723  19.923  1.00 36.23 ? 134 SER A CA  1 
ATOM   1087 C C   . SER A 1 142 ? -1.940  -2.098  19.620  1.00 39.97 ? 134 SER A C   1 
ATOM   1088 O O   . SER A 1 142 ? -1.798  -3.042  20.395  1.00 44.10 ? 134 SER A O   1 
ATOM   1089 C CB  . SER A 1 142 ? -2.276  -0.039  20.920  1.00 38.30 ? 134 SER A CB  1 
ATOM   1090 O OG  . SER A 1 142 ? -3.560  0.081   20.348  1.00 40.45 ? 134 SER A OG  1 
ATOM   1091 N N   . VAL A 1 143 ? -2.566  -2.202  18.461  1.00 43.14 ? 135 VAL A N   1 
ATOM   1092 C CA  . VAL A 1 143 ? -3.272  -3.396  18.037  1.00 42.64 ? 135 VAL A CA  1 
ATOM   1093 C C   . VAL A 1 143 ? -2.394  -4.206  17.075  1.00 43.42 ? 135 VAL A C   1 
ATOM   1094 O O   . VAL A 1 143 ? -2.754  -5.308  16.641  1.00 44.60 ? 135 VAL A O   1 
ATOM   1095 C CB  . VAL A 1 143 ? -4.634  -2.981  17.394  1.00 42.76 ? 135 VAL A CB  1 
ATOM   1096 C CG1 . VAL A 1 143 ? -4.590  -3.070  15.885  1.00 39.54 ? 135 VAL A CG1 1 
ATOM   1097 C CG2 . VAL A 1 143 ? -5.775  -3.783  17.983  1.00 45.78 ? 135 VAL A CG2 1 
ATOM   1098 N N   . TRP A 1 144 ? -1.220  -3.654  16.777  1.00 39.60 ? 136 TRP A N   1 
ATOM   1099 C CA  . TRP A 1 144 ? -0.303  -4.250  15.808  1.00 42.92 ? 136 TRP A CA  1 
ATOM   1100 C C   . TRP A 1 144 ? 1.002   -4.695  16.460  1.00 42.79 ? 136 TRP A C   1 
ATOM   1101 O O   . TRP A 1 144 ? 1.481   -4.060  17.402  1.00 42.15 ? 136 TRP A O   1 
ATOM   1102 C CB  . TRP A 1 144 ? 0.004   -3.255  14.665  1.00 39.34 ? 136 TRP A CB  1 
ATOM   1103 C CG  . TRP A 1 144 ? -1.165  -3.044  13.706  1.00 39.54 ? 136 TRP A CG  1 
ATOM   1104 C CD1 . TRP A 1 144 ? -1.988  -1.952  13.630  1.00 36.62 ? 136 TRP A CD1 1 
ATOM   1105 C CD2 . TRP A 1 144 ? -1.630  -3.967  12.711  1.00 37.70 ? 136 TRP A CD2 1 
ATOM   1106 N NE1 . TRP A 1 144 ? -2.925  -2.140  12.648  1.00 35.23 ? 136 TRP A NE1 1 
ATOM   1107 C CE2 . TRP A 1 144 ? -2.728  -3.364  12.067  1.00 35.97 ? 136 TRP A CE2 1 
ATOM   1108 C CE3 . TRP A 1 144 ? -1.217  -5.240  12.300  1.00 37.54 ? 136 TRP A CE3 1 
ATOM   1109 C CZ2 . TRP A 1 144 ? -3.422  -3.994  11.035  1.00 34.44 ? 136 TRP A CZ2 1 
ATOM   1110 C CZ3 . TRP A 1 144 ? -1.901  -5.861  11.278  1.00 37.46 ? 136 TRP A CZ3 1 
ATOM   1111 C CH2 . TRP A 1 144 ? -2.998  -5.236  10.656  1.00 36.00 ? 136 TRP A CH2 1 
ATOM   1112 N N   . GLU A 1 145 ? 1.593   -5.754  15.918  1.00 40.98 ? 137 GLU A N   1 
ATOM   1113 C CA  . GLU A 1 145 ? 2.784   -6.359  16.485  1.00 41.58 ? 137 GLU A CA  1 
ATOM   1114 C C   . GLU A 1 145 ? 3.789   -6.748  15.395  1.00 40.85 ? 137 GLU A C   1 
ATOM   1115 O O   . GLU A 1 145 ? 3.443   -7.485  14.476  1.00 40.86 ? 137 GLU A O   1 
ATOM   1116 C CB  . GLU A 1 145 ? 2.369   -7.582  17.287  1.00 47.45 ? 137 GLU A CB  1 
ATOM   1117 C CG  . GLU A 1 145 ? 3.444   -8.241  18.091  1.00 53.01 ? 137 GLU A CG  1 
ATOM   1118 C CD  . GLU A 1 145 ? 2.889   -9.425  18.838  1.00 61.13 ? 137 GLU A CD  1 
ATOM   1119 O OE1 . GLU A 1 145 ? 2.251   -10.279 18.185  1.00 59.94 ? 137 GLU A OE1 1 
ATOM   1120 O OE2 . GLU A 1 145 ? 3.056   -9.481  20.074  1.00 75.99 ? 137 GLU A OE2 1 
ATOM   1121 N N   . LYS A 1 146 ? 5.026   -6.266  15.489  1.00 36.51 ? 138 LYS A N   1 
ATOM   1122 C CA  . LYS A 1 146 ? 6.034   -6.603  14.489  1.00 36.10 ? 138 LYS A CA  1 
ATOM   1123 C C   . LYS A 1 146 ? 6.434   -8.065  14.605  1.00 36.14 ? 138 LYS A C   1 
ATOM   1124 O O   . LYS A 1 146 ? 6.852   -8.511  15.653  1.00 38.90 ? 138 LYS A O   1 
ATOM   1125 C CB  . LYS A 1 146 ? 7.264   -5.695  14.632  1.00 36.58 ? 138 LYS A CB  1 
ATOM   1126 C CG  . LYS A 1 146 ? 8.300   -5.885  13.520  1.00 36.83 ? 138 LYS A CG  1 
ATOM   1127 C CD  . LYS A 1 146 ? 9.103   -4.619  13.257  1.00 33.58 ? 138 LYS A CD  1 
ATOM   1128 C CE  . LYS A 1 146 ? 9.971   -4.257  14.449  1.00 34.56 ? 138 LYS A CE  1 
ATOM   1129 N NZ  . LYS A 1 146 ? 11.402  -4.243  14.056  1.00 33.50 ? 138 LYS A NZ  1 
ATOM   1130 N N   . VAL A 1 147 ? 6.308   -8.820  13.526  1.00 37.86 ? 139 VAL A N   1 
ATOM   1131 C CA  . VAL A 1 147 ? 6.576   -10.254 13.585  1.00 36.18 ? 139 VAL A CA  1 
ATOM   1132 C C   . VAL A 1 147 ? 7.730   -10.661 12.678  1.00 37.54 ? 139 VAL A C   1 
ATOM   1133 O O   . VAL A 1 147 ? 8.194   -11.800 12.730  1.00 39.19 ? 139 VAL A O   1 
ATOM   1134 C CB  . VAL A 1 147 ? 5.315   -11.080 13.217  1.00 38.09 ? 139 VAL A CB  1 
ATOM   1135 C CG1 . VAL A 1 147 ? 4.185   -10.754 14.174  1.00 36.75 ? 139 VAL A CG1 1 
ATOM   1136 C CG2 . VAL A 1 147 ? 4.887   -10.824 11.768  1.00 36.20 ? 139 VAL A CG2 1 
ATOM   1137 N N   . ALA A 1 148 ? 8.197   -9.735  11.849  1.00 34.64 ? 140 ALA A N   1 
ATOM   1138 C CA  . ALA A 1 148 ? 9.382   -9.989  11.056  1.00 32.66 ? 140 ALA A CA  1 
ATOM   1139 C C   . ALA A 1 148 ? 10.030  -8.691  10.597  1.00 33.26 ? 140 ALA A C   1 
ATOM   1140 O O   . ALA A 1 148 ? 9.392   -7.639  10.540  1.00 32.04 ? 140 ALA A O   1 
ATOM   1141 C CB  . ALA A 1 148 ? 9.048   -10.859 9.854   1.00 34.26 ? 140 ALA A CB  1 
ATOM   1142 N N   . THR A 1 149 ? 11.308  -8.775  10.257  1.00 32.85 ? 141 THR A N   1 
ATOM   1143 C CA  . THR A 1 149 ? 11.995  -7.639  9.679   1.00 32.30 ? 141 THR A CA  1 
ATOM   1144 C C   . THR A 1 149 ? 13.206  -8.128  8.912   1.00 32.26 ? 141 THR A C   1 
ATOM   1145 O O   . THR A 1 149 ? 13.980  -8.941  9.409   1.00 33.08 ? 141 THR A O   1 
ATOM   1146 C CB  . THR A 1 149 ? 12.392  -6.610  10.766  1.00 31.63 ? 141 THR A CB  1 
ATOM   1147 O OG1 . THR A 1 149 ? 13.207  -5.590  10.187  1.00 32.28 ? 141 THR A OG1 1 
ATOM   1148 C CG2 . THR A 1 149 ? 13.134  -7.281  11.915  1.00 31.90 ? 141 THR A CG2 1 
ATOM   1149 N N   . VAL A 1 150 ? 13.343  -7.662  7.675   1.00 31.98 ? 142 VAL A N   1 
ATOM   1150 C CA  . VAL A 1 150 ? 14.464  -8.042  6.833   1.00 30.28 ? 142 VAL A CA  1 
ATOM   1151 C C   . VAL A 1 150 ? 15.197  -6.797  6.330   1.00 31.50 ? 142 VAL A C   1 
ATOM   1152 O O   . VAL A 1 150 ? 14.573  -5.867  5.792   1.00 30.66 ? 142 VAL A O   1 
ATOM   1153 C CB  . VAL A 1 150 ? 14.001  -8.879  5.616   1.00 30.54 ? 142 VAL A CB  1 
ATOM   1154 C CG1 . VAL A 1 150 ? 15.201  -9.351  4.808   1.00 28.47 ? 142 VAL A CG1 1 
ATOM   1155 C CG2 . VAL A 1 150 ? 13.160  -10.059 6.069   1.00 31.77 ? 142 VAL A CG2 1 
ATOM   1156 N N   . PRO A 1 151 ? 16.523  -6.763  6.509   1.00 31.24 ? 143 PRO A N   1 
ATOM   1157 C CA  . PRO A 1 151 ? 17.243  -5.611  5.963   1.00 31.76 ? 143 PRO A CA  1 
ATOM   1158 C C   . PRO A 1 151 ? 17.292  -5.679  4.456   1.00 31.26 ? 143 PRO A C   1 
ATOM   1159 O O   . PRO A 1 151 ? 17.392  -6.770  3.895   1.00 32.19 ? 143 PRO A O   1 
ATOM   1160 C CB  . PRO A 1 151 ? 18.655  -5.726  6.573   1.00 31.88 ? 143 PRO A CB  1 
ATOM   1161 C CG  . PRO A 1 151 ? 18.754  -7.116  7.079   1.00 31.59 ? 143 PRO A CG  1 
ATOM   1162 C CD  . PRO A 1 151 ? 17.345  -7.550  7.437   1.00 30.47 ? 143 PRO A CD  1 
ATOM   1163 N N   . GLY A 1 152 ? 17.213  -4.522  3.813   1.00 31.19 ? 144 GLY A N   1 
ATOM   1164 C CA  . GLY A 1 152 ? 17.294  -4.463  2.374   1.00 32.20 ? 144 GLY A CA  1 
ATOM   1165 C C   . GLY A 1 152 ? 18.721  -4.385  1.878   1.00 32.29 ? 144 GLY A C   1 
ATOM   1166 O O   . GLY A 1 152 ? 19.581  -3.773  2.499   1.00 30.76 ? 144 GLY A O   1 
ATOM   1167 N N   . VAL A 1 153 ? 18.948  -5.030  0.741   1.00 33.90 ? 145 VAL A N   1 
ATOM   1168 C CA  . VAL A 1 153 ? 20.225  -5.020  0.060   1.00 33.67 ? 145 VAL A CA  1 
ATOM   1169 C C   . VAL A 1 153 ? 20.521  -3.636  -0.491  1.00 34.64 ? 145 VAL A C   1 
ATOM   1170 O O   . VAL A 1 153 ? 19.647  -3.008  -1.105  1.00 35.43 ? 145 VAL A O   1 
ATOM   1171 C CB  . VAL A 1 153 ? 20.227  -6.078  -1.080  1.00 36.47 ? 145 VAL A CB  1 
ATOM   1172 C CG1 . VAL A 1 153 ? 21.359  -5.835  -2.073  1.00 38.04 ? 145 VAL A CG1 1 
ATOM   1173 C CG2 . VAL A 1 153 ? 20.326  -7.474  -0.486  1.00 35.00 ? 145 VAL A CG2 1 
ATOM   1174 N N   . VAL A 1 154 ? 21.734  -3.150  -0.250  1.00 33.41 ? 146 VAL A N   1 
ATOM   1175 C CA  . VAL A 1 154 ? 22.185  -1.888  -0.814  1.00 35.22 ? 146 VAL A CA  1 
ATOM   1176 C C   . VAL A 1 154 ? 23.157  -2.184  -1.971  1.00 39.65 ? 146 VAL A C   1 
ATOM   1177 O O   . VAL A 1 154 ? 24.050  -3.016  -1.833  1.00 39.83 ? 146 VAL A O   1 
ATOM   1178 C CB  . VAL A 1 154 ? 22.858  -0.989  0.288   1.00 36.77 ? 146 VAL A CB  1 
ATOM   1179 C CG1 . VAL A 1 154 ? 23.988  -0.143  -0.260  1.00 31.94 ? 146 VAL A CG1 1 
ATOM   1180 C CG2 . VAL A 1 154 ? 21.825  -0.111  0.967   1.00 33.32 ? 146 VAL A CG2 1 
ATOM   1181 N N   . ASP A 1 155 ? 22.961  -1.538  -3.120  1.00 39.87 ? 147 ASP A N   1 
ATOM   1182 C CA  . ASP A 1 155 ? 23.873  -1.699  -4.256  1.00 42.08 ? 147 ASP A CA  1 
ATOM   1183 C C   . ASP A 1 155 ? 23.892  -0.433  -5.107  1.00 43.01 ? 147 ASP A C   1 
ATOM   1184 O O   . ASP A 1 155 ? 23.461  0.626   -4.656  1.00 44.97 ? 147 ASP A O   1 
ATOM   1185 C CB  . ASP A 1 155 ? 23.509  -2.937  -5.108  1.00 40.88 ? 147 ASP A CB  1 
ATOM   1186 C CG  . ASP A 1 155 ? 22.043  -2.976  -5.532  1.00 42.68 ? 147 ASP A CG  1 
ATOM   1187 O OD1 . ASP A 1 155 ? 21.471  -1.905  -5.820  1.00 44.92 ? 147 ASP A OD1 1 
ATOM   1188 O OD2 . ASP A 1 155 ? 21.462  -4.083  -5.583  1.00 38.85 ? 147 ASP A OD2 1 
ATOM   1189 N N   . GLU A 1 156 ? 24.398  -0.532  -6.331  1.00 48.90 ? 148 GLU A N   1 
ATOM   1190 C CA  . GLU A 1 156 ? 24.497  0.640   -7.208  1.00 49.63 ? 148 GLU A CA  1 
ATOM   1191 C C   . GLU A 1 156 ? 23.132  1.232   -7.518  1.00 49.50 ? 148 GLU A C   1 
ATOM   1192 O O   . GLU A 1 156 ? 23.002  2.438   -7.716  1.00 49.04 ? 148 GLU A O   1 
ATOM   1193 C CB  . GLU A 1 156 ? 25.205  0.276   -8.515  1.00 56.99 ? 148 GLU A CB  1 
ATOM   1194 C CG  . GLU A 1 156 ? 26.592  -0.321  -8.325  1.00 67.71 ? 148 GLU A CG  1 
ATOM   1195 C CD  . GLU A 1 156 ? 27.640  0.340   -9.210  1.00 83.17 ? 148 GLU A CD  1 
ATOM   1196 O OE1 . GLU A 1 156 ? 27.270  0.842   -10.297 1.00 75.17 ? 148 GLU A OE1 1 
ATOM   1197 O OE2 . GLU A 1 156 ? 28.829  0.367   -8.809  1.00 85.32 ? 148 GLU A OE2 1 
ATOM   1198 N N   . LYS A 1 157 ? 22.119  0.369   -7.553  1.00 44.80 ? 149 LYS A N   1 
ATOM   1199 C CA  . LYS A 1 157 ? 20.758  0.748   -7.905  1.00 45.10 ? 149 LYS A CA  1 
ATOM   1200 C C   . LYS A 1 157 ? 19.940  1.167   -6.684  1.00 44.86 ? 149 LYS A C   1 
ATOM   1201 O O   . LYS A 1 157 ? 19.009  1.973   -6.790  1.00 42.38 ? 149 LYS A O   1 
ATOM   1202 C CB  . LYS A 1 157 ? 20.069  -0.420  -8.610  1.00 46.65 ? 149 LYS A CB  1 
ATOM   1203 C CG  . LYS A 1 157 ? 20.863  -0.990  -9.774  1.00 49.56 ? 149 LYS A CG  1 
ATOM   1204 C CD  . LYS A 1 157 ? 20.591  -2.479  -9.975  1.00 52.57 ? 149 LYS A CD  1 
ATOM   1205 C CE  . LYS A 1 157 ? 21.152  -3.323  -8.818  1.00 52.73 ? 149 LYS A CE  1 
ATOM   1206 N NZ  . LYS A 1 157 ? 20.857  -4.797  -8.936  1.00 50.71 ? 149 LYS A NZ  1 
ATOM   1207 N N   . ASN A 1 158 ? 20.284  0.603   -5.529  1.00 42.54 ? 150 ASN A N   1 
ATOM   1208 C CA  . ASN A 1 158 ? 19.569  0.879   -4.291  1.00 38.02 ? 150 ASN A CA  1 
ATOM   1209 C C   . ASN A 1 158 ? 20.452  1.593   -3.289  1.00 37.51 ? 150 ASN A C   1 
ATOM   1210 O O   . ASN A 1 158 ? 21.254  0.972   -2.589  1.00 39.56 ? 150 ASN A O   1 
ATOM   1211 C CB  . ASN A 1 158 ? 19.037  -0.409  -3.702  1.00 35.86 ? 150 ASN A CB  1 
ATOM   1212 C CG  . ASN A 1 158 ? 18.143  -1.142  -4.659  1.00 39.80 ? 150 ASN A CG  1 
ATOM   1213 O OD1 . ASN A 1 158 ? 16.916  -0.971  -4.643  1.00 37.50 ? 150 ASN A OD1 1 
ATOM   1214 N ND2 . ASN A 1 158 ? 18.746  -1.973  -5.510  1.00 39.15 ? 150 ASN A ND2 1 
ATOM   1215 N N   . LEU A 1 159 ? 20.290  2.900   -3.212  1.00 34.84 ? 151 LEU A N   1 
ATOM   1216 C CA  . LEU A 1 159 ? 21.259  3.754   -2.549  1.00 35.63 ? 151 LEU A CA  1 
ATOM   1217 C C   . LEU A 1 159 ? 20.955  4.083   -1.085  1.00 32.77 ? 151 LEU A C   1 
ATOM   1218 O O   . LEU A 1 159 ? 21.661  4.887   -0.480  1.00 32.87 ? 151 LEU A O   1 
ATOM   1219 C CB  . LEU A 1 159 ? 21.377  5.056   -3.339  1.00 37.99 ? 151 LEU A CB  1 
ATOM   1220 C CG  . LEU A 1 159 ? 21.629  4.835   -4.831  1.00 41.23 ? 151 LEU A CG  1 
ATOM   1221 C CD1 . LEU A 1 159 ? 21.264  6.087   -5.613  1.00 48.82 ? 151 LEU A CD1 1 
ATOM   1222 C CD2 . LEU A 1 159 ? 23.083  4.423   -5.083  1.00 41.43 ? 151 LEU A CD2 1 
ATOM   1223 N N   . TYR A 1 160 ? 19.914  3.474   -0.522  1.00 30.96 ? 152 TYR A N   1 
ATOM   1224 C CA  . TYR A 1 160 ? 19.447  3.838   0.810   1.00 30.66 ? 152 TYR A CA  1 
ATOM   1225 C C   . TYR A 1 160 ? 19.246  2.616   1.706   1.00 30.28 ? 152 TYR A C   1 
ATOM   1226 O O   . TYR A 1 160 ? 18.556  1.645   1.336   1.00 29.58 ? 152 TYR A O   1 
ATOM   1227 C CB  . TYR A 1 160 ? 18.124  4.628   0.735   1.00 30.20 ? 152 TYR A CB  1 
ATOM   1228 C CG  . TYR A 1 160 ? 18.120  5.818   -0.203  1.00 30.06 ? 152 TYR A CG  1 
ATOM   1229 C CD1 . TYR A 1 160 ? 18.823  6.972   0.102   1.00 32.00 ? 152 TYR A CD1 1 
ATOM   1230 C CD2 . TYR A 1 160 ? 17.411  5.782   -1.394  1.00 31.79 ? 152 TYR A CD2 1 
ATOM   1231 C CE1 . TYR A 1 160 ? 18.829  8.062   -0.752  1.00 31.31 ? 152 TYR A CE1 1 
ATOM   1232 C CE2 . TYR A 1 160 ? 17.406  6.857   -2.259  1.00 31.17 ? 152 TYR A CE2 1 
ATOM   1233 C CZ  . TYR A 1 160 ? 18.118  7.996   -1.935  1.00 31.89 ? 152 TYR A CZ  1 
ATOM   1234 O OH  . TYR A 1 160 ? 18.114  9.083   -2.788  1.00 32.31 ? 152 TYR A OH  1 
ATOM   1235 N N   . ALA A 1 161 ? 19.857  2.674   2.885   1.00 29.95 ? 153 ALA A N   1 
ATOM   1236 C CA  . ALA A 1 161 ? 19.596  1.691   3.934   1.00 29.59 ? 153 ALA A CA  1 
ATOM   1237 C C   . ALA A 1 161 ? 18.090  1.571   4.164   1.00 27.87 ? 153 ALA A C   1 
ATOM   1238 O O   . ALA A 1 161 ? 17.385  2.579   4.208   1.00 27.41 ? 153 ALA A O   1 
ATOM   1239 C CB  . ALA A 1 161 ? 20.309  2.091   5.232   1.00 28.60 ? 153 ALA A CB  1 
ATOM   1240 N N   . HIS A 1 162 ? 17.596  0.344   4.276   1.00 27.49 ? 154 HIS A N   1 
ATOM   1241 C CA  . HIS A 1 162 ? 16.176  0.170   4.477   1.00 27.76 ? 154 HIS A CA  1 
ATOM   1242 C C   . HIS A 1 162 ? 15.874  -1.198  5.081   1.00 28.26 ? 154 HIS A C   1 
ATOM   1243 O O   . HIS A 1 162 ? 16.754  -2.062  5.165   1.00 28.85 ? 154 HIS A O   1 
ATOM   1244 C CB  . HIS A 1 162 ? 15.392  0.383   3.152   1.00 27.48 ? 154 HIS A CB  1 
ATOM   1245 C CG  . HIS A 1 162 ? 15.841  -0.486  2.013   1.00 28.45 ? 154 HIS A CG  1 
ATOM   1246 N ND1 . HIS A 1 162 ? 17.009  -0.258  1.316   1.00 29.30 ? 154 HIS A ND1 1 
ATOM   1247 C CD2 . HIS A 1 162 ? 15.267  -1.575  1.443   1.00 29.06 ? 154 HIS A CD2 1 
ATOM   1248 C CE1 . HIS A 1 162 ? 17.141  -1.175  0.371   1.00 30.69 ? 154 HIS A CE1 1 
ATOM   1249 N NE2 . HIS A 1 162 ? 16.100  -1.985  0.428   1.00 30.25 ? 154 HIS A NE2 1 
ATOM   1250 N N   . ASP A 1 163 ? 14.622  -1.363  5.506   1.00 28.03 ? 155 ASP A N   1 
ATOM   1251 C CA  . ASP A 1 163 ? 14.139  -2.559  6.185   1.00 29.48 ? 155 ASP A CA  1 
ATOM   1252 C C   . ASP A 1 163 ? 12.724  -2.874  5.737   1.00 29.07 ? 155 ASP A C   1 
ATOM   1253 O O   . ASP A 1 163 ? 11.913  -1.956  5.574   1.00 28.43 ? 155 ASP A O   1 
ATOM   1254 C CB  . ASP A 1 163 ? 14.145  -2.365  7.712   1.00 29.79 ? 155 ASP A CB  1 
ATOM   1255 C CG  . ASP A 1 163 ? 15.536  -2.447  8.308   1.00 29.39 ? 155 ASP A CG  1 
ATOM   1256 O OD1 . ASP A 1 163 ? 16.122  -3.554  8.274   1.00 29.36 ? 155 ASP A OD1 1 
ATOM   1257 O OD2 . ASP A 1 163 ? 16.036  -1.412  8.797   1.00 27.86 ? 155 ASP A OD2 1 
ATOM   1258 N N   . TYR A 1 164 ? 12.427  -4.162  5.579   1.00 29.25 ? 156 TYR A N   1 
ATOM   1259 C CA  . TYR A 1 164 ? 11.076  -4.630  5.296   1.00 28.49 ? 156 TYR A CA  1 
ATOM   1260 C C   . TYR A 1 164 ? 10.462  -5.227  6.552   1.00 29.47 ? 156 TYR A C   1 
ATOM   1261 O O   . TYR A 1 164 ? 10.947  -6.232  7.075   1.00 31.06 ? 156 TYR A O   1 
ATOM   1262 C CB  . TYR A 1 164 ? 11.071  -5.667  4.166   1.00 28.76 ? 156 TYR A CB  1 
ATOM   1263 C CG  . TYR A 1 164 ? 11.825  -5.221  2.938   1.00 29.35 ? 156 TYR A CG  1 
ATOM   1264 C CD1 . TYR A 1 164 ? 11.254  -4.339  2.035   1.00 29.74 ? 156 TYR A CD1 1 
ATOM   1265 C CD2 . TYR A 1 164 ? 13.118  -5.672  2.689   1.00 29.71 ? 156 TYR A CD2 1 
ATOM   1266 C CE1 . TYR A 1 164 ? 11.947  -3.918  0.912   1.00 30.22 ? 156 TYR A CE1 1 
ATOM   1267 C CE2 . TYR A 1 164 ? 13.818  -5.257  1.574   1.00 29.22 ? 156 TYR A CE2 1 
ATOM   1268 C CZ  . TYR A 1 164 ? 13.226  -4.381  0.693   1.00 30.09 ? 156 TYR A CZ  1 
ATOM   1269 O OH  . TYR A 1 164 ? 13.916  -3.955  -0.411  1.00 31.81 ? 156 TYR A OH  1 
ATOM   1270 N N   . GLU A 1 165 ? 9.380   -4.619  7.013   1.00 28.56 ? 157 GLU A N   1 
ATOM   1271 C CA  . GLU A 1 165 ? 8.735   -5.024  8.241   1.00 29.55 ? 157 GLU A CA  1 
ATOM   1272 C C   . GLU A 1 165 ? 7.325   -5.561  8.004   1.00 32.33 ? 157 GLU A C   1 
ATOM   1273 O O   . GLU A 1 165 ? 6.579   -5.036  7.169   1.00 31.64 ? 157 GLU A O   1 
ATOM   1274 C CB  . GLU A 1 165 ? 8.689   -3.847  9.208   1.00 28.45 ? 157 GLU A CB  1 
ATOM   1275 C CG  . GLU A 1 165 ? 10.018  -3.174  9.362   1.00 28.38 ? 157 GLU A CG  1 
ATOM   1276 C CD  . GLU A 1 165 ? 9.938   -1.928  10.186  1.00 30.51 ? 157 GLU A CD  1 
ATOM   1277 O OE1 . GLU A 1 165 ? 10.997  -1.481  10.689  1.00 31.74 ? 157 GLU A OE1 1 
ATOM   1278 O OE2 . GLU A 1 165 ? 8.825   -1.380  10.340  1.00 29.79 ? 157 GLU A OE2 1 
ATOM   1279 N N   . THR A 1 166 ? 6.979   -6.604  8.763   1.00 33.09 ? 158 THR A N   1 
ATOM   1280 C CA  . THR A 1 166 ? 5.666   -7.235  8.737   1.00 33.15 ? 158 THR A CA  1 
ATOM   1281 C C   . THR A 1 166 ? 5.047   -7.216  10.125  1.00 34.48 ? 158 THR A C   1 
ATOM   1282 O O   . THR A 1 166 ? 5.680   -7.633  11.095  1.00 35.18 ? 158 THR A O   1 
ATOM   1283 C CB  . THR A 1 166 ? 5.752   -8.688  8.240   1.00 32.48 ? 158 THR A CB  1 
ATOM   1284 O OG1 . THR A 1 166 ? 6.449   -8.719  6.988   1.00 32.21 ? 158 THR A OG1 1 
ATOM   1285 C CG2 . THR A 1 166 ? 4.371   -9.272  8.064   1.00 33.47 ? 158 THR A CG2 1 
ATOM   1286 N N   . TYR A 1 167 ? 3.822   -6.708  10.221  1.00 35.49 ? 159 TYR A N   1 
ATOM   1287 C CA  . TYR A 1 167 ? 3.072   -6.712  11.479  1.00 36.16 ? 159 TYR A CA  1 
ATOM   1288 C C   . TYR A 1 167 ? 1.811   -7.567  11.317  1.00 39.18 ? 159 TYR A C   1 
ATOM   1289 O O   . TYR A 1 167 ? 1.202   -7.588  10.236  1.00 37.62 ? 159 TYR A O   1 
ATOM   1290 C CB  . TYR A 1 167 ? 2.688   -5.290  11.925  1.00 34.97 ? 159 TYR A CB  1 
ATOM   1291 C CG  . TYR A 1 167 ? 3.844   -4.307  12.061  1.00 35.23 ? 159 TYR A CG  1 
ATOM   1292 C CD1 . TYR A 1 167 ? 4.525   -3.839  10.937  1.00 33.12 ? 159 TYR A CD1 1 
ATOM   1293 C CD2 . TYR A 1 167 ? 4.237   -3.829  13.306  1.00 34.50 ? 159 TYR A CD2 1 
ATOM   1294 C CE1 . TYR A 1 167 ? 5.567   -2.950  11.053  1.00 32.15 ? 159 TYR A CE1 1 
ATOM   1295 C CE2 . TYR A 1 167 ? 5.286   -2.925  13.433  1.00 32.63 ? 159 TYR A CE2 1 
ATOM   1296 C CZ  . TYR A 1 167 ? 5.942   -2.492  12.304  1.00 32.43 ? 159 TYR A CZ  1 
ATOM   1297 O OH  . TYR A 1 167 ? 6.978   -1.612  12.403  1.00 30.80 ? 159 TYR A OH  1 
ATOM   1298 N N   . HIS A 1 168 ? 1.475   -8.304  12.381  1.00 40.81 ? 160 HIS A N   1 
ATOM   1299 C CA  . HIS A 1 168 ? 0.208   -9.011  12.528  1.00 38.41 ? 160 HIS A CA  1 
ATOM   1300 C C   . HIS A 1 168 ? -0.527  -8.364  13.692  1.00 41.21 ? 160 HIS A C   1 
ATOM   1301 O O   . HIS A 1 168 ? 0.036   -7.505  14.370  1.00 39.33 ? 160 HIS A O   1 
ATOM   1302 C CB  . HIS A 1 168 ? 0.421   -10.495 12.784  1.00 38.54 ? 160 HIS A CB  1 
ATOM   1303 C CG  . HIS A 1 168 ? 1.078   -11.230 11.657  1.00 41.42 ? 160 HIS A CG  1 
ATOM   1304 N ND1 . HIS A 1 168 ? 1.195   -10.706 10.381  1.00 41.19 ? 160 HIS A ND1 1 
ATOM   1305 C CD2 . HIS A 1 168 ? 1.643   -12.460 11.597  1.00 43.02 ? 160 HIS A CD2 1 
ATOM   1306 C CE1 . HIS A 1 168 ? 1.803   -11.577 9.598   1.00 42.86 ? 160 HIS A CE1 1 
ATOM   1307 N NE2 . HIS A 1 168 ? 2.090   -12.653 10.313  1.00 44.45 ? 160 HIS A NE2 1 
ATOM   1308 N N   . ARG A 1 169 ? -1.776  -8.757  13.933  1.00 43.84 ? 161 ARG A N   1 
ATOM   1309 C CA  . ARG A 1 169 ? -2.546  -8.152  15.030  1.00 46.17 ? 161 ARG A CA  1 
ATOM   1310 C C   . ARG A 1 169 ? -2.431  -8.888  16.366  1.00 50.17 ? 161 ARG A C   1 
ATOM   1311 O O   . ARG A 1 169 ? -2.197  -10.097 16.415  1.00 49.79 ? 161 ARG A O   1 
ATOM   1312 C CB  . ARG A 1 169 ? -4.034  -8.048  14.657  1.00 47.70 ? 161 ARG A CB  1 
ATOM   1313 C CG  . ARG A 1 169 ? -4.313  -7.142  13.475  1.00 43.53 ? 161 ARG A CG  1 
ATOM   1314 C CD  . ARG A 1 169 ? -5.790  -6.913  13.288  1.00 43.04 ? 161 ARG A CD  1 
ATOM   1315 N NE  . ARG A 1 169 ? -6.328  -5.821  14.097  1.00 41.24 ? 161 ARG A NE  1 
ATOM   1316 C CZ  . ARG A 1 169 ? -6.746  -4.670  13.583  1.00 40.65 ? 161 ARG A CZ  1 
ATOM   1317 N NH1 . ARG A 1 169 ? -6.665  -4.476  12.271  1.00 38.15 ? 161 ARG A NH1 1 
ATOM   1318 N NH2 . ARG A 1 169 ? -7.251  -3.717  14.366  1.00 40.53 ? 161 ARG A NH2 1 
ATOM   1319 N N   . ASN A 1 170 ? -2.563  -8.111  17.439  1.00 53.16 ? 162 ASN A N   1 
ATOM   1320 C CA  . ASN A 1 170 ? -2.983  -8.586  18.753  1.00 58.56 ? 162 ASN A CA  1 
ATOM   1321 C C   . ASN A 1 170 ? -4.321  -9.293  18.615  1.00 59.76 ? 162 ASN A C   1 
ATOM   1322 O O   . ASN A 1 170 ? -4.412  -10.523 18.625  1.00 61.20 ? 162 ASN A O   1 
ATOM   1323 C CB  . ASN A 1 170 ? -3.154  -7.412  19.725  1.00 56.91 ? 162 ASN A CB  1 
ATOM   1324 C CG  . ASN A 1 170 ? -1.860  -6.710  20.044  1.00 58.65 ? 162 ASN A CG  1 
ATOM   1325 O OD1 . ASN A 1 170 ? -1.560  -6.463  21.205  1.00 79.21 ? 162 ASN A OD1 1 
ATOM   1326 N ND2 . ASN A 1 170 ? -1.082  -6.396  19.032  1.00 58.26 ? 162 ASN A ND2 1 
ATOM   1327 N N   . ASP A 1 171 ? -5.355  -8.457  18.504  1.00 60.13 ? 163 ASP A N   1 
ATOM   1328 C CA  . ASP A 1 171 ? -6.681  -8.832  18.030  1.00 63.04 ? 163 ASP A CA  1 
ATOM   1329 C C   . ASP A 1 171 ? -7.523  -7.566  17.884  1.00 68.30 ? 163 ASP A C   1 
ATOM   1330 O O   . ASP A 1 171 ? -7.042  -6.541  17.387  1.00 57.39 ? 163 ASP A O   1 
ATOM   1331 C CB  . ASP A 1 171 ? -7.360  -9.821  18.971  1.00 65.27 ? 163 ASP A CB  1 
ATOM   1332 C CG  . ASP A 1 171 ? -7.532  -11.199 18.347  1.00 67.99 ? 163 ASP A CG  1 
ATOM   1333 O OD1 . ASP A 1 171 ? -6.766  -11.541 17.414  1.00 66.63 ? 163 ASP A OD1 1 
ATOM   1334 O OD2 . ASP A 1 171 ? -8.439  -11.938 18.800  1.00 68.43 ? 163 ASP A OD2 1 
HETATM 1335 N N01 A RAR B 2 .   ? 1.939   0.980   -1.541  0.58 27.68 ? 200 RAR A N01 1 
HETATM 1336 N N01 B RAR B 2 .   ? 1.988   0.649   -1.309  0.42 27.68 ? 200 RAR A N01 1 
HETATM 1337 C C02 A RAR B 2 .   ? 3.324   0.895   -1.880  0.58 28.22 ? 200 RAR A C02 1 
HETATM 1338 C C02 B RAR B 2 .   ? 3.358   0.660   -1.714  0.42 28.24 ? 200 RAR A C02 1 
HETATM 1339 C C03 A RAR B 2 .   ? 3.801   1.543   -2.955  0.58 29.16 ? 200 RAR A C03 1 
HETATM 1340 C C03 B RAR B 2 .   ? 3.721   1.334   -2.811  0.42 29.21 ? 200 RAR A C03 1 
HETATM 1341 C C04 A RAR B 2 .   ? 2.854   2.329   -3.805  0.58 29.82 ? 200 RAR A C04 1 
HETATM 1342 C C04 B RAR B 2 .   ? 2.660   2.033   -3.591  0.42 29.63 ? 200 RAR A C04 1 
HETATM 1343 C C05 A RAR B 2 .   ? 3.398   2.624   -5.164  0.58 31.66 ? 200 RAR A C05 1 
HETATM 1344 C C05 B RAR B 2 .   ? 3.176   2.630   -4.850  0.42 31.39 ? 200 RAR A C05 1 
HETATM 1345 C C06 A RAR B 2 .   ? 3.606   3.959   -5.585  0.58 32.37 ? 200 RAR A C06 1 
HETATM 1346 C C06 B RAR B 2 .   ? 3.360   4.025   -4.948  0.42 32.01 ? 200 RAR A C06 1 
HETATM 1347 C C07 A RAR B 2 .   ? 4.074   4.220   -6.846  0.58 33.55 ? 200 RAR A C07 1 
HETATM 1348 C C07 B RAR B 2 .   ? 3.790   4.581   -6.115  0.42 33.02 ? 200 RAR A C07 1 
HETATM 1349 O O08 A RAR B 2 .   ? 4.250   5.519   -7.269  0.58 33.92 ? 200 RAR A O08 1 
HETATM 1350 O O08 B RAR B 2 .   ? 3.940   5.953   -6.186  0.42 33.82 ? 200 RAR A O08 1 
HETATM 1351 C C09 A RAR B 2 .   ? 3.598   6.533   -6.598  0.58 34.26 ? 200 RAR A C09 1 
HETATM 1352 C C09 B RAR B 2 .   ? 3.247   6.771   -5.315  0.42 33.57 ? 200 RAR A C09 1 
HETATM 1353 C C10 A RAR B 2 .   ? 4.372   3.097   -7.771  0.58 33.87 ? 200 RAR A C10 1 
HETATM 1354 C C10 B RAR B 2 .   ? 4.079   3.709   -7.292  0.42 33.68 ? 200 RAR A C10 1 
HETATM 1355 O O11 A RAR B 2 .   ? 4.880   3.359   -9.007  0.58 34.54 ? 200 RAR A O11 1 
HETATM 1356 O O11 B RAR B 2 .   ? 4.512   4.278   -8.463  0.42 34.03 ? 200 RAR A O11 1 
HETATM 1357 C C12 A RAR B 2 .   ? 6.146   3.906   -9.108  0.58 34.44 ? 200 RAR A C12 1 
HETATM 1358 C C12 B RAR B 2 .   ? 5.723   4.938   -8.512  0.42 33.25 ? 200 RAR A C12 1 
HETATM 1359 C C13 A RAR B 2 .   ? 4.172   1.805   -7.365  0.58 34.33 ? 200 RAR A C13 1 
HETATM 1360 C C13 B RAR B 2 .   ? 3.905   2.345   -7.194  0.42 34.03 ? 200 RAR A C13 1 
HETATM 1361 C C14 A RAR B 2 .   ? 4.378   0.665   -8.307  0.58 36.04 ? 200 RAR A C14 1 
HETATM 1362 C C14 B RAR B 2 .   ? 4.084   1.426   -8.367  0.42 35.48 ? 200 RAR A C14 1 
HETATM 1363 C C15 A RAR B 2 .   ? 5.610   0.381   -8.788  0.58 37.28 ? 200 RAR A C15 1 
HETATM 1364 C C15 B RAR B 2 .   ? 5.256   0.840   -8.749  0.42 36.74 ? 200 RAR A C15 1 
HETATM 1365 C C16 A RAR B 2 .   ? 5.770   -0.112  -10.170 0.58 39.60 ? 200 RAR A C16 1 
HETATM 1366 C C16 B RAR B 2 .   ? 5.775   1.240   -10.079 0.42 38.48 ? 200 RAR A C16 1 
HETATM 1367 N N17 A RAR B 2 .   ? 5.593   -1.510  -10.397 0.58 41.12 ? 200 RAR A N17 1 
HETATM 1368 N N17 B RAR B 2 .   ? 6.086   0.289   -11.111 0.42 39.85 ? 200 RAR A N17 1 
HETATM 1369 N N18 A RAR B 2 .   ? 4.955   -2.316  -9.343  0.58 39.91 ? 200 RAR A N18 1 
HETATM 1370 N N18 B RAR B 2 .   ? 5.852   -1.145  -10.873 0.42 41.21 ? 200 RAR A N18 1 
HETATM 1371 C C19 A RAR B 2 .   ? 5.290   -3.749  -9.360  0.58 42.69 ? 200 RAR A C19 1 
HETATM 1372 C C19 B RAR B 2 .   ? 6.254   -2.014  -11.989 0.42 41.83 ? 200 RAR A C19 1 
HETATM 1373 C C20 A RAR B 2 .   ? 6.099   -2.132  -11.627 0.58 42.05 ? 200 RAR A C20 1 
HETATM 1374 C C20 B RAR B 2 .   ? 6.387   0.775   -12.465 0.42 40.62 ? 200 RAR A C20 1 
HETATM 1375 C C21 A RAR B 2 .   ? 7.459   -1.807  -12.142 0.58 40.87 ? 200 RAR A C21 1 
HETATM 1376 C C21 B RAR B 2 .   ? 7.602   1.595   -12.762 0.42 41.76 ? 200 RAR A C21 1 
HETATM 1377 C C22 A RAR B 2 .   ? 8.562   -2.720  -11.754 0.58 40.69 ? 200 RAR A C22 1 
HETATM 1378 C C22 B RAR B 2 .   ? 8.547   1.969   -11.676 0.42 38.89 ? 200 RAR A C22 1 
HETATM 1379 C C23 A RAR B 2 .   ? 8.705   -3.040  -10.309 0.58 40.83 ? 200 RAR A C23 1 
HETATM 1380 C C23 B RAR B 2 .   ? 9.841   2.599   -12.058 0.42 44.26 ? 200 RAR A C23 1 
HETATM 1381 C C24 A RAR B 2 .   ? 5.672   -3.581  -11.822 0.58 42.38 ? 200 RAR A C24 1 
HETATM 1382 C C24 B RAR B 2 .   ? 5.813   -0.150  -13.550 0.42 40.84 ? 200 RAR A C24 1 
HETATM 1383 C C25 A RAR B 2 .   ? 5.360   -4.354  -10.752 0.58 43.16 ? 200 RAR A C25 1 
HETATM 1384 C C25 B RAR B 2 .   ? 5.755   -1.485  -13.317 0.42 42.74 ? 200 RAR A C25 1 
HETATM 1385 C C26 A RAR B 2 .   ? 5.088   -5.724  -10.946 0.58 45.60 ? 200 RAR A C26 1 
HETATM 1386 C C26 B RAR B 2 .   ? 5.227   -2.361  -14.289 0.42 43.48 ? 200 RAR A C26 1 
HETATM 1387 C C27 A RAR B 2 .   ? 5.114   -6.285  -12.259 0.58 45.87 ? 200 RAR A C27 1 
HETATM 1388 C C27 B RAR B 2 .   ? 4.748   -1.831  -15.529 0.42 42.39 ? 200 RAR A C27 1 
HETATM 1389 C C28 A RAR B 2 .   ? 5.449   -5.483  -13.366 0.58 47.40 ? 200 RAR A C28 1 
HETATM 1390 C C28 B RAR B 2 .   ? 4.804   -0.446  -15.772 0.42 43.21 ? 200 RAR A C28 1 
HETATM 1391 C C29 A RAR B 2 .   ? 5.731   -4.160  -13.191 0.58 45.52 ? 200 RAR A C29 1 
HETATM 1392 C C29 B RAR B 2 .   ? 5.313   0.402   -14.834 0.42 41.00 ? 200 RAR A C29 1 
HETATM 1393 O O30 A RAR B 2 .   ? 6.331   0.615   -10.985 0.58 40.28 ? 200 RAR A O30 1 
HETATM 1394 O O30 B RAR B 2 .   ? 5.789   2.430   -10.340 0.42 37.86 ? 200 RAR A O30 1 
HETATM 1395 C C31 A RAR B 2 .   ? 3.675   1.548   -6.075  0.58 32.66 ? 200 RAR A C31 1 
HETATM 1396 C C31 B RAR B 2 .   ? 3.439   1.793   -5.985  0.42 32.59 ? 200 RAR A C31 1 
HETATM 1397 C C32 A RAR B 2 .   ? 5.152   1.439   -3.268  0.58 29.12 ? 200 RAR A C32 1 
HETATM 1398 C C32 B RAR B 2 .   ? 5.051   1.339   -3.208  0.42 29.19 ? 200 RAR A C32 1 
HETATM 1399 N N33 A RAR B 2 .   ? 5.992   0.677   -2.489  0.58 28.81 ? 200 RAR A N33 1 
HETATM 1400 N N33 B RAR B 2 .   ? 5.990   0.654   -2.473  0.42 28.75 ? 200 RAR A N33 1 
HETATM 1401 C C34 A RAR B 2 .   ? 5.500   0.024   -1.380  0.58 28.03 ? 200 RAR A C34 1 
HETATM 1402 C C34 B RAR B 2 .   ? 5.616   -0.034  -1.340  0.42 28.00 ? 200 RAR A C34 1 
HETATM 1403 N N35 A RAR B 2 .   ? 6.376   -0.745  -0.562  0.58 28.38 ? 200 RAR A N35 1 
HETATM 1404 N N35 B RAR B 2 .   ? 6.589   -0.733  -0.571  0.42 28.39 ? 200 RAR A N35 1 
HETATM 1405 N N36 A RAR B 2 .   ? 4.203   0.114   -1.072  0.58 27.97 ? 200 RAR A N36 1 
HETATM 1406 N N36 B RAR B 2 .   ? 4.336   -0.045  -0.957  0.42 28.04 ? 200 RAR A N36 1 
HETATM 1407 P PA  A NAP C 3 .   ? -5.164  9.130   -1.678  0.24 27.86 ? 201 NAP A PA  1 
HETATM 1408 P PA  B NAP C 3 .   ? -5.234  8.894   -1.642  0.76 27.69 ? 201 NAP A PA  1 
HETATM 1409 O O1A A NAP C 3 .   ? -5.358  8.543   -0.263  0.24 29.63 ? 201 NAP A O1A 1 
HETATM 1410 O O1A B NAP C 3 .   ? -5.621  8.126   -0.358  0.76 29.42 ? 201 NAP A O1A 1 
HETATM 1411 O O2A A NAP C 3 .   ? -4.222  8.299   -2.507  0.24 30.01 ? 201 NAP A O2A 1 
HETATM 1412 O O2A B NAP C 3 .   ? -4.325  8.094   -2.525  0.76 29.99 ? 201 NAP A O2A 1 
HETATM 1413 O O5B A NAP C 3 .   ? -6.557  9.130   -2.384  0.24 29.53 ? 201 NAP A O5B 1 
HETATM 1414 O O5B B NAP C 3 .   ? -6.534  9.174   -2.450  0.76 29.58 ? 201 NAP A O5B 1 
HETATM 1415 C C5B A NAP C 3 .   ? -7.498  10.055  -1.928  0.24 29.38 ? 201 NAP A C5B 1 
HETATM 1416 C C5B B NAP C 3 .   ? -7.440  10.080  -1.904  0.76 29.00 ? 201 NAP A C5B 1 
HETATM 1417 C C4B A NAP C 3 .   ? -8.840  9.954   -2.582  0.24 29.59 ? 201 NAP A C4B 1 
HETATM 1418 C C4B B NAP C 3 .   ? -8.788  9.976   -2.532  0.76 29.57 ? 201 NAP A C4B 1 
HETATM 1419 O O4B A NAP C 3 .   ? -9.375  8.604   -2.615  0.24 29.52 ? 201 NAP A O4B 1 
HETATM 1420 O O4B B NAP C 3 .   ? -9.375  8.604   -2.615  0.76 29.50 ? 201 NAP A O4B 1 
HETATM 1421 C C3B A NAP C 3 .   ? -9.931  10.917  -2.197  0.24 29.18 ? 201 NAP A C3B 1 
HETATM 1422 C C3B B NAP C 3 .   ? -9.892  10.911  -2.123  0.76 29.73 ? 201 NAP A C3B 1 
HETATM 1423 O O3B A NAP C 3 .   ? -9.783  12.265  -2.389  0.24 29.57 ? 201 NAP A O3B 1 
HETATM 1424 O O3B B NAP C 3 .   ? -9.771  12.262  -2.293  0.76 28.20 ? 201 NAP A O3B 1 
HETATM 1425 C C2B A NAP C 3 .   ? -11.046 10.229  -2.728  0.24 29.72 ? 201 NAP A C2B 1 
HETATM 1426 C C2B B NAP C 3 .   ? -11.046 10.229  -2.728  0.76 29.67 ? 201 NAP A C2B 1 
HETATM 1427 O O2B A NAP C 3 .   ? -11.403 10.364  -4.084  0.24 30.70 ? 201 NAP A O2B 1 
HETATM 1428 O O2B B NAP C 3 .   ? -11.270 10.382  -4.070  0.76 30.82 ? 201 NAP A O2B 1 
HETATM 1429 C C1B A NAP C 3 .   ? -10.774 8.846   -2.195  0.24 29.75 ? 201 NAP A C1B 1 
HETATM 1430 C C1B B NAP C 3 .   ? -10.774 8.846   -2.195  0.76 29.74 ? 201 NAP A C1B 1 
HETATM 1431 N N9A A NAP C 3 .   ? -11.419 8.060   -1.172  0.24 30.01 ? 201 NAP A N9A 1 
HETATM 1432 N N9A B NAP C 3 .   ? -11.376 8.052   -1.183  0.76 30.21 ? 201 NAP A N9A 1 
HETATM 1433 C C8A A NAP C 3 .   ? -10.858 7.698   -0.048  0.24 29.67 ? 201 NAP A C8A 1 
HETATM 1434 C C8A B NAP C 3 .   ? -10.784 7.749   -0.034  0.76 29.73 ? 201 NAP A C8A 1 
HETATM 1435 N N7A A NAP C 3 .   ? -11.818 7.003   0.745   0.24 29.79 ? 201 NAP A N7A 1 
HETATM 1436 N N7A B NAP C 3 .   ? -11.764 7.109   0.776   0.76 29.89 ? 201 NAP A N7A 1 
HETATM 1437 C C5A A NAP C 3 .   ? -13.020 6.977   0.049   0.24 29.67 ? 201 NAP A C5A 1 
HETATM 1438 C C5A B NAP C 3 .   ? -12.957 7.081   0.068   0.76 29.55 ? 201 NAP A C5A 1 
HETATM 1439 C C6A A NAP C 3 .   ? -14.253 6.425   0.385   0.24 29.96 ? 201 NAP A C6A 1 
HETATM 1440 C C6A B NAP C 3 .   ? -14.199 6.577   0.415   0.76 29.94 ? 201 NAP A C6A 1 
HETATM 1441 N N6A A NAP C 3 .   ? -14.401 5.759   1.649   0.24 31.87 ? 201 NAP A N6A 1 
HETATM 1442 N N6A B NAP C 3 .   ? -14.362 5.974   1.708   0.76 31.73 ? 201 NAP A N6A 1 
HETATM 1443 N N1A A NAP C 3 .   ? -15.261 6.530   -0.469  0.24 30.66 ? 201 NAP A N1A 1 
HETATM 1444 N N1A B NAP C 3 .   ? -15.190 6.671   -0.460  0.76 30.13 ? 201 NAP A N1A 1 
HETATM 1445 C C2A A NAP C 3 .   ? -15.097 7.175   -1.668  0.24 31.26 ? 201 NAP A C2A 1 
HETATM 1446 C C2A B NAP C 3 .   ? -15.004 7.258   -1.684  0.76 31.20 ? 201 NAP A C2A 1 
HETATM 1447 N N3A A NAP C 3 .   ? -13.862 7.725   -2.003  0.24 30.39 ? 201 NAP A N3A 1 
HETATM 1448 N N3A B NAP C 3 .   ? -13.758 7.765   -2.029  0.76 30.36 ? 201 NAP A N3A 1 
HETATM 1449 C C4A A NAP C 3 .   ? -12.848 7.611   -1.134  0.24 30.42 ? 201 NAP A C4A 1 
HETATM 1450 C C4A B NAP C 3 .   ? -12.765 7.659   -1.138  0.76 30.18 ? 201 NAP A C4A 1 
HETATM 1451 O O3  A NAP C 3 .   ? -4.665  10.635  -1.598  0.24 29.24 ? 201 NAP A O3  1 
HETATM 1452 O O3  B NAP C 3 .   ? -4.612  10.308  -1.339  0.76 29.24 ? 201 NAP A O3  1 
HETATM 1453 P PN  A NAP C 3 .   ? -3.649  11.145  -0.486  0.24 29.29 ? 201 NAP A PN  1 
HETATM 1454 P PN  B NAP C 3 .   ? -3.764  10.672  -0.053  0.76 28.36 ? 201 NAP A PN  1 
HETATM 1455 O O1N A NAP C 3 .   ? -3.302  12.635  -0.784  0.24 29.58 ? 201 NAP A O1N 1 
HETATM 1456 O O1N B NAP C 3 .   ? -4.694  10.672  1.195   0.76 28.93 ? 201 NAP A O1N 1 
HETATM 1457 O O2N A NAP C 3 .   ? -4.270  10.983  0.877   0.24 29.29 ? 201 NAP A O2N 1 
HETATM 1458 O O2N B NAP C 3 .   ? -2.599  9.720   0.136   0.76 29.48 ? 201 NAP A O2N 1 
HETATM 1459 O O5D A NAP C 3 .   ? -2.310  10.323  -0.583  0.24 29.99 ? 201 NAP A O5D 1 
HETATM 1460 O O5D B NAP C 3 .   ? -3.184  12.102  -0.343  0.76 29.41 ? 201 NAP A O5D 1 
HETATM 1461 C C5D A NAP C 3 .   ? -1.629  10.405  -1.800  0.24 30.83 ? 201 NAP A C5D 1 
HETATM 1462 C C5D B NAP C 3 .   ? -2.728  12.342  -1.643  0.76 30.71 ? 201 NAP A C5D 1 
HETATM 1463 C C4D A NAP C 3 .   ? -0.199  9.934   -1.823  0.24 30.36 ? 201 NAP A C4D 1 
HETATM 1464 C C4D B NAP C 3 .   ? -2.946  13.731  -2.187  0.76 33.07 ? 201 NAP A C4D 1 
HETATM 1465 O O4D A NAP C 3 .   ? 0.054   8.510   -1.556  0.24 29.15 ? 201 NAP A O4D 1 
HETATM 1466 O O4D B NAP C 3 .   ? -3.319  14.803  -1.247  0.76 34.40 ? 201 NAP A O4D 1 
HETATM 1467 C C3D A NAP C 3 .   ? 0.755   10.387  -2.929  0.24 31.87 ? 201 NAP A C3D 1 
HETATM 1468 C C3D B NAP C 3 .   ? -1.939  14.337  -3.141  0.76 32.45 ? 201 NAP A C3D 1 
HETATM 1469 O O3D A NAP C 3 .   ? 1.302   11.673  -2.918  0.24 32.84 ? 201 NAP A O3D 1 
HETATM 1470 O O3D B NAP C 3 .   ? -2.318  14.617  -4.436  0.76 36.87 ? 201 NAP A O3D 1 
HETATM 1471 C C2D A NAP C 3 .   ? 1.543   9.160   -3.341  0.24 32.22 ? 201 NAP A C2D 1 
HETATM 1472 C C2D B NAP C 3 .   ? -1.270  15.416  -2.367  0.76 33.29 ? 201 NAP A C2D 1 
HETATM 1473 O O2D A NAP C 3 .   ? 2.819   9.235   -3.864  0.24 33.93 ? 201 NAP A O2D 1 
HETATM 1474 O O2D B NAP C 3 .   ? -0.587  16.404  -3.037  0.76 36.42 ? 201 NAP A O2D 1 
HETATM 1475 C C1D A NAP C 3 .   ? 1.267   8.128   -2.268  0.24 30.24 ? 201 NAP A C1D 1 
HETATM 1476 C C1D B NAP C 3 .   ? -2.269  15.819  -1.302  0.76 35.58 ? 201 NAP A C1D 1 
HETATM 1477 N N1N A NAP C 3 .   ? 1.536   6.732   -2.273  0.24 29.20 ? 201 NAP A N1N 1 
HETATM 1478 N N1N B NAP C 3 .   ? -2.005  16.577  -0.111  0.76 37.42 ? 201 NAP A N1N 1 
HETATM 1479 C C2N A NAP C 3 .   ? 2.806   6.065   -2.048  0.24 31.27 ? 201 NAP A C2N 1 
HETATM 1480 C C2N B NAP C 3 .   ? -1.552  17.952  -0.028  0.76 36.93 ? 201 NAP A C2N 1 
HETATM 1481 C C3N A NAP C 3 .   ? 2.857   4.761   -1.230  0.24 28.64 ? 201 NAP A C3N 1 
HETATM 1482 C C3N B NAP C 3 .   ? -1.180  18.573  1.319   0.76 38.11 ? 201 NAP A C3N 1 
HETATM 1483 C C7N A NAP C 3 .   ? 4.140   4.359   -0.626  0.24 27.16 ? 201 NAP A C7N 1 
HETATM 1484 C C7N B NAP C 3 .   ? -1.194  20.048  1.374   0.76 38.93 ? 201 NAP A C7N 1 
HETATM 1485 O O7N A NAP C 3 .   ? 4.200   3.245   -0.149  0.24 26.26 ? 201 NAP A O7N 1 
HETATM 1486 O O7N B NAP C 3 .   ? -2.077  20.636  0.773   0.76 42.61 ? 201 NAP A O7N 1 
HETATM 1487 N N7N A NAP C 3 .   ? 5.229   5.292   -0.587  0.24 27.37 ? 201 NAP A N7N 1 
HETATM 1488 N N7N B NAP C 3 .   ? 0.017   20.718  1.690   0.76 39.40 ? 201 NAP A N7N 1 
HETATM 1489 C C4N A NAP C 3 .   ? 1.585   4.136   -0.637  0.24 28.58 ? 201 NAP A C4N 1 
HETATM 1490 C C4N B NAP C 3 .   ? -1.172  17.740  2.622   0.76 39.28 ? 201 NAP A C4N 1 
HETATM 1491 C C5N A NAP C 3 .   ? 0.480   5.189   -0.562  0.24 26.17 ? 201 NAP A C5N 1 
HETATM 1492 C C5N B NAP C 3 .   ? -1.481  16.237  2.408   0.76 36.28 ? 201 NAP A C5N 1 
HETATM 1493 C C6N A NAP C 3 .   ? 0.343   6.135   -1.748  0.24 28.74 ? 201 NAP A C6N 1 
HETATM 1494 C C6N B NAP C 3 .   ? -1.814  15.690  1.012   0.76 36.74 ? 201 NAP A C6N 1 
HETATM 1495 P P2B A NAP C 3 .   ? -12.336 11.529  -4.529  0.24 30.48 ? 201 NAP A P2B 1 
HETATM 1496 P P2B B NAP C 3 .   ? -12.127 11.604  -4.506  0.76 30.45 ? 201 NAP A P2B 1 
HETATM 1497 O O1X A NAP C 3 .   ? -11.684 12.884  -4.125  0.24 30.80 ? 201 NAP A O1X 1 
HETATM 1498 O O1X B NAP C 3 .   ? -11.343 12.908  -4.175  0.76 30.76 ? 201 NAP A O1X 1 
HETATM 1499 O O2X A NAP C 3 .   ? -12.487 11.466  -6.080  0.24 30.73 ? 201 NAP A O2X 1 
HETATM 1500 O O2X B NAP C 3 .   ? -12.322 11.508  -6.051  0.76 30.71 ? 201 NAP A O2X 1 
HETATM 1501 O O3X A NAP C 3 .   ? -13.669 11.366  -3.835  0.24 31.58 ? 201 NAP A O3X 1 
HETATM 1502 O O3X B NAP C 3 .   ? -13.431 11.537  -3.740  0.76 31.45 ? 201 NAP A O3X 1 
HETATM 1503 O O   . HOH D 4 .   ? 20.189  5.343   4.316   1.00 29.30 ? 301 HOH A O   1 
HETATM 1504 O O   . HOH D 4 .   ? -17.313 5.362   -11.434 1.00 34.50 ? 302 HOH A O   1 
HETATM 1505 O O   . HOH D 4 .   ? 9.080   -8.463  6.829   1.00 31.12 ? 303 HOH A O   1 
HETATM 1506 O O   . HOH D 4 .   ? -2.352  -0.948  -10.716 1.00 38.33 ? 304 HOH A O   1 
HETATM 1507 O O   . HOH D 4 .   ? 9.982   2.616   -3.664  1.00 32.74 ? 305 HOH A O   1 
HETATM 1508 O O   . HOH D 4 .   ? 19.477  -1.726  4.272   1.00 27.54 ? 306 HOH A O   1 
HETATM 1509 O O   . HOH D 4 .   ? -7.098  -4.357  -12.766 1.00 37.12 ? 307 HOH A O   1 
HETATM 1510 O O   . HOH D 4 .   ? 18.106  7.308   11.730  1.00 33.81 ? 308 HOH A O   1 
HETATM 1511 O O   . HOH D 4 .   ? -4.346  -3.692  -12.289 1.00 37.43 ? 309 HOH A O   1 
HETATM 1512 O O   . HOH D 4 .   ? 15.457  -5.649  9.528   1.00 32.34 ? 310 HOH A O   1 
HETATM 1513 O O   . HOH D 4 .   ? -16.865 5.381   2.863   1.00 33.68 ? 311 HOH A O   1 
HETATM 1514 O O   . HOH D 4 .   ? 18.283  3.745   -5.159  1.00 40.30 ? 312 HOH A O   1 
HETATM 1515 O O   . HOH D 4 .   ? -18.180 -4.651  -3.494  1.00 40.89 ? 313 HOH A O   1 
HETATM 1516 O O   . HOH D 4 .   ? -3.504  10.968  10.780  1.00 36.47 ? 314 HOH A O   1 
HETATM 1517 O O   . HOH D 4 .   ? 17.140  -3.759  -7.742  1.00 40.18 ? 315 HOH A O   1 
HETATM 1518 O O   . HOH D 4 .   ? 21.052  7.671   2.423   1.00 32.52 ? 316 HOH A O   1 
HETATM 1519 O O   . HOH D 4 .   ? 6.426   -2.551  1.852   1.00 30.74 ? 317 HOH A O   1 
HETATM 1520 O O   . HOH D 4 .   ? -13.284 13.609  -7.622  1.00 32.07 ? 318 HOH A O   1 
HETATM 1521 O O   . HOH D 4 .   ? 12.528  -3.394  11.580  1.00 33.10 ? 319 HOH A O   1 
HETATM 1522 O O   . HOH D 4 .   ? 11.091  3.403   -6.143  1.00 39.16 ? 320 HOH A O   1 
HETATM 1523 O O   . HOH D 4 .   ? 19.664  -5.826  -4.786  1.00 40.27 ? 321 HOH A O   1 
HETATM 1524 O O   . HOH D 4 .   ? 3.813   9.633   9.354   1.00 35.88 ? 322 HOH A O   1 
HETATM 1525 O O   . HOH D 4 .   ? 6.624   7.954   -8.525  1.00 32.91 ? 323 HOH A O   1 
HETATM 1526 O O   . HOH D 4 .   ? -2.113  12.513  -7.497  1.00 33.62 ? 324 HOH A O   1 
HETATM 1527 O O   . HOH D 4 .   ? -20.374 13.583  -15.235 1.00 31.70 ? 325 HOH A O   1 
HETATM 1528 O O   . HOH D 4 .   ? -4.890  0.023   13.427  1.00 36.05 ? 326 HOH A O   1 
HETATM 1529 O O   . HOH D 4 .   ? -5.939  -3.924  -16.442 1.00 36.82 ? 327 HOH A O   1 
HETATM 1530 O O   . HOH D 4 .   ? 22.365  7.512   0.234   1.00 32.93 ? 328 HOH A O   1 
HETATM 1531 O O   . HOH D 4 .   ? -7.196  -10.762 -9.426  1.00 41.99 ? 329 HOH A O   1 
HETATM 1532 O O   . HOH D 4 .   ? -11.087 -9.293  -9.461  1.00 39.32 ? 330 HOH A O   1 
HETATM 1533 O O   . HOH D 4 .   ? 13.240  16.846  5.766   1.00 32.87 ? 331 HOH A O   1 
HETATM 1534 O O   . HOH D 4 .   ? -14.904 14.021  -13.319 1.00 48.79 ? 332 HOH A O   1 
HETATM 1535 O O   . HOH D 4 .   ? 13.895  15.210  -1.229  1.00 38.26 ? 333 HOH A O   1 
HETATM 1536 O O   . HOH D 4 .   ? -7.919  15.192  -10.558 1.00 44.81 ? 334 HOH A O   1 
HETATM 1537 O O   . HOH D 4 .   ? -5.511  -6.608  -15.802 1.00 40.49 ? 335 HOH A O   1 
HETATM 1538 O O   . HOH D 4 .   ? 11.959  -2.526  -9.546  1.00 41.68 ? 336 HOH A O   1 
HETATM 1539 O O   . HOH D 4 .   ? -3.351  3.857   20.961  1.00 38.92 ? 337 HOH A O   1 
HETATM 1540 O O   . HOH D 4 .   ? 1.144   17.538  4.977   1.00 38.63 ? 338 HOH A O   1 
HETATM 1541 O O   . HOH D 4 .   ? -0.488  13.220  4.767   1.00 33.23 ? 339 HOH A O   1 
HETATM 1542 O O   . HOH D 4 .   ? -2.128  1.683   -10.903 1.00 38.79 ? 340 HOH A O   1 
HETATM 1543 O O   . HOH D 4 .   ? -12.213 13.334  -10.445 1.00 38.99 ? 341 HOH A O   1 
HETATM 1544 O O   . HOH D 4 .   ? 11.826  -0.061  -10.551 1.00 44.07 ? 342 HOH A O   1 
HETATM 1545 O O   . HOH D 4 .   ? 10.552  -13.073 12.074  1.00 37.94 ? 343 HOH A O   1 
HETATM 1546 O O   . HOH D 4 .   ? -5.864  2.462   13.244  1.00 34.31 ? 344 HOH A O   1 
HETATM 1547 O O   . HOH D 4 .   ? -1.256  14.646  -6.214  1.00 37.50 ? 345 HOH A O   1 
HETATM 1548 O O   . HOH D 4 .   ? -21.347 7.362   -14.416 1.00 34.26 ? 346 HOH A O   1 
HETATM 1549 O O   . HOH D 4 .   ? -21.115 15.731  -13.907 1.00 31.69 ? 347 HOH A O   1 
HETATM 1550 O O   . HOH D 4 .   ? -7.870  2.760   14.793  1.00 35.07 ? 348 HOH A O   1 
HETATM 1551 O O   . HOH D 4 .   ? -9.561  -10.411 -0.192  1.00 44.18 ? 349 HOH A O   1 
HETATM 1552 O O   . HOH D 4 .   ? -18.574 0.109   -7.805  1.00 35.65 ? 350 HOH A O   1 
HETATM 1553 O O   . HOH D 4 .   ? -14.931 -10.188 -4.760  1.00 48.92 ? 351 HOH A O   1 
HETATM 1554 O O   . HOH D 4 .   ? -6.210  4.050   11.246  1.00 34.21 ? 352 HOH A O   1 
HETATM 1555 O O   . HOH D 4 .   ? -12.324 -14.601 0.204   1.00 53.91 ? 353 HOH A O   1 
HETATM 1556 O O   . HOH D 4 .   ? -6.499  6.376   -17.877 1.00 52.47 ? 354 HOH A O   1 
HETATM 1557 O O   . HOH D 4 .   ? -20.850 8.556   -3.836  1.00 37.21 ? 355 HOH A O   1 
HETATM 1558 O O   . HOH D 4 .   ? 13.203  0.262   10.720  1.00 30.93 ? 356 HOH A O   1 
HETATM 1559 O O   . HOH D 4 .   ? 10.324  -0.286  13.399  1.00 34.54 ? 357 HOH A O   1 
HETATM 1560 O O   . HOH D 4 .   ? -4.895  11.118  5.967   1.00 30.84 ? 358 HOH A O   1 
HETATM 1561 O O   . HOH D 4 .   ? -21.927 6.990   -5.537  1.00 37.48 ? 359 HOH A O   1 
HETATM 1562 O O   . HOH D 4 .   ? 14.595  -1.519  12.068  1.00 32.86 ? 360 HOH A O   1 
HETATM 1563 O O   . HOH D 4 .   ? 18.922  11.389  7.298   1.00 36.84 ? 361 HOH A O   1 
HETATM 1564 O O   . HOH D 4 .   ? 17.044  -2.785  -10.809 1.00 46.08 ? 362 HOH A O   1 
HETATM 1565 O O   . HOH D 4 .   ? 16.794  -6.356  -0.889  1.00 36.57 ? 363 HOH A O   1 
# 
loop_
_pdbx_poly_seq_scheme.asym_id 
_pdbx_poly_seq_scheme.entity_id 
_pdbx_poly_seq_scheme.seq_id 
_pdbx_poly_seq_scheme.mon_id 
_pdbx_poly_seq_scheme.ndb_seq_num 
_pdbx_poly_seq_scheme.pdb_seq_num 
_pdbx_poly_seq_scheme.auth_seq_num 
_pdbx_poly_seq_scheme.pdb_mon_id 
_pdbx_poly_seq_scheme.auth_mon_id 
_pdbx_poly_seq_scheme.pdb_strand_id 
_pdbx_poly_seq_scheme.pdb_ins_code 
_pdbx_poly_seq_scheme.hetero 
A 1 1   MET 1   -7  ?   ?   ?   A . n 
A 1 2   GLU 2   -6  ?   ?   ?   A . n 
A 1 3   ASN 3   -5  ?   ?   ?   A . n 
A 1 4   LEU 4   -4  -4  LEU LEU A . n 
A 1 5   TYR 5   -3  -3  TYR TYR A . n 
A 1 6   PHE 6   -2  -2  PHE PHE A . n 
A 1 7   GLN 7   -1  -1  GLN GLN A . n 
A 1 8   GLY 8   0   0   GLY GLY A . n 
A 1 9   MET 9   1   1   MET MET A . n 
A 1 10  LEU 10  2   2   LEU LEU A . n 
A 1 11  ALA 11  3   3   ALA ALA A . n 
A 1 12  ALA 12  4   4   ALA ALA A . n 
A 1 13  ILE 13  5   5   ILE ILE A . n 
A 1 14  TRP 14  6   6   TRP TRP A . n 
A 1 15  ALA 15  7   7   ALA ALA A . n 
A 1 16  GLN 16  8   8   GLN GLN A . n 
A 1 17  ASP 17  9   9   ASP ASP A . n 
A 1 18  GLU 18  10  10  GLU GLU A . n 
A 1 19  GLN 19  11  11  GLN GLN A . n 
A 1 20  GLY 20  12  12  GLY GLY A . n 
A 1 21  VAL 21  13  13  VAL VAL A . n 
A 1 22  ILE 22  14  14  ILE ILE A . n 
A 1 23  GLY 23  15  15  GLY GLY A . n 
A 1 24  LYS 24  16  16  LYS LYS A . n 
A 1 25  GLU 25  17  17  GLU GLU A . n 
A 1 26  GLY 26  18  18  GLY GLY A . n 
A 1 27  LYS 27  19  19  LYS LYS A . n 
A 1 28  LEU 28  20  20  LEU LEU A . n 
A 1 29  PRO 29  21  21  PRO PRO A . n 
A 1 30  TRP 30  22  22  TRP TRP A . n 
A 1 31  HIS 31  23  23  HIS HIS A . n 
A 1 32  LEU 32  24  24  LEU LEU A . n 
A 1 33  PRO 33  25  25  PRO PRO A . n 
A 1 34  ASN 34  26  26  ASN ASN A . n 
A 1 35  ASP 35  27  27  ASP ASP A . n 
A 1 36  LEU 36  28  28  LEU LEU A . n 
A 1 37  LYS 37  29  29  LYS LYS A . n 
A 1 38  PHE 38  30  30  PHE PHE A . n 
A 1 39  PHE 39  31  31  PHE PHE A . n 
A 1 40  LYS 40  32  32  LYS LYS A . n 
A 1 41  GLU 41  33  33  GLU GLU A . n 
A 1 42  LYS 42  34  34  LYS LYS A . n 
A 1 43  THR 43  35  35  THR THR A . n 
A 1 44  ILE 44  36  36  ILE ILE A . n 
A 1 45  HIS 45  37  37  HIS HIS A . n 
A 1 46  ASN 46  38  38  ASN ASN A . n 
A 1 47  THR 47  39  39  THR THR A . n 
A 1 48  LEU 48  40  40  LEU LEU A . n 
A 1 49  VAL 49  41  41  VAL VAL A . n 
A 1 50  LEU 50  42  42  LEU LEU A . n 
A 1 51  GLY 51  43  43  GLY GLY A . n 
A 1 52  ARG 52  44  44  ARG ARG A . n 
A 1 53  ALA 53  45  45  ALA ALA A . n 
A 1 54  THR 54  46  46  THR THR A . n 
A 1 55  PHE 55  47  47  PHE PHE A . n 
A 1 56  GLU 56  48  48  GLU GLU A . n 
A 1 57  GLY 57  49  49  GLY GLY A . n 
A 1 58  MET 58  50  50  MET MET A . n 
A 1 59  GLY 59  51  51  GLY GLY A . n 
A 1 60  CYS 60  52  52  CYS CYS A . n 
A 1 61  ARG 61  53  53  ARG ARG A . n 
A 1 62  PRO 62  54  54  PRO PRO A . n 
A 1 63  LEU 63  55  55  LEU LEU A . n 
A 1 64  PRO 64  56  56  PRO PRO A . n 
A 1 65  ASN 65  57  57  ASN ASN A . n 
A 1 66  ARG 66  58  58  ARG ARG A . n 
A 1 67  THR 67  59  59  THR THR A . n 
A 1 68  THR 68  60  60  THR THR A . n 
A 1 69  ILE 69  61  61  ILE ILE A . n 
A 1 70  VAL 70  62  62  VAL VAL A . n 
A 1 71  LEU 71  63  63  LEU LEU A . n 
A 1 72  THR 72  64  64  THR THR A . n 
A 1 73  SER 73  65  65  SER SER A . n 
A 1 74  ASN 74  66  66  ASN ASN A . n 
A 1 75  PRO 75  67  67  PRO PRO A . n 
A 1 76  ASP 76  68  68  ASP ASP A . n 
A 1 77  TYR 77  69  69  TYR TYR A . n 
A 1 78  GLN 78  70  70  GLN GLN A . n 
A 1 79  ALA 79  71  71  ALA ALA A . n 
A 1 80  GLU 80  72  72  GLU GLU A . n 
A 1 81  GLY 81  73  73  GLY GLY A . n 
A 1 82  VAL 82  74  74  VAL VAL A . n 
A 1 83  LEU 83  75  75  LEU LEU A . n 
A 1 84  VAL 84  76  76  VAL VAL A . n 
A 1 85  MET 85  77  77  MET MET A . n 
A 1 86  HIS 86  78  78  HIS HIS A . n 
A 1 87  SER 87  79  79  SER SER A . n 
A 1 88  VAL 88  80  80  VAL VAL A . n 
A 1 89  GLU 89  81  81  GLU GLU A . n 
A 1 90  GLU 90  82  82  GLU GLU A . n 
A 1 91  ILE 91  83  83  ILE ILE A . n 
A 1 92  LEU 92  84  84  LEU LEU A . n 
A 1 93  ALA 93  85  85  ALA ALA A . n 
A 1 94  TYR 94  86  86  TYR TYR A . n 
A 1 95  ALA 95  87  87  ALA ALA A . n 
A 1 96  ASP 96  88  88  ASP ASP A . n 
A 1 97  LYS 97  89  89  LYS LYS A . n 
A 1 98  TYR 98  90  90  TYR TYR A . n 
A 1 99  GLU 99  91  91  GLU GLU A . n 
A 1 100 GLY 100 92  92  GLY GLY A . n 
A 1 101 VAL 101 93  93  VAL VAL A . n 
A 1 102 THR 102 94  94  THR THR A . n 
A 1 103 VAL 103 95  95  VAL VAL A . n 
A 1 104 ILE 104 96  96  ILE ILE A . n 
A 1 105 GLY 105 97  97  GLY GLY A . n 
A 1 106 GLY 106 98  98  GLY GLY A . n 
A 1 107 GLY 107 99  99  GLY GLY A . n 
A 1 108 SER 108 100 100 SER SER A . n 
A 1 109 VAL 109 101 101 VAL VAL A . n 
A 1 110 VAL 110 102 102 VAL VAL A . n 
A 1 111 PHE 111 103 103 PHE PHE A . n 
A 1 112 LYS 112 104 104 LYS LYS A . n 
A 1 113 GLU 113 105 105 GLU GLU A . n 
A 1 114 LEU 114 106 106 LEU LEU A . n 
A 1 115 ILE 115 107 107 ILE ILE A . n 
A 1 116 PRO 116 108 108 PRO PRO A . n 
A 1 117 ALA 117 109 109 ALA ALA A . n 
A 1 118 CYS 118 110 110 CYS CYS A . n 
A 1 119 ASP 119 111 111 ASP ASP A . n 
A 1 120 VAL 120 112 112 VAL VAL A . n 
A 1 121 LEU 121 113 113 LEU LEU A . n 
A 1 122 TYR 122 114 114 TYR TYR A . n 
A 1 123 ARG 123 115 115 ARG ARG A . n 
A 1 124 THR 124 116 116 THR THR A . n 
A 1 125 MET 125 117 117 MET MET A . n 
A 1 126 ILE 126 118 118 ILE ILE A . n 
A 1 127 HIS 127 119 119 HIS HIS A . n 
A 1 128 GLU 128 120 120 GLU GLU A . n 
A 1 129 THR 129 121 121 THR THR A . n 
A 1 130 PHE 130 122 122 PHE PHE A . n 
A 1 131 GLU 131 123 123 GLU GLU A . n 
A 1 132 GLY 132 124 124 GLY GLY A . n 
A 1 133 ASP 133 125 125 ASP ASP A . n 
A 1 134 THR 134 126 126 THR THR A . n 
A 1 135 PHE 135 127 127 PHE PHE A . n 
A 1 136 PHE 136 128 128 PHE PHE A . n 
A 1 137 PRO 137 129 129 PRO PRO A . n 
A 1 138 GLU 138 130 130 GLU GLU A . n 
A 1 139 ILE 139 131 131 ILE ILE A . n 
A 1 140 ASP 140 132 132 ASP ASP A . n 
A 1 141 TRP 141 133 133 TRP TRP A . n 
A 1 142 SER 142 134 134 SER SER A . n 
A 1 143 VAL 143 135 135 VAL VAL A . n 
A 1 144 TRP 144 136 136 TRP TRP A . n 
A 1 145 GLU 145 137 137 GLU GLU A . n 
A 1 146 LYS 146 138 138 LYS LYS A . n 
A 1 147 VAL 147 139 139 VAL VAL A . n 
A 1 148 ALA 148 140 140 ALA ALA A . n 
A 1 149 THR 149 141 141 THR THR A . n 
A 1 150 VAL 150 142 142 VAL VAL A . n 
A 1 151 PRO 151 143 143 PRO PRO A . n 
A 1 152 GLY 152 144 144 GLY GLY A . n 
A 1 153 VAL 153 145 145 VAL VAL A . n 
A 1 154 VAL 154 146 146 VAL VAL A . n 
A 1 155 ASP 155 147 147 ASP ASP A . n 
A 1 156 GLU 156 148 148 GLU GLU A . n 
A 1 157 LYS 157 149 149 LYS LYS A . n 
A 1 158 ASN 158 150 150 ASN ASN A . n 
A 1 159 LEU 159 151 151 LEU LEU A . n 
A 1 160 TYR 160 152 152 TYR TYR A . n 
A 1 161 ALA 161 153 153 ALA ALA A . n 
A 1 162 HIS 162 154 154 HIS HIS A . n 
A 1 163 ASP 163 155 155 ASP ASP A . n 
A 1 164 TYR 164 156 156 TYR TYR A . n 
A 1 165 GLU 165 157 157 GLU GLU A . n 
A 1 166 THR 166 158 158 THR THR A . n 
A 1 167 TYR 167 159 159 TYR TYR A . n 
A 1 168 HIS 168 160 160 HIS HIS A . n 
A 1 169 ARG 169 161 161 ARG ARG A . n 
A 1 170 ASN 170 162 162 ASN ASN A . n 
A 1 171 ASP 171 163 163 ASP ASP A . n 
A 1 172 LEU 172 164 ?   ?   ?   A . n 
A 1 173 VAL 173 165 ?   ?   ?   A . n 
A 1 174 PRO 174 166 ?   ?   ?   A . n 
A 1 175 ARG 175 167 ?   ?   ?   A . n 
# 
loop_
_pdbx_nonpoly_scheme.asym_id 
_pdbx_nonpoly_scheme.entity_id 
_pdbx_nonpoly_scheme.mon_id 
_pdbx_nonpoly_scheme.ndb_seq_num 
_pdbx_nonpoly_scheme.pdb_seq_num 
_pdbx_nonpoly_scheme.auth_seq_num 
_pdbx_nonpoly_scheme.pdb_mon_id 
_pdbx_nonpoly_scheme.auth_mon_id 
_pdbx_nonpoly_scheme.pdb_strand_id 
_pdbx_nonpoly_scheme.pdb_ins_code 
B 2 RAR 1  200 200 RAR RAR A . 
C 3 NAP 1  201 201 NAP NAP A . 
D 4 HOH 1  301 301 HOH HOH A . 
D 4 HOH 2  302 302 HOH HOH A . 
D 4 HOH 3  303 303 HOH HOH A . 
D 4 HOH 4  304 304 HOH HOH A . 
D 4 HOH 5  305 305 HOH HOH A . 
D 4 HOH 6  306 306 HOH HOH A . 
D 4 HOH 7  307 307 HOH HOH A . 
D 4 HOH 8  308 308 HOH HOH A . 
D 4 HOH 9  309 309 HOH HOH A . 
D 4 HOH 10 310 310 HOH HOH A . 
D 4 HOH 11 311 311 HOH HOH A . 
D 4 HOH 12 312 312 HOH HOH A . 
D 4 HOH 13 313 313 HOH HOH A . 
D 4 HOH 14 314 314 HOH HOH A . 
D 4 HOH 15 315 315 HOH HOH A . 
D 4 HOH 16 316 316 HOH HOH A . 
D 4 HOH 17 317 317 HOH HOH A . 
D 4 HOH 18 318 318 HOH HOH A . 
D 4 HOH 19 319 319 HOH HOH A . 
D 4 HOH 20 320 320 HOH HOH A . 
D 4 HOH 21 321 321 HOH HOH A . 
D 4 HOH 22 322 322 HOH HOH A . 
D 4 HOH 23 323 323 HOH HOH A . 
D 4 HOH 24 324 324 HOH HOH A . 
D 4 HOH 25 325 325 HOH HOH A . 
D 4 HOH 26 326 326 HOH HOH A . 
D 4 HOH 27 327 327 HOH HOH A . 
D 4 HOH 28 328 328 HOH HOH A . 
D 4 HOH 29 329 329 HOH HOH A . 
D 4 HOH 30 330 330 HOH HOH A . 
D 4 HOH 31 331 331 HOH HOH A . 
D 4 HOH 32 332 332 HOH HOH A . 
D 4 HOH 33 333 333 HOH HOH A . 
D 4 HOH 34 334 334 HOH HOH A . 
D 4 HOH 35 335 335 HOH HOH A . 
D 4 HOH 36 336 336 HOH HOH A . 
D 4 HOH 37 337 337 HOH HOH A . 
D 4 HOH 38 338 338 HOH HOH A . 
D 4 HOH 39 339 339 HOH HOH A . 
D 4 HOH 40 340 340 HOH HOH A . 
D 4 HOH 41 341 341 HOH HOH A . 
D 4 HOH 42 342 342 HOH HOH A . 
D 4 HOH 43 343 343 HOH HOH A . 
D 4 HOH 44 344 344 HOH HOH A . 
D 4 HOH 45 345 345 HOH HOH A . 
D 4 HOH 46 346 346 HOH HOH A . 
D 4 HOH 47 347 347 HOH HOH A . 
D 4 HOH 48 348 348 HOH HOH A . 
D 4 HOH 49 349 349 HOH HOH A . 
D 4 HOH 50 350 350 HOH HOH A . 
D 4 HOH 51 351 351 HOH HOH A . 
D 4 HOH 52 352 352 HOH HOH A . 
D 4 HOH 53 353 353 HOH HOH A . 
D 4 HOH 54 354 354 HOH HOH A . 
D 4 HOH 55 355 355 HOH HOH A . 
D 4 HOH 56 356 356 HOH HOH A . 
D 4 HOH 57 357 357 HOH HOH A . 
D 4 HOH 58 358 358 HOH HOH A . 
D 4 HOH 59 359 359 HOH HOH A . 
D 4 HOH 60 360 360 HOH HOH A . 
D 4 HOH 61 361 361 HOH HOH A . 
D 4 HOH 62 362 362 HOH HOH A . 
D 4 HOH 63 363 363 HOH HOH A . 
# 
_pdbx_struct_assembly.id                   1 
_pdbx_struct_assembly.details              author_and_software_defined_assembly 
_pdbx_struct_assembly.method_details       PISA 
_pdbx_struct_assembly.oligomeric_details   monomeric 
_pdbx_struct_assembly.oligomeric_count     1 
# 
_pdbx_struct_assembly_gen.assembly_id       1 
_pdbx_struct_assembly_gen.oper_expression   1 
_pdbx_struct_assembly_gen.asym_id_list      A,B,C,D 
# 
_pdbx_struct_oper_list.id                   1 
_pdbx_struct_oper_list.type                 'identity operation' 
_pdbx_struct_oper_list.name                 1_555 
_pdbx_struct_oper_list.symmetry_operation   x,y,z 
_pdbx_struct_oper_list.matrix[1][1]         1.0000000000 
_pdbx_struct_oper_list.matrix[1][2]         0.0000000000 
_pdbx_struct_oper_list.matrix[1][3]         0.0000000000 
_pdbx_struct_oper_list.vector[1]            0.0000000000 
_pdbx_struct_oper_list.matrix[2][1]         0.0000000000 
_pdbx_struct_oper_list.matrix[2][2]         1.0000000000 
_pdbx_struct_oper_list.matrix[2][3]         0.0000000000 
_pdbx_struct_oper_list.vector[2]            0.0000000000 
_pdbx_struct_oper_list.matrix[3][1]         0.0000000000 
_pdbx_struct_oper_list.matrix[3][2]         0.0000000000 
_pdbx_struct_oper_list.matrix[3][3]         1.0000000000 
_pdbx_struct_oper_list.vector[3]            0.0000000000 
# 
loop_
_pdbx_audit_revision_history.ordinal 
_pdbx_audit_revision_history.data_content_type 
_pdbx_audit_revision_history.major_revision 
_pdbx_audit_revision_history.minor_revision 
_pdbx_audit_revision_history.revision_date 
1 'Structure model' 1 0 2014-03-05 
2 'Structure model' 1 1 2014-03-12 
3 'Structure model' 1 2 2023-09-20 
# 
_pdbx_audit_revision_details.ordinal             1 
_pdbx_audit_revision_details.revision_ordinal    1 
_pdbx_audit_revision_details.data_content_type   'Structure model' 
_pdbx_audit_revision_details.provider            repository 
_pdbx_audit_revision_details.type                'Initial release' 
_pdbx_audit_revision_details.description         ? 
_pdbx_audit_revision_details.details             ? 
# 
loop_
_pdbx_audit_revision_group.ordinal 
_pdbx_audit_revision_group.revision_ordinal 
_pdbx_audit_revision_group.data_content_type 
_pdbx_audit_revision_group.group 
1 2 'Structure model' 'Database references'    
2 3 'Structure model' 'Data collection'        
3 3 'Structure model' 'Database references'    
4 3 'Structure model' 'Derived calculations'   
5 3 'Structure model' 'Refinement description' 
# 
loop_
_pdbx_audit_revision_category.ordinal 
_pdbx_audit_revision_category.revision_ordinal 
_pdbx_audit_revision_category.data_content_type 
_pdbx_audit_revision_category.category 
1 3 'Structure model' chem_comp_atom                
2 3 'Structure model' chem_comp_bond                
3 3 'Structure model' database_2                    
4 3 'Structure model' pdbx_initial_refinement_model 
5 3 'Structure model' struct_ref_seq_dif            
6 3 'Structure model' struct_site                   
# 
loop_
_pdbx_audit_revision_item.ordinal 
_pdbx_audit_revision_item.revision_ordinal 
_pdbx_audit_revision_item.data_content_type 
_pdbx_audit_revision_item.item 
1 3 'Structure model' '_database_2.pdbx_DOI'                
2 3 'Structure model' '_database_2.pdbx_database_accession' 
3 3 'Structure model' '_struct_ref_seq_dif.details'         
4 3 'Structure model' '_struct_site.pdbx_auth_asym_id'      
5 3 'Structure model' '_struct_site.pdbx_auth_comp_id'      
6 3 'Structure model' '_struct_site.pdbx_auth_seq_id'       
# 
loop_
_software.name 
_software.classification 
_software.version 
_software.citation_id 
_software.pdbx_ordinal 
CrystalClear 'data collection' .                           ? 1 
PHASER       phasing           .                           ? 2 
PHENIX       refinement        '(phenix.refine: 1.8_1069)' ? 3 
MOSFLM       'data reduction'  .                           ? 4 
SCALA        'data scaling'    .                           ? 5 
# 
_pdbx_validate_close_contact.id               1 
_pdbx_validate_close_contact.PDB_model_num    1 
_pdbx_validate_close_contact.auth_atom_id_1   O3D 
_pdbx_validate_close_contact.auth_asym_id_1   A 
_pdbx_validate_close_contact.auth_comp_id_1   NAP 
_pdbx_validate_close_contact.auth_seq_id_1    201 
_pdbx_validate_close_contact.PDB_ins_code_1   ? 
_pdbx_validate_close_contact.label_alt_id_1   B 
_pdbx_validate_close_contact.auth_atom_id_2   O 
_pdbx_validate_close_contact.auth_asym_id_2   A 
_pdbx_validate_close_contact.auth_comp_id_2   HOH 
_pdbx_validate_close_contact.auth_seq_id_2    345 
_pdbx_validate_close_contact.PDB_ins_code_2   ? 
_pdbx_validate_close_contact.label_alt_id_2   ? 
_pdbx_validate_close_contact.dist             2.07 
# 
loop_
_pdbx_validate_torsion.id 
_pdbx_validate_torsion.PDB_model_num 
_pdbx_validate_torsion.auth_comp_id 
_pdbx_validate_torsion.auth_asym_id 
_pdbx_validate_torsion.auth_seq_id 
_pdbx_validate_torsion.PDB_ins_code 
_pdbx_validate_torsion.label_alt_id 
_pdbx_validate_torsion.phi 
_pdbx_validate_torsion.psi 
1 1 TYR A -3  ? ? -153.59 55.47  
2 1 GLU A 91  ? ? -79.57  44.97  
3 1 ASN A 162 ? ? -55.76  -77.77 
# 
loop_
_pdbx_unobs_or_zero_occ_atoms.id 
_pdbx_unobs_or_zero_occ_atoms.PDB_model_num 
_pdbx_unobs_or_zero_occ_atoms.polymer_flag 
_pdbx_unobs_or_zero_occ_atoms.occupancy_flag 
_pdbx_unobs_or_zero_occ_atoms.auth_asym_id 
_pdbx_unobs_or_zero_occ_atoms.auth_comp_id 
_pdbx_unobs_or_zero_occ_atoms.auth_seq_id 
_pdbx_unobs_or_zero_occ_atoms.PDB_ins_code 
_pdbx_unobs_or_zero_occ_atoms.auth_atom_id 
_pdbx_unobs_or_zero_occ_atoms.label_alt_id 
_pdbx_unobs_or_zero_occ_atoms.label_asym_id 
_pdbx_unobs_or_zero_occ_atoms.label_comp_id 
_pdbx_unobs_or_zero_occ_atoms.label_seq_id 
_pdbx_unobs_or_zero_occ_atoms.label_atom_id 
1  1 Y 1 A TYR -3 ? CG  ? A TYR 5  CG  
2  1 Y 1 A TYR -3 ? CD1 ? A TYR 5  CD1 
3  1 Y 1 A TYR -3 ? CD2 ? A TYR 5  CD2 
4  1 Y 1 A TYR -3 ? CE1 ? A TYR 5  CE1 
5  1 Y 1 A TYR -3 ? CE2 ? A TYR 5  CE2 
6  1 Y 1 A TYR -3 ? CZ  ? A TYR 5  CZ  
7  1 Y 1 A TYR -3 ? OH  ? A TYR 5  OH  
8  1 Y 1 A LYS 32 ? CG  ? A LYS 40 CG  
9  1 Y 1 A LYS 32 ? CD  ? A LYS 40 CD  
10 1 Y 1 A LYS 32 ? CE  ? A LYS 40 CE  
11 1 Y 1 A LYS 32 ? NZ  ? A LYS 40 NZ  
# 
loop_
_pdbx_unobs_or_zero_occ_residues.id 
_pdbx_unobs_or_zero_occ_residues.PDB_model_num 
_pdbx_unobs_or_zero_occ_residues.polymer_flag 
_pdbx_unobs_or_zero_occ_residues.occupancy_flag 
_pdbx_unobs_or_zero_occ_residues.auth_asym_id 
_pdbx_unobs_or_zero_occ_residues.auth_comp_id 
_pdbx_unobs_or_zero_occ_residues.auth_seq_id 
_pdbx_unobs_or_zero_occ_residues.PDB_ins_code 
_pdbx_unobs_or_zero_occ_residues.label_asym_id 
_pdbx_unobs_or_zero_occ_residues.label_comp_id 
_pdbx_unobs_or_zero_occ_residues.label_seq_id 
1 1 Y 1 A MET -7  ? A MET 1   
2 1 Y 1 A GLU -6  ? A GLU 2   
3 1 Y 1 A ASN -5  ? A ASN 3   
4 1 Y 1 A LEU 164 ? A LEU 172 
5 1 Y 1 A VAL 165 ? A VAL 173 
6 1 Y 1 A PRO 166 ? A PRO 174 
7 1 Y 1 A ARG 167 ? A ARG 175 
# 
loop_
_chem_comp_atom.comp_id 
_chem_comp_atom.atom_id 
_chem_comp_atom.type_symbol 
_chem_comp_atom.pdbx_aromatic_flag 
_chem_comp_atom.pdbx_stereo_config 
_chem_comp_atom.pdbx_ordinal 
ALA N    N N N 1   
ALA CA   C N S 2   
ALA C    C N N 3   
ALA O    O N N 4   
ALA CB   C N N 5   
ALA OXT  O N N 6   
ALA H    H N N 7   
ALA H2   H N N 8   
ALA HA   H N N 9   
ALA HB1  H N N 10  
ALA HB2  H N N 11  
ALA HB3  H N N 12  
ALA HXT  H N N 13  
ARG N    N N N 14  
ARG CA   C N S 15  
ARG C    C N N 16  
ARG O    O N N 17  
ARG CB   C N N 18  
ARG CG   C N N 19  
ARG CD   C N N 20  
ARG NE   N N N 21  
ARG CZ   C N N 22  
ARG NH1  N N N 23  
ARG NH2  N N N 24  
ARG OXT  O N N 25  
ARG H    H N N 26  
ARG H2   H N N 27  
ARG HA   H N N 28  
ARG HB2  H N N 29  
ARG HB3  H N N 30  
ARG HG2  H N N 31  
ARG HG3  H N N 32  
ARG HD2  H N N 33  
ARG HD3  H N N 34  
ARG HE   H N N 35  
ARG HH11 H N N 36  
ARG HH12 H N N 37  
ARG HH21 H N N 38  
ARG HH22 H N N 39  
ARG HXT  H N N 40  
ASN N    N N N 41  
ASN CA   C N S 42  
ASN C    C N N 43  
ASN O    O N N 44  
ASN CB   C N N 45  
ASN CG   C N N 46  
ASN OD1  O N N 47  
ASN ND2  N N N 48  
ASN OXT  O N N 49  
ASN H    H N N 50  
ASN H2   H N N 51  
ASN HA   H N N 52  
ASN HB2  H N N 53  
ASN HB3  H N N 54  
ASN HD21 H N N 55  
ASN HD22 H N N 56  
ASN HXT  H N N 57  
ASP N    N N N 58  
ASP CA   C N S 59  
ASP C    C N N 60  
ASP O    O N N 61  
ASP CB   C N N 62  
ASP CG   C N N 63  
ASP OD1  O N N 64  
ASP OD2  O N N 65  
ASP OXT  O N N 66  
ASP H    H N N 67  
ASP H2   H N N 68  
ASP HA   H N N 69  
ASP HB2  H N N 70  
ASP HB3  H N N 71  
ASP HD2  H N N 72  
ASP HXT  H N N 73  
CYS N    N N N 74  
CYS CA   C N R 75  
CYS C    C N N 76  
CYS O    O N N 77  
CYS CB   C N N 78  
CYS SG   S N N 79  
CYS OXT  O N N 80  
CYS H    H N N 81  
CYS H2   H N N 82  
CYS HA   H N N 83  
CYS HB2  H N N 84  
CYS HB3  H N N 85  
CYS HG   H N N 86  
CYS HXT  H N N 87  
GLN N    N N N 88  
GLN CA   C N S 89  
GLN C    C N N 90  
GLN O    O N N 91  
GLN CB   C N N 92  
GLN CG   C N N 93  
GLN CD   C N N 94  
GLN OE1  O N N 95  
GLN NE2  N N N 96  
GLN OXT  O N N 97  
GLN H    H N N 98  
GLN H2   H N N 99  
GLN HA   H N N 100 
GLN HB2  H N N 101 
GLN HB3  H N N 102 
GLN HG2  H N N 103 
GLN HG3  H N N 104 
GLN HE21 H N N 105 
GLN HE22 H N N 106 
GLN HXT  H N N 107 
GLU N    N N N 108 
GLU CA   C N S 109 
GLU C    C N N 110 
GLU O    O N N 111 
GLU CB   C N N 112 
GLU CG   C N N 113 
GLU CD   C N N 114 
GLU OE1  O N N 115 
GLU OE2  O N N 116 
GLU OXT  O N N 117 
GLU H    H N N 118 
GLU H2   H N N 119 
GLU HA   H N N 120 
GLU HB2  H N N 121 
GLU HB3  H N N 122 
GLU HG2  H N N 123 
GLU HG3  H N N 124 
GLU HE2  H N N 125 
GLU HXT  H N N 126 
GLY N    N N N 127 
GLY CA   C N N 128 
GLY C    C N N 129 
GLY O    O N N 130 
GLY OXT  O N N 131 
GLY H    H N N 132 
GLY H2   H N N 133 
GLY HA2  H N N 134 
GLY HA3  H N N 135 
GLY HXT  H N N 136 
HIS N    N N N 137 
HIS CA   C N S 138 
HIS C    C N N 139 
HIS O    O N N 140 
HIS CB   C N N 141 
HIS CG   C Y N 142 
HIS ND1  N Y N 143 
HIS CD2  C Y N 144 
HIS CE1  C Y N 145 
HIS NE2  N Y N 146 
HIS OXT  O N N 147 
HIS H    H N N 148 
HIS H2   H N N 149 
HIS HA   H N N 150 
HIS HB2  H N N 151 
HIS HB3  H N N 152 
HIS HD1  H N N 153 
HIS HD2  H N N 154 
HIS HE1  H N N 155 
HIS HE2  H N N 156 
HIS HXT  H N N 157 
HOH O    O N N 158 
HOH H1   H N N 159 
HOH H2   H N N 160 
ILE N    N N N 161 
ILE CA   C N S 162 
ILE C    C N N 163 
ILE O    O N N 164 
ILE CB   C N S 165 
ILE CG1  C N N 166 
ILE CG2  C N N 167 
ILE CD1  C N N 168 
ILE OXT  O N N 169 
ILE H    H N N 170 
ILE H2   H N N 171 
ILE HA   H N N 172 
ILE HB   H N N 173 
ILE HG12 H N N 174 
ILE HG13 H N N 175 
ILE HG21 H N N 176 
ILE HG22 H N N 177 
ILE HG23 H N N 178 
ILE HD11 H N N 179 
ILE HD12 H N N 180 
ILE HD13 H N N 181 
ILE HXT  H N N 182 
LEU N    N N N 183 
LEU CA   C N S 184 
LEU C    C N N 185 
LEU O    O N N 186 
LEU CB   C N N 187 
LEU CG   C N N 188 
LEU CD1  C N N 189 
LEU CD2  C N N 190 
LEU OXT  O N N 191 
LEU H    H N N 192 
LEU H2   H N N 193 
LEU HA   H N N 194 
LEU HB2  H N N 195 
LEU HB3  H N N 196 
LEU HG   H N N 197 
LEU HD11 H N N 198 
LEU HD12 H N N 199 
LEU HD13 H N N 200 
LEU HD21 H N N 201 
LEU HD22 H N N 202 
LEU HD23 H N N 203 
LEU HXT  H N N 204 
LYS N    N N N 205 
LYS CA   C N S 206 
LYS C    C N N 207 
LYS O    O N N 208 
LYS CB   C N N 209 
LYS CG   C N N 210 
LYS CD   C N N 211 
LYS CE   C N N 212 
LYS NZ   N N N 213 
LYS OXT  O N N 214 
LYS H    H N N 215 
LYS H2   H N N 216 
LYS HA   H N N 217 
LYS HB2  H N N 218 
LYS HB3  H N N 219 
LYS HG2  H N N 220 
LYS HG3  H N N 221 
LYS HD2  H N N 222 
LYS HD3  H N N 223 
LYS HE2  H N N 224 
LYS HE3  H N N 225 
LYS HZ1  H N N 226 
LYS HZ2  H N N 227 
LYS HZ3  H N N 228 
LYS HXT  H N N 229 
MET N    N N N 230 
MET CA   C N S 231 
MET C    C N N 232 
MET O    O N N 233 
MET CB   C N N 234 
MET CG   C N N 235 
MET SD   S N N 236 
MET CE   C N N 237 
MET OXT  O N N 238 
MET H    H N N 239 
MET H2   H N N 240 
MET HA   H N N 241 
MET HB2  H N N 242 
MET HB3  H N N 243 
MET HG2  H N N 244 
MET HG3  H N N 245 
MET HE1  H N N 246 
MET HE2  H N N 247 
MET HE3  H N N 248 
MET HXT  H N N 249 
NAP PA   P N R 250 
NAP O1A  O N N 251 
NAP O2A  O N N 252 
NAP O5B  O N N 253 
NAP C5B  C N N 254 
NAP C4B  C N R 255 
NAP O4B  O N N 256 
NAP C3B  C N R 257 
NAP O3B  O N N 258 
NAP C2B  C N R 259 
NAP O2B  O N N 260 
NAP C1B  C N R 261 
NAP N9A  N Y N 262 
NAP C8A  C Y N 263 
NAP N7A  N Y N 264 
NAP C5A  C Y N 265 
NAP C6A  C Y N 266 
NAP N6A  N N N 267 
NAP N1A  N Y N 268 
NAP C2A  C Y N 269 
NAP N3A  N Y N 270 
NAP C4A  C Y N 271 
NAP O3   O N N 272 
NAP PN   P N N 273 
NAP O1N  O N N 274 
NAP O2N  O N N 275 
NAP O5D  O N N 276 
NAP C5D  C N N 277 
NAP C4D  C N R 278 
NAP O4D  O N N 279 
NAP C3D  C N S 280 
NAP O3D  O N N 281 
NAP C2D  C N R 282 
NAP O2D  O N N 283 
NAP C1D  C N R 284 
NAP N1N  N Y N 285 
NAP C2N  C Y N 286 
NAP C3N  C Y N 287 
NAP C7N  C N N 288 
NAP O7N  O N N 289 
NAP N7N  N N N 290 
NAP C4N  C Y N 291 
NAP C5N  C Y N 292 
NAP C6N  C Y N 293 
NAP P2B  P N N 294 
NAP O1X  O N N 295 
NAP O2X  O N N 296 
NAP O3X  O N N 297 
NAP HOA2 H N N 298 
NAP H51A H N N 299 
NAP H52A H N N 300 
NAP H4B  H N N 301 
NAP H3B  H N N 302 
NAP HO3A H N N 303 
NAP H2B  H N N 304 
NAP H1B  H N N 305 
NAP H8A  H N N 306 
NAP H61A H N N 307 
NAP H62A H N N 308 
NAP H2A  H N N 309 
NAP H51N H N N 310 
NAP H52N H N N 311 
NAP H4D  H N N 312 
NAP H3D  H N N 313 
NAP HO3N H N N 314 
NAP H2D  H N N 315 
NAP HO2N H N N 316 
NAP H1D  H N N 317 
NAP H2N  H N N 318 
NAP H71N H N N 319 
NAP H72N H N N 320 
NAP H4N  H N N 321 
NAP H5N  H N N 322 
NAP H6N  H N N 323 
NAP HOP2 H N N 324 
NAP HOP3 H N N 325 
PHE N    N N N 326 
PHE CA   C N S 327 
PHE C    C N N 328 
PHE O    O N N 329 
PHE CB   C N N 330 
PHE CG   C Y N 331 
PHE CD1  C Y N 332 
PHE CD2  C Y N 333 
PHE CE1  C Y N 334 
PHE CE2  C Y N 335 
PHE CZ   C Y N 336 
PHE OXT  O N N 337 
PHE H    H N N 338 
PHE H2   H N N 339 
PHE HA   H N N 340 
PHE HB2  H N N 341 
PHE HB3  H N N 342 
PHE HD1  H N N 343 
PHE HD2  H N N 344 
PHE HE1  H N N 345 
PHE HE2  H N N 346 
PHE HZ   H N N 347 
PHE HXT  H N N 348 
PRO N    N N N 349 
PRO CA   C N S 350 
PRO C    C N N 351 
PRO O    O N N 352 
PRO CB   C N N 353 
PRO CG   C N N 354 
PRO CD   C N N 355 
PRO OXT  O N N 356 
PRO H    H N N 357 
PRO HA   H N N 358 
PRO HB2  H N N 359 
PRO HB3  H N N 360 
PRO HG2  H N N 361 
PRO HG3  H N N 362 
PRO HD2  H N N 363 
PRO HD3  H N N 364 
PRO HXT  H N N 365 
RAR N01  N N N 366 
RAR C02  C Y N 367 
RAR C03  C Y N 368 
RAR C04  C N N 369 
RAR C05  C Y N 370 
RAR C06  C Y N 371 
RAR C07  C Y N 372 
RAR O08  O N N 373 
RAR C09  C N N 374 
RAR C10  C Y N 375 
RAR O11  O N N 376 
RAR C12  C N N 377 
RAR C13  C Y N 378 
RAR C14  C N N 379 
RAR C15  C N N 380 
RAR C16  C N N 381 
RAR N17  N N N 382 
RAR N18  N N N 383 
RAR C19  C N N 384 
RAR C20  C N S 385 
RAR C21  C N N 386 
RAR C22  C N N 387 
RAR C23  C N N 388 
RAR C24  C Y N 389 
RAR C25  C Y N 390 
RAR C26  C Y N 391 
RAR C27  C Y N 392 
RAR C28  C Y N 393 
RAR C29  C Y N 394 
RAR O30  O N N 395 
RAR C31  C Y N 396 
RAR C32  C Y N 397 
RAR N33  N Y N 398 
RAR C34  C Y N 399 
RAR N35  N N N 400 
RAR N36  N Y N 401 
RAR HN01 H N N 402 
RAR HN0A H N N 403 
RAR H04  H N N 404 
RAR H04A H N N 405 
RAR H06  H N N 406 
RAR H09  H N N 407 
RAR H09A H N N 408 
RAR H09B H N N 409 
RAR H12  H N N 410 
RAR H12A H N N 411 
RAR H12B H N N 412 
RAR H14  H N N 413 
RAR H15  H N N 414 
RAR H19  H N N 415 
RAR H20  H N N 416 
RAR H21  H N N 417 
RAR H21A H N N 418 
RAR H22  H N N 419 
RAR H22A H N N 420 
RAR H23  H N N 421 
RAR H23A H N N 422 
RAR H23B H N N 423 
RAR H26  H N N 424 
RAR H27  H N N 425 
RAR H28  H N N 426 
RAR H29  H N N 427 
RAR H31  H N N 428 
RAR H32  H N N 429 
RAR HN35 H N N 430 
RAR HN3A H N N 431 
SER N    N N N 432 
SER CA   C N S 433 
SER C    C N N 434 
SER O    O N N 435 
SER CB   C N N 436 
SER OG   O N N 437 
SER OXT  O N N 438 
SER H    H N N 439 
SER H2   H N N 440 
SER HA   H N N 441 
SER HB2  H N N 442 
SER HB3  H N N 443 
SER HG   H N N 444 
SER HXT  H N N 445 
THR N    N N N 446 
THR CA   C N S 447 
THR C    C N N 448 
THR O    O N N 449 
THR CB   C N R 450 
THR OG1  O N N 451 
THR CG2  C N N 452 
THR OXT  O N N 453 
THR H    H N N 454 
THR H2   H N N 455 
THR HA   H N N 456 
THR HB   H N N 457 
THR HG1  H N N 458 
THR HG21 H N N 459 
THR HG22 H N N 460 
THR HG23 H N N 461 
THR HXT  H N N 462 
TRP N    N N N 463 
TRP CA   C N S 464 
TRP C    C N N 465 
TRP O    O N N 466 
TRP CB   C N N 467 
TRP CG   C Y N 468 
TRP CD1  C Y N 469 
TRP CD2  C Y N 470 
TRP NE1  N Y N 471 
TRP CE2  C Y N 472 
TRP CE3  C Y N 473 
TRP CZ2  C Y N 474 
TRP CZ3  C Y N 475 
TRP CH2  C Y N 476 
TRP OXT  O N N 477 
TRP H    H N N 478 
TRP H2   H N N 479 
TRP HA   H N N 480 
TRP HB2  H N N 481 
TRP HB3  H N N 482 
TRP HD1  H N N 483 
TRP HE1  H N N 484 
TRP HE3  H N N 485 
TRP HZ2  H N N 486 
TRP HZ3  H N N 487 
TRP HH2  H N N 488 
TRP HXT  H N N 489 
TYR N    N N N 490 
TYR CA   C N S 491 
TYR C    C N N 492 
TYR O    O N N 493 
TYR CB   C N N 494 
TYR CG   C Y N 495 
TYR CD1  C Y N 496 
TYR CD2  C Y N 497 
TYR CE1  C Y N 498 
TYR CE2  C Y N 499 
TYR CZ   C Y N 500 
TYR OH   O N N 501 
TYR OXT  O N N 502 
TYR H    H N N 503 
TYR H2   H N N 504 
TYR HA   H N N 505 
TYR HB2  H N N 506 
TYR HB3  H N N 507 
TYR HD1  H N N 508 
TYR HD2  H N N 509 
TYR HE1  H N N 510 
TYR HE2  H N N 511 
TYR HH   H N N 512 
TYR HXT  H N N 513 
VAL N    N N N 514 
VAL CA   C N S 515 
VAL C    C N N 516 
VAL O    O N N 517 
VAL CB   C N N 518 
VAL CG1  C N N 519 
VAL CG2  C N N 520 
VAL OXT  O N N 521 
VAL H    H N N 522 
VAL H2   H N N 523 
VAL HA   H N N 524 
VAL HB   H N N 525 
VAL HG11 H N N 526 
VAL HG12 H N N 527 
VAL HG13 H N N 528 
VAL HG21 H N N 529 
VAL HG22 H N N 530 
VAL HG23 H N N 531 
VAL HXT  H N N 532 
# 
loop_
_chem_comp_bond.comp_id 
_chem_comp_bond.atom_id_1 
_chem_comp_bond.atom_id_2 
_chem_comp_bond.value_order 
_chem_comp_bond.pdbx_aromatic_flag 
_chem_comp_bond.pdbx_stereo_config 
_chem_comp_bond.pdbx_ordinal 
ALA N   CA   sing N N 1   
ALA N   H    sing N N 2   
ALA N   H2   sing N N 3   
ALA CA  C    sing N N 4   
ALA CA  CB   sing N N 5   
ALA CA  HA   sing N N 6   
ALA C   O    doub N N 7   
ALA C   OXT  sing N N 8   
ALA CB  HB1  sing N N 9   
ALA CB  HB2  sing N N 10  
ALA CB  HB3  sing N N 11  
ALA OXT HXT  sing N N 12  
ARG N   CA   sing N N 13  
ARG N   H    sing N N 14  
ARG N   H2   sing N N 15  
ARG CA  C    sing N N 16  
ARG CA  CB   sing N N 17  
ARG CA  HA   sing N N 18  
ARG C   O    doub N N 19  
ARG C   OXT  sing N N 20  
ARG CB  CG   sing N N 21  
ARG CB  HB2  sing N N 22  
ARG CB  HB3  sing N N 23  
ARG CG  CD   sing N N 24  
ARG CG  HG2  sing N N 25  
ARG CG  HG3  sing N N 26  
ARG CD  NE   sing N N 27  
ARG CD  HD2  sing N N 28  
ARG CD  HD3  sing N N 29  
ARG NE  CZ   sing N N 30  
ARG NE  HE   sing N N 31  
ARG CZ  NH1  sing N N 32  
ARG CZ  NH2  doub N N 33  
ARG NH1 HH11 sing N N 34  
ARG NH1 HH12 sing N N 35  
ARG NH2 HH21 sing N N 36  
ARG NH2 HH22 sing N N 37  
ARG OXT HXT  sing N N 38  
ASN N   CA   sing N N 39  
ASN N   H    sing N N 40  
ASN N   H2   sing N N 41  
ASN CA  C    sing N N 42  
ASN CA  CB   sing N N 43  
ASN CA  HA   sing N N 44  
ASN C   O    doub N N 45  
ASN C   OXT  sing N N 46  
ASN CB  CG   sing N N 47  
ASN CB  HB2  sing N N 48  
ASN CB  HB3  sing N N 49  
ASN CG  OD1  doub N N 50  
ASN CG  ND2  sing N N 51  
ASN ND2 HD21 sing N N 52  
ASN ND2 HD22 sing N N 53  
ASN OXT HXT  sing N N 54  
ASP N   CA   sing N N 55  
ASP N   H    sing N N 56  
ASP N   H2   sing N N 57  
ASP CA  C    sing N N 58  
ASP CA  CB   sing N N 59  
ASP CA  HA   sing N N 60  
ASP C   O    doub N N 61  
ASP C   OXT  sing N N 62  
ASP CB  CG   sing N N 63  
ASP CB  HB2  sing N N 64  
ASP CB  HB3  sing N N 65  
ASP CG  OD1  doub N N 66  
ASP CG  OD2  sing N N 67  
ASP OD2 HD2  sing N N 68  
ASP OXT HXT  sing N N 69  
CYS N   CA   sing N N 70  
CYS N   H    sing N N 71  
CYS N   H2   sing N N 72  
CYS CA  C    sing N N 73  
CYS CA  CB   sing N N 74  
CYS CA  HA   sing N N 75  
CYS C   O    doub N N 76  
CYS C   OXT  sing N N 77  
CYS CB  SG   sing N N 78  
CYS CB  HB2  sing N N 79  
CYS CB  HB3  sing N N 80  
CYS SG  HG   sing N N 81  
CYS OXT HXT  sing N N 82  
GLN N   CA   sing N N 83  
GLN N   H    sing N N 84  
GLN N   H2   sing N N 85  
GLN CA  C    sing N N 86  
GLN CA  CB   sing N N 87  
GLN CA  HA   sing N N 88  
GLN C   O    doub N N 89  
GLN C   OXT  sing N N 90  
GLN CB  CG   sing N N 91  
GLN CB  HB2  sing N N 92  
GLN CB  HB3  sing N N 93  
GLN CG  CD   sing N N 94  
GLN CG  HG2  sing N N 95  
GLN CG  HG3  sing N N 96  
GLN CD  OE1  doub N N 97  
GLN CD  NE2  sing N N 98  
GLN NE2 HE21 sing N N 99  
GLN NE2 HE22 sing N N 100 
GLN OXT HXT  sing N N 101 
GLU N   CA   sing N N 102 
GLU N   H    sing N N 103 
GLU N   H2   sing N N 104 
GLU CA  C    sing N N 105 
GLU CA  CB   sing N N 106 
GLU CA  HA   sing N N 107 
GLU C   O    doub N N 108 
GLU C   OXT  sing N N 109 
GLU CB  CG   sing N N 110 
GLU CB  HB2  sing N N 111 
GLU CB  HB3  sing N N 112 
GLU CG  CD   sing N N 113 
GLU CG  HG2  sing N N 114 
GLU CG  HG3  sing N N 115 
GLU CD  OE1  doub N N 116 
GLU CD  OE2  sing N N 117 
GLU OE2 HE2  sing N N 118 
GLU OXT HXT  sing N N 119 
GLY N   CA   sing N N 120 
GLY N   H    sing N N 121 
GLY N   H2   sing N N 122 
GLY CA  C    sing N N 123 
GLY CA  HA2  sing N N 124 
GLY CA  HA3  sing N N 125 
GLY C   O    doub N N 126 
GLY C   OXT  sing N N 127 
GLY OXT HXT  sing N N 128 
HIS N   CA   sing N N 129 
HIS N   H    sing N N 130 
HIS N   H2   sing N N 131 
HIS CA  C    sing N N 132 
HIS CA  CB   sing N N 133 
HIS CA  HA   sing N N 134 
HIS C   O    doub N N 135 
HIS C   OXT  sing N N 136 
HIS CB  CG   sing N N 137 
HIS CB  HB2  sing N N 138 
HIS CB  HB3  sing N N 139 
HIS CG  ND1  sing Y N 140 
HIS CG  CD2  doub Y N 141 
HIS ND1 CE1  doub Y N 142 
HIS ND1 HD1  sing N N 143 
HIS CD2 NE2  sing Y N 144 
HIS CD2 HD2  sing N N 145 
HIS CE1 NE2  sing Y N 146 
HIS CE1 HE1  sing N N 147 
HIS NE2 HE2  sing N N 148 
HIS OXT HXT  sing N N 149 
HOH O   H1   sing N N 150 
HOH O   H2   sing N N 151 
ILE N   CA   sing N N 152 
ILE N   H    sing N N 153 
ILE N   H2   sing N N 154 
ILE CA  C    sing N N 155 
ILE CA  CB   sing N N 156 
ILE CA  HA   sing N N 157 
ILE C   O    doub N N 158 
ILE C   OXT  sing N N 159 
ILE CB  CG1  sing N N 160 
ILE CB  CG2  sing N N 161 
ILE CB  HB   sing N N 162 
ILE CG1 CD1  sing N N 163 
ILE CG1 HG12 sing N N 164 
ILE CG1 HG13 sing N N 165 
ILE CG2 HG21 sing N N 166 
ILE CG2 HG22 sing N N 167 
ILE CG2 HG23 sing N N 168 
ILE CD1 HD11 sing N N 169 
ILE CD1 HD12 sing N N 170 
ILE CD1 HD13 sing N N 171 
ILE OXT HXT  sing N N 172 
LEU N   CA   sing N N 173 
LEU N   H    sing N N 174 
LEU N   H2   sing N N 175 
LEU CA  C    sing N N 176 
LEU CA  CB   sing N N 177 
LEU CA  HA   sing N N 178 
LEU C   O    doub N N 179 
LEU C   OXT  sing N N 180 
LEU CB  CG   sing N N 181 
LEU CB  HB2  sing N N 182 
LEU CB  HB3  sing N N 183 
LEU CG  CD1  sing N N 184 
LEU CG  CD2  sing N N 185 
LEU CG  HG   sing N N 186 
LEU CD1 HD11 sing N N 187 
LEU CD1 HD12 sing N N 188 
LEU CD1 HD13 sing N N 189 
LEU CD2 HD21 sing N N 190 
LEU CD2 HD22 sing N N 191 
LEU CD2 HD23 sing N N 192 
LEU OXT HXT  sing N N 193 
LYS N   CA   sing N N 194 
LYS N   H    sing N N 195 
LYS N   H2   sing N N 196 
LYS CA  C    sing N N 197 
LYS CA  CB   sing N N 198 
LYS CA  HA   sing N N 199 
LYS C   O    doub N N 200 
LYS C   OXT  sing N N 201 
LYS CB  CG   sing N N 202 
LYS CB  HB2  sing N N 203 
LYS CB  HB3  sing N N 204 
LYS CG  CD   sing N N 205 
LYS CG  HG2  sing N N 206 
LYS CG  HG3  sing N N 207 
LYS CD  CE   sing N N 208 
LYS CD  HD2  sing N N 209 
LYS CD  HD3  sing N N 210 
LYS CE  NZ   sing N N 211 
LYS CE  HE2  sing N N 212 
LYS CE  HE3  sing N N 213 
LYS NZ  HZ1  sing N N 214 
LYS NZ  HZ2  sing N N 215 
LYS NZ  HZ3  sing N N 216 
LYS OXT HXT  sing N N 217 
MET N   CA   sing N N 218 
MET N   H    sing N N 219 
MET N   H2   sing N N 220 
MET CA  C    sing N N 221 
MET CA  CB   sing N N 222 
MET CA  HA   sing N N 223 
MET C   O    doub N N 224 
MET C   OXT  sing N N 225 
MET CB  CG   sing N N 226 
MET CB  HB2  sing N N 227 
MET CB  HB3  sing N N 228 
MET CG  SD   sing N N 229 
MET CG  HG2  sing N N 230 
MET CG  HG3  sing N N 231 
MET SD  CE   sing N N 232 
MET CE  HE1  sing N N 233 
MET CE  HE2  sing N N 234 
MET CE  HE3  sing N N 235 
MET OXT HXT  sing N N 236 
NAP PA  O1A  doub N N 237 
NAP PA  O2A  sing N N 238 
NAP PA  O5B  sing N N 239 
NAP PA  O3   sing N N 240 
NAP O2A HOA2 sing N N 241 
NAP O5B C5B  sing N N 242 
NAP C5B C4B  sing N N 243 
NAP C5B H51A sing N N 244 
NAP C5B H52A sing N N 245 
NAP C4B O4B  sing N N 246 
NAP C4B C3B  sing N N 247 
NAP C4B H4B  sing N N 248 
NAP O4B C1B  sing N N 249 
NAP C3B O3B  sing N N 250 
NAP C3B C2B  sing N N 251 
NAP C3B H3B  sing N N 252 
NAP O3B HO3A sing N N 253 
NAP C2B O2B  sing N N 254 
NAP C2B C1B  sing N N 255 
NAP C2B H2B  sing N N 256 
NAP O2B P2B  sing N N 257 
NAP C1B N9A  sing N N 258 
NAP C1B H1B  sing N N 259 
NAP N9A C8A  sing Y N 260 
NAP N9A C4A  sing Y N 261 
NAP C8A N7A  doub Y N 262 
NAP C8A H8A  sing N N 263 
NAP N7A C5A  sing Y N 264 
NAP C5A C6A  sing Y N 265 
NAP C5A C4A  doub Y N 266 
NAP C6A N6A  sing N N 267 
NAP C6A N1A  doub Y N 268 
NAP N6A H61A sing N N 269 
NAP N6A H62A sing N N 270 
NAP N1A C2A  sing Y N 271 
NAP C2A N3A  doub Y N 272 
NAP C2A H2A  sing N N 273 
NAP N3A C4A  sing Y N 274 
NAP O3  PN   sing N N 275 
NAP PN  O1N  doub N N 276 
NAP PN  O2N  sing N N 277 
NAP PN  O5D  sing N N 278 
NAP O5D C5D  sing N N 279 
NAP C5D C4D  sing N N 280 
NAP C5D H51N sing N N 281 
NAP C5D H52N sing N N 282 
NAP C4D O4D  sing N N 283 
NAP C4D C3D  sing N N 284 
NAP C4D H4D  sing N N 285 
NAP O4D C1D  sing N N 286 
NAP C3D O3D  sing N N 287 
NAP C3D C2D  sing N N 288 
NAP C3D H3D  sing N N 289 
NAP O3D HO3N sing N N 290 
NAP C2D O2D  sing N N 291 
NAP C2D C1D  sing N N 292 
NAP C2D H2D  sing N N 293 
NAP O2D HO2N sing N N 294 
NAP C1D N1N  sing N N 295 
NAP C1D H1D  sing N N 296 
NAP N1N C2N  sing Y N 297 
NAP N1N C6N  doub Y N 298 
NAP C2N C3N  doub Y N 299 
NAP C2N H2N  sing N N 300 
NAP C3N C7N  sing N N 301 
NAP C3N C4N  sing Y N 302 
NAP C7N O7N  doub N N 303 
NAP C7N N7N  sing N N 304 
NAP N7N H71N sing N N 305 
NAP N7N H72N sing N N 306 
NAP C4N C5N  doub Y N 307 
NAP C4N H4N  sing N N 308 
NAP C5N C6N  sing Y N 309 
NAP C5N H5N  sing N N 310 
NAP C6N H6N  sing N N 311 
NAP P2B O1X  doub N N 312 
NAP P2B O2X  sing N N 313 
NAP P2B O3X  sing N N 314 
NAP O2X HOP2 sing N N 315 
NAP O3X HOP3 sing N N 316 
PHE N   CA   sing N N 317 
PHE N   H    sing N N 318 
PHE N   H2   sing N N 319 
PHE CA  C    sing N N 320 
PHE CA  CB   sing N N 321 
PHE CA  HA   sing N N 322 
PHE C   O    doub N N 323 
PHE C   OXT  sing N N 324 
PHE CB  CG   sing N N 325 
PHE CB  HB2  sing N N 326 
PHE CB  HB3  sing N N 327 
PHE CG  CD1  doub Y N 328 
PHE CG  CD2  sing Y N 329 
PHE CD1 CE1  sing Y N 330 
PHE CD1 HD1  sing N N 331 
PHE CD2 CE2  doub Y N 332 
PHE CD2 HD2  sing N N 333 
PHE CE1 CZ   doub Y N 334 
PHE CE1 HE1  sing N N 335 
PHE CE2 CZ   sing Y N 336 
PHE CE2 HE2  sing N N 337 
PHE CZ  HZ   sing N N 338 
PHE OXT HXT  sing N N 339 
PRO N   CA   sing N N 340 
PRO N   CD   sing N N 341 
PRO N   H    sing N N 342 
PRO CA  C    sing N N 343 
PRO CA  CB   sing N N 344 
PRO CA  HA   sing N N 345 
PRO C   O    doub N N 346 
PRO C   OXT  sing N N 347 
PRO CB  CG   sing N N 348 
PRO CB  HB2  sing N N 349 
PRO CB  HB3  sing N N 350 
PRO CG  CD   sing N N 351 
PRO CG  HG2  sing N N 352 
PRO CG  HG3  sing N N 353 
PRO CD  HD2  sing N N 354 
PRO CD  HD3  sing N N 355 
PRO OXT HXT  sing N N 356 
RAR C02 N01  sing N N 357 
RAR N01 HN01 sing N N 358 
RAR N01 HN0A sing N N 359 
RAR C03 C02  doub Y N 360 
RAR N36 C02  sing Y N 361 
RAR C32 C03  sing Y N 362 
RAR C03 C04  sing N N 363 
RAR C05 C04  sing N N 364 
RAR C04 H04  sing N N 365 
RAR C04 H04A sing N N 366 
RAR C06 C05  doub Y N 367 
RAR C31 C05  sing Y N 368 
RAR C07 C06  sing Y N 369 
RAR C06 H06  sing N N 370 
RAR O08 C07  sing N N 371 
RAR C10 C07  doub Y N 372 
RAR O08 C09  sing N N 373 
RAR C09 H09  sing N N 374 
RAR C09 H09A sing N N 375 
RAR C09 H09B sing N N 376 
RAR O11 C10  sing N N 377 
RAR C10 C13  sing Y N 378 
RAR C12 O11  sing N N 379 
RAR C12 H12  sing N N 380 
RAR C12 H12A sing N N 381 
RAR C12 H12B sing N N 382 
RAR C14 C13  sing N E 383 
RAR C13 C31  doub Y N 384 
RAR C15 C14  doub N N 385 
RAR C14 H14  sing N N 386 
RAR C16 C15  sing N N 387 
RAR C15 H15  sing N N 388 
RAR O30 C16  doub N N 389 
RAR C16 N17  sing N N 390 
RAR C20 N17  sing N N 391 
RAR N17 N18  sing N N 392 
RAR N18 C19  doub N N 393 
RAR C19 C25  sing N N 394 
RAR C19 H19  sing N N 395 
RAR C21 C20  sing N N 396 
RAR C20 C24  sing N N 397 
RAR C20 H20  sing N N 398 
RAR C22 C21  sing N N 399 
RAR C21 H21  sing N N 400 
RAR C21 H21A sing N N 401 
RAR C23 C22  sing N N 402 
RAR C22 H22  sing N N 403 
RAR C22 H22A sing N N 404 
RAR C23 H23  sing N N 405 
RAR C23 H23A sing N N 406 
RAR C23 H23B sing N N 407 
RAR C24 C29  doub Y N 408 
RAR C24 C25  sing Y N 409 
RAR C25 C26  doub Y N 410 
RAR C26 C27  sing Y N 411 
RAR C26 H26  sing N N 412 
RAR C28 C27  doub Y N 413 
RAR C27 H27  sing N N 414 
RAR C29 C28  sing Y N 415 
RAR C28 H28  sing N N 416 
RAR C29 H29  sing N N 417 
RAR C31 H31  sing N N 418 
RAR N33 C32  doub Y N 419 
RAR C32 H32  sing N N 420 
RAR N33 C34  sing Y N 421 
RAR N35 C34  sing N N 422 
RAR C34 N36  doub Y N 423 
RAR N35 HN35 sing N N 424 
RAR N35 HN3A sing N N 425 
SER N   CA   sing N N 426 
SER N   H    sing N N 427 
SER N   H2   sing N N 428 
SER CA  C    sing N N 429 
SER CA  CB   sing N N 430 
SER CA  HA   sing N N 431 
SER C   O    doub N N 432 
SER C   OXT  sing N N 433 
SER CB  OG   sing N N 434 
SER CB  HB2  sing N N 435 
SER CB  HB3  sing N N 436 
SER OG  HG   sing N N 437 
SER OXT HXT  sing N N 438 
THR N   CA   sing N N 439 
THR N   H    sing N N 440 
THR N   H2   sing N N 441 
THR CA  C    sing N N 442 
THR CA  CB   sing N N 443 
THR CA  HA   sing N N 444 
THR C   O    doub N N 445 
THR C   OXT  sing N N 446 
THR CB  OG1  sing N N 447 
THR CB  CG2  sing N N 448 
THR CB  HB   sing N N 449 
THR OG1 HG1  sing N N 450 
THR CG2 HG21 sing N N 451 
THR CG2 HG22 sing N N 452 
THR CG2 HG23 sing N N 453 
THR OXT HXT  sing N N 454 
TRP N   CA   sing N N 455 
TRP N   H    sing N N 456 
TRP N   H2   sing N N 457 
TRP CA  C    sing N N 458 
TRP CA  CB   sing N N 459 
TRP CA  HA   sing N N 460 
TRP C   O    doub N N 461 
TRP C   OXT  sing N N 462 
TRP CB  CG   sing N N 463 
TRP CB  HB2  sing N N 464 
TRP CB  HB3  sing N N 465 
TRP CG  CD1  doub Y N 466 
TRP CG  CD2  sing Y N 467 
TRP CD1 NE1  sing Y N 468 
TRP CD1 HD1  sing N N 469 
TRP CD2 CE2  doub Y N 470 
TRP CD2 CE3  sing Y N 471 
TRP NE1 CE2  sing Y N 472 
TRP NE1 HE1  sing N N 473 
TRP CE2 CZ2  sing Y N 474 
TRP CE3 CZ3  doub Y N 475 
TRP CE3 HE3  sing N N 476 
TRP CZ2 CH2  doub Y N 477 
TRP CZ2 HZ2  sing N N 478 
TRP CZ3 CH2  sing Y N 479 
TRP CZ3 HZ3  sing N N 480 
TRP CH2 HH2  sing N N 481 
TRP OXT HXT  sing N N 482 
TYR N   CA   sing N N 483 
TYR N   H    sing N N 484 
TYR N   H2   sing N N 485 
TYR CA  C    sing N N 486 
TYR CA  CB   sing N N 487 
TYR CA  HA   sing N N 488 
TYR C   O    doub N N 489 
TYR C   OXT  sing N N 490 
TYR CB  CG   sing N N 491 
TYR CB  HB2  sing N N 492 
TYR CB  HB3  sing N N 493 
TYR CG  CD1  doub Y N 494 
TYR CG  CD2  sing Y N 495 
TYR CD1 CE1  sing Y N 496 
TYR CD1 HD1  sing N N 497 
TYR CD2 CE2  doub Y N 498 
TYR CD2 HD2  sing N N 499 
TYR CE1 CZ   doub Y N 500 
TYR CE1 HE1  sing N N 501 
TYR CE2 CZ   sing Y N 502 
TYR CE2 HE2  sing N N 503 
TYR CZ  OH   sing N N 504 
TYR OH  HH   sing N N 505 
TYR OXT HXT  sing N N 506 
VAL N   CA   sing N N 507 
VAL N   H    sing N N 508 
VAL N   H2   sing N N 509 
VAL CA  C    sing N N 510 
VAL CA  CB   sing N N 511 
VAL CA  HA   sing N N 512 
VAL C   O    doub N N 513 
VAL C   OXT  sing N N 514 
VAL CB  CG1  sing N N 515 
VAL CB  CG2  sing N N 516 
VAL CB  HB   sing N N 517 
VAL CG1 HG11 sing N N 518 
VAL CG1 HG12 sing N N 519 
VAL CG1 HG13 sing N N 520 
VAL CG2 HG21 sing N N 521 
VAL CG2 HG22 sing N N 522 
VAL CG2 HG23 sing N N 523 
VAL OXT HXT  sing N N 524 
# 
loop_
_pdbx_entity_nonpoly.entity_id 
_pdbx_entity_nonpoly.name 
_pdbx_entity_nonpoly.comp_id 
2 '5-(3,4-dimethoxy-5-{(1E)-3-oxo-3-[(1S)-1-propylphthalazin-2(1H)-yl]prop-1-en-1-yl}benzyl)pyrimidine-2,4-diamine' RAR 
3 'NADP NICOTINAMIDE-ADENINE-DINUCLEOTIDE PHOSPHATE'                                                                NAP 
4 water                                                                                                             HOH 
# 
_pdbx_initial_refinement_model.id               1 
_pdbx_initial_refinement_model.entity_id_list   ? 
_pdbx_initial_refinement_model.type             'experimental model' 
_pdbx_initial_refinement_model.source_name      PDB 
_pdbx_initial_refinement_model.accession_code   1ZDR 
_pdbx_initial_refinement_model.details          'SWISS-MODEL homology model based on 1ZDR' 
# 
